data_7SDJ
# 
_entry.id   7SDJ 
# 
_audit_conform.dict_name       mmcif_pdbx.dic 
_audit_conform.dict_version    5.392 
_audit_conform.dict_location   http://mmcif.pdb.org/dictionaries/ascii/mmcif_pdbx.dic 
# 
loop_
_database_2.database_id 
_database_2.database_code 
_database_2.pdbx_database_accession 
_database_2.pdbx_DOI 
PDB   7SDJ         pdb_00007sdj 10.2210/pdb7sdj/pdb 
WWPDB D_1000259429 ?            ?                   
# 
loop_
_pdbx_audit_revision_history.ordinal 
_pdbx_audit_revision_history.data_content_type 
_pdbx_audit_revision_history.major_revision 
_pdbx_audit_revision_history.minor_revision 
_pdbx_audit_revision_history.revision_date 
1 'Structure model' 1 0 2022-10-05 
2 'Structure model' 1 1 2023-04-19 
3 'Structure model' 1 2 2024-05-22 
# 
_pdbx_audit_revision_details.ordinal             1 
_pdbx_audit_revision_details.revision_ordinal    1 
_pdbx_audit_revision_details.data_content_type   'Structure model' 
_pdbx_audit_revision_details.provider            repository 
_pdbx_audit_revision_details.type                'Initial release' 
_pdbx_audit_revision_details.description         ? 
_pdbx_audit_revision_details.details             ? 
# 
loop_
_pdbx_audit_revision_group.ordinal 
_pdbx_audit_revision_group.revision_ordinal 
_pdbx_audit_revision_group.data_content_type 
_pdbx_audit_revision_group.group 
1 2 'Structure model' 'Database references' 
2 3 'Structure model' 'Data collection'     
# 
loop_
_pdbx_audit_revision_category.ordinal 
_pdbx_audit_revision_category.revision_ordinal 
_pdbx_audit_revision_category.data_content_type 
_pdbx_audit_revision_category.category 
1 2 'Structure model' citation        
2 2 'Structure model' citation_author 
3 3 'Structure model' chem_comp_atom  
4 3 'Structure model' chem_comp_bond  
# 
loop_
_pdbx_audit_revision_item.ordinal 
_pdbx_audit_revision_item.revision_ordinal 
_pdbx_audit_revision_item.data_content_type 
_pdbx_audit_revision_item.item 
1 2 'Structure model' '_citation.journal_abbrev'          
2 2 'Structure model' '_citation.journal_id_CSD'          
3 2 'Structure model' '_citation.journal_id_ISSN'         
4 2 'Structure model' '_citation.page_first'              
5 2 'Structure model' '_citation.page_last'               
6 2 'Structure model' '_citation.pdbx_database_id_DOI'    
7 2 'Structure model' '_citation.pdbx_database_id_PubMed' 
8 2 'Structure model' '_citation.title'                   
9 2 'Structure model' '_citation.year'                    
# 
_pdbx_database_status.status_code                     REL 
_pdbx_database_status.status_code_sf                  REL 
_pdbx_database_status.status_code_mr                  ? 
_pdbx_database_status.entry_id                        7SDJ 
_pdbx_database_status.recvd_initial_deposition_date   2021-09-29 
_pdbx_database_status.SG_entry                        N 
_pdbx_database_status.deposit_site                    RCSB 
_pdbx_database_status.process_site                    RCSB 
_pdbx_database_status.status_code_cs                  ? 
_pdbx_database_status.status_code_nmr_data            ? 
_pdbx_database_status.methods_development_category    ? 
_pdbx_database_status.pdb_format_compatible           Y 
# 
_pdbx_database_related.db_name        PDB 
_pdbx_database_related.details        'Contains a different base pair in the same motif.' 
_pdbx_database_related.db_id          7SD6 
_pdbx_database_related.content_type   unspecified 
# 
_pdbx_contact_author.id                 3 
_pdbx_contact_author.email              ncs01@nyu.edu 
_pdbx_contact_author.name_first         Nadrian 
_pdbx_contact_author.name_last          Seeman 
_pdbx_contact_author.name_mi            ? 
_pdbx_contact_author.role               'principal investigator/group leader' 
_pdbx_contact_author.identifier_ORCID   0000-0002-9680-4649 
# 
loop_
_audit_author.name 
_audit_author.pdbx_ordinal 
_audit_author.identifier_ORCID 
'Lu, B.'        1 0000-0001-6424-2197 
'Vecchioni, S.' 2 0000-0001-8243-650X 
'Seeman, N.C.'  3 0000-0002-9680-4649 
'Sha, R.'       4 0000-0002-0807-734X 
'Ohayon, Y.P.'  5 0000-0001-7500-4282 
# 
_citation.abstract                  ? 
_citation.abstract_id_CAS           ? 
_citation.book_id_ISBN              ? 
_citation.book_publisher            ? 
_citation.book_publisher_city       ? 
_citation.book_title                ? 
_citation.coordinate_linkage        ? 
_citation.country                   ? 
_citation.database_id_Medline       ? 
_citation.details                   ? 
_citation.id                        primary 
_citation.journal_abbrev            'Adv Mater' 
_citation.journal_id_ASTM           ? 
_citation.journal_id_CSD            ? 
_citation.journal_id_ISSN           1521-4095 
_citation.journal_full              ? 
_citation.journal_issue             ? 
_citation.journal_volume            ? 
_citation.language                  ? 
_citation.page_first                e2201938 
_citation.page_last                 e2201938 
_citation.title                     'Metal-Mediated DNA Nanotechnology in 3D: Structural Library by Templated Diffraction.' 
_citation.year                      2023 
_citation.database_id_CSD           ? 
_citation.pdbx_database_id_DOI      10.1002/adma.202201938 
_citation.pdbx_database_id_PubMed   36939292 
_citation.pdbx_database_id_patent   ? 
_citation.unpublished_flag          ? 
# 
loop_
_citation_author.citation_id 
_citation_author.name 
_citation_author.ordinal 
_citation_author.identifier_ORCID 
primary 'Vecchioni, S.'     1  ? 
primary 'Lu, B.'            2  ? 
primary 'Livernois, W.'     3  ? 
primary 'Ohayon, Y.P.'      4  ? 
primary 'Yoder, J.B.'       5  ? 
primary 'Yang, C.F.'        6  ? 
primary 'Woloszyn, K.'      7  ? 
primary 'Bernfeld, W.'      8  ? 
primary 'Anantram, M.P.'    9  ? 
primary 'Canary, J.W.'      10 ? 
primary 'Hendrickson, W.A.' 11 ? 
primary 'Rothschild, L.J.'  12 ? 
primary 'Mao, C.'           13 ? 
primary 'Wind, S.J.'        14 ? 
primary 'Seeman, N.C.'      15 ? 
primary 'Sha, R.'           16 ? 
# 
loop_
_entity.id 
_entity.type 
_entity.src_method 
_entity.pdbx_description 
_entity.formula_weight 
_entity.pdbx_number_of_molecules 
_entity.pdbx_ec 
_entity.pdbx_mutation 
_entity.pdbx_fragment 
_entity.details 
1 polymer     syn 
;DNA (5'-D(*GP*AP*GP*CP*AP*GP*CP*CP*TP*GP*TP*(5CM)P*TP*GP*GP*AP*CP*AP*TP*CP*A)-3')
;
6462.201 1 ? ? ? ? 
2 polymer     syn 
;DNA (5'-D(P*CP*CP*AP*(5CM)P*AP*CP*A)-3')
;
2065.417 1 ? ? ? ? 
3 polymer     syn 
;DNA (5'-D(P*GP*GP*CP*TP*GP*CP*T)-3')
;
2129.409 1 ? ? ? ? 
4 polymer     syn 
;DNA (5'-D(P*CP*TP*GP*AP*TP*GP*T)-3')
;
2128.421 1 ? ? ? ? 
5 non-polymer syn 'SILVER ION'                                                                        107.868  1 ? ? ? ? 
# 
loop_
_entity_poly.entity_id 
_entity_poly.type 
_entity_poly.nstd_linkage 
_entity_poly.nstd_monomer 
_entity_poly.pdbx_seq_one_letter_code 
_entity_poly.pdbx_seq_one_letter_code_can 
_entity_poly.pdbx_strand_id 
_entity_poly.pdbx_target_identifier 
1 polydeoxyribonucleotide no yes 
;(DG)(DA)(DG)(DC)(DA)(DG)(DC)(DC)(DT)(DG)(DT)(5CM)(DT)(DG)(DG)(DA)(DC)(DA)(DT)
(DC)(DA)
;
GAGCAGCCTGTCTGGACATCA A ? 
2 polydeoxyribonucleotide no yes '(DC)(DC)(DA)(5CM)(DA)(DC)(DA)'                                                          CCACACA 
B ? 
3 polydeoxyribonucleotide no no  '(DG)(DG)(DC)(DT)(DG)(DC)(DT)'                                                           GGCTGCT 
C ? 
4 polydeoxyribonucleotide no no  '(DC)(DT)(DG)(DA)(DT)(DG)(DT)'                                                           CTGATGT 
D ? 
# 
_pdbx_entity_nonpoly.entity_id   5 
_pdbx_entity_nonpoly.name        'SILVER ION' 
_pdbx_entity_nonpoly.comp_id     AG 
# 
loop_
_entity_poly_seq.entity_id 
_entity_poly_seq.num 
_entity_poly_seq.mon_id 
_entity_poly_seq.hetero 
1 1  DG  n 
1 2  DA  n 
1 3  DG  n 
1 4  DC  n 
1 5  DA  n 
1 6  DG  n 
1 7  DC  n 
1 8  DC  n 
1 9  DT  n 
1 10 DG  n 
1 11 DT  n 
1 12 5CM n 
1 13 DT  n 
1 14 DG  n 
1 15 DG  n 
1 16 DA  n 
1 17 DC  n 
1 18 DA  n 
1 19 DT  n 
1 20 DC  n 
1 21 DA  n 
2 1  DC  n 
2 2  DC  n 
2 3  DA  n 
2 4  5CM n 
2 5  DA  n 
2 6  DC  n 
2 7  DA  n 
3 1  DG  n 
3 2  DG  n 
3 3  DC  n 
3 4  DT  n 
3 5  DG  n 
3 6  DC  n 
3 7  DT  n 
4 1  DC  n 
4 2  DT  n 
4 3  DG  n 
4 4  DA  n 
4 5  DT  n 
4 6  DG  n 
4 7  DT  n 
# 
loop_
_pdbx_entity_src_syn.entity_id 
_pdbx_entity_src_syn.pdbx_src_id 
_pdbx_entity_src_syn.pdbx_alt_source_flag 
_pdbx_entity_src_syn.pdbx_beg_seq_num 
_pdbx_entity_src_syn.pdbx_end_seq_num 
_pdbx_entity_src_syn.organism_scientific 
_pdbx_entity_src_syn.organism_common_name 
_pdbx_entity_src_syn.ncbi_taxonomy_id 
_pdbx_entity_src_syn.details 
1 1 sample 1 21 'synthetic construct' ? 32630 ? 
2 1 sample 1 7  'synthetic construct' ? 32630 ? 
3 1 sample 1 7  'synthetic construct' ? 32630 ? 
4 1 sample 1 7  'synthetic construct' ? 32630 ? 
# 
loop_
_chem_comp.id 
_chem_comp.type 
_chem_comp.mon_nstd_flag 
_chem_comp.name 
_chem_comp.pdbx_synonyms 
_chem_comp.formula 
_chem_comp.formula_weight 
5CM 'DNA linking' n "5-METHYL-2'-DEOXY-CYTIDINE-5'-MONOPHOSPHATE" ? 'C10 H16 N3 O7 P' 321.224 
AG  non-polymer   . 'SILVER ION'                                  ? 'Ag 1'            107.868 
DA  'DNA linking' y "2'-DEOXYADENOSINE-5'-MONOPHOSPHATE"          ? 'C10 H14 N5 O6 P' 331.222 
DC  'DNA linking' y "2'-DEOXYCYTIDINE-5'-MONOPHOSPHATE"           ? 'C9 H14 N3 O7 P'  307.197 
DG  'DNA linking' y "2'-DEOXYGUANOSINE-5'-MONOPHOSPHATE"          ? 'C10 H14 N5 O7 P' 347.221 
DT  'DNA linking' y "THYMIDINE-5'-MONOPHOSPHATE"                  ? 'C10 H15 N2 O8 P' 322.208 
# 
loop_
_pdbx_poly_seq_scheme.asym_id 
_pdbx_poly_seq_scheme.entity_id 
_pdbx_poly_seq_scheme.seq_id 
_pdbx_poly_seq_scheme.mon_id 
_pdbx_poly_seq_scheme.ndb_seq_num 
_pdbx_poly_seq_scheme.pdb_seq_num 
_pdbx_poly_seq_scheme.auth_seq_num 
_pdbx_poly_seq_scheme.pdb_mon_id 
_pdbx_poly_seq_scheme.auth_mon_id 
_pdbx_poly_seq_scheme.pdb_strand_id 
_pdbx_poly_seq_scheme.pdb_ins_code 
_pdbx_poly_seq_scheme.hetero 
A 1 1  DG  1  1  1  DG  DG  A . n 
A 1 2  DA  2  2  2  DA  DA  A . n 
A 1 3  DG  3  3  3  DG  DG  A . n 
A 1 4  DC  4  4  4  DC  DC  A . n 
A 1 5  DA  5  5  5  DA  DA  A . n 
A 1 6  DG  6  6  6  DG  DG  A . n 
A 1 7  DC  7  7  7  DC  DC  A . n 
A 1 8  DC  8  8  8  DC  DC  A . n 
A 1 9  DT  9  9  9  DT  DT  A . n 
A 1 10 DG  10 10 10 DG  DG  A . n 
A 1 11 DT  11 11 11 DT  DT  A . n 
A 1 12 5CM 12 12 12 5CM 5CM A . n 
A 1 13 DT  13 13 13 DT  DT  A . n 
A 1 14 DG  14 14 14 DG  DG  A . n 
A 1 15 DG  15 15 15 DG  DG  A . n 
A 1 16 DA  16 16 16 DA  DA  A . n 
A 1 17 DC  17 17 17 DC  DC  A . n 
A 1 18 DA  18 18 18 DA  DA  A . n 
A 1 19 DT  19 19 19 DT  DT  A . n 
A 1 20 DC  20 20 20 DC  DC  A . n 
A 1 21 DA  21 21 21 DA  DA  A . n 
B 2 1  DC  1  1  1  DC  DC  B . n 
B 2 2  DC  2  2  2  DC  DC  B . n 
B 2 3  DA  3  3  3  DA  DA  B . n 
B 2 4  5CM 4  4  4  5CM 5CM B . n 
B 2 5  DA  5  5  5  DA  DA  B . n 
B 2 6  DC  6  6  6  DC  DC  B . n 
B 2 7  DA  7  7  7  DA  DA  B . n 
C 3 1  DG  1  8  8  DG  DG  C . n 
C 3 2  DG  2  9  9  DG  DG  C . n 
C 3 3  DC  3  10 10 DC  DC  C . n 
C 3 4  DT  4  11 11 DT  DT  C . n 
C 3 5  DG  5  12 12 DG  DG  C . n 
C 3 6  DC  6  13 13 DC  DC  C . n 
C 3 7  DT  7  14 14 DT  DT  C . n 
D 4 1  DC  1  1  1  DC  DC  D . n 
D 4 2  DT  2  2  2  DT  DT  D . n 
D 4 3  DG  3  3  3  DG  DG  D . n 
D 4 4  DA  4  4  4  DA  DA  D . n 
D 4 5  DT  5  5  5  DT  DT  D . n 
D 4 6  DG  6  6  6  DG  DG  D . n 
D 4 7  DT  7  7  7  DT  DT  D . n 
# 
_pdbx_nonpoly_scheme.asym_id         E 
_pdbx_nonpoly_scheme.entity_id       5 
_pdbx_nonpoly_scheme.mon_id          AG 
_pdbx_nonpoly_scheme.ndb_seq_num     1 
_pdbx_nonpoly_scheme.pdb_seq_num     101 
_pdbx_nonpoly_scheme.auth_seq_num    4 
_pdbx_nonpoly_scheme.pdb_mon_id      AG 
_pdbx_nonpoly_scheme.auth_mon_id     AG 
_pdbx_nonpoly_scheme.pdb_strand_id   B 
_pdbx_nonpoly_scheme.pdb_ins_code    . 
# 
loop_
_software.citation_id 
_software.classification 
_software.compiler_name 
_software.compiler_version 
_software.contact_author 
_software.contact_author_email 
_software.date 
_software.description 
_software.dependencies 
_software.hardware 
_software.language 
_software.location 
_software.mods 
_software.name 
_software.os 
_software.os_version 
_software.type 
_software.version 
_software.pdbx_ordinal 
? refinement       ? ? ? ? ? ? ? ? ? ? ? PHENIX    ? ? ? 1.19.2_4158 1 
? 'data reduction' ? ? ? ? ? ? ? ? ? ? ? autoPROC  ? ? ? .           2 
? 'data scaling'   ? ? ? ? ? ? ? ? ? ? ? STARANISO ? ? ? .           3 
? phasing          ? ? ? ? ? ? ? ? ? ? ? AutoSol   ? ? ? .           4 
# 
_cell.angle_alpha                  90.000 
_cell.angle_alpha_esd              ? 
_cell.angle_beta                   90.000 
_cell.angle_beta_esd               ? 
_cell.angle_gamma                  120.000 
_cell.angle_gamma_esd              ? 
_cell.entry_id                     7SDJ 
_cell.details                      ? 
_cell.formula_units_Z              ? 
_cell.length_a                     104.966 
_cell.length_a_esd                 ? 
_cell.length_b                     104.966 
_cell.length_b_esd                 ? 
_cell.length_c                     91.745 
_cell.length_c_esd                 ? 
_cell.volume                       875407.639 
_cell.volume_esd                   ? 
_cell.Z_PDB                        9 
_cell.reciprocal_angle_alpha       ? 
_cell.reciprocal_angle_beta        ? 
_cell.reciprocal_angle_gamma       ? 
_cell.reciprocal_angle_alpha_esd   ? 
_cell.reciprocal_angle_beta_esd    ? 
_cell.reciprocal_angle_gamma_esd   ? 
_cell.reciprocal_length_a          ? 
_cell.reciprocal_length_b          ? 
_cell.reciprocal_length_c          ? 
_cell.reciprocal_length_a_esd      ? 
_cell.reciprocal_length_b_esd      ? 
_cell.reciprocal_length_c_esd      ? 
_cell.pdbx_unique_axis             ? 
# 
_symmetry.entry_id                         7SDJ 
_symmetry.cell_setting                     ? 
_symmetry.Int_Tables_number                146 
_symmetry.space_group_name_Hall            'R 3' 
_symmetry.space_group_name_H-M             'H 3' 
_symmetry.pdbx_full_space_group_name_H-M   ? 
# 
_exptl.absorpt_coefficient_mu     ? 
_exptl.absorpt_correction_T_max   ? 
_exptl.absorpt_correction_T_min   ? 
_exptl.absorpt_correction_type    ? 
_exptl.absorpt_process_details    ? 
_exptl.entry_id                   7SDJ 
_exptl.crystals_number            1 
_exptl.details                    ? 
_exptl.method                     'X-RAY DIFFRACTION' 
_exptl.method_details             ? 
# 
_exptl_crystal.colour                      ? 
_exptl_crystal.density_diffrn              ? 
_exptl_crystal.density_Matthews            7.61 
_exptl_crystal.density_method              ? 
_exptl_crystal.density_percent_sol         ? 
_exptl_crystal.description                 Rhombohedral 
_exptl_crystal.F_000                       ? 
_exptl_crystal.id                          1 
_exptl_crystal.preparation                 ? 
_exptl_crystal.size_max                    ? 
_exptl_crystal.size_mid                    ? 
_exptl_crystal.size_min                    ? 
_exptl_crystal.size_rad                    ? 
_exptl_crystal.colour_lustre               ? 
_exptl_crystal.colour_modifier             ? 
_exptl_crystal.colour_primary              ? 
_exptl_crystal.density_meas                ? 
_exptl_crystal.density_meas_esd            ? 
_exptl_crystal.density_meas_gt             ? 
_exptl_crystal.density_meas_lt             ? 
_exptl_crystal.density_meas_temp           ? 
_exptl_crystal.density_meas_temp_esd       ? 
_exptl_crystal.density_meas_temp_gt        ? 
_exptl_crystal.density_meas_temp_lt        ? 
_exptl_crystal.pdbx_crystal_image_url      ? 
_exptl_crystal.pdbx_crystal_image_format   ? 
_exptl_crystal.pdbx_mosaicity              ? 
_exptl_crystal.pdbx_mosaicity_esd          ? 
# 
_exptl_crystal_grow.apparatus       ? 
_exptl_crystal_grow.atmosphere      ? 
_exptl_crystal_grow.crystal_id      1 
_exptl_crystal_grow.details         ? 
_exptl_crystal_grow.method          'VAPOR DIFFUSION, HANGING DROP' 
_exptl_crystal_grow.method_ref      ? 
_exptl_crystal_grow.pH              7.8 
_exptl_crystal_grow.pressure        ? 
_exptl_crystal_grow.pressure_esd    ? 
_exptl_crystal_grow.seeding         ? 
_exptl_crystal_grow.seeding_ref     ? 
_exptl_crystal_grow.temp            293 
_exptl_crystal_grow.temp_details    '338-293 at 0.4/hr' 
_exptl_crystal_grow.temp_esd        ? 
_exptl_crystal_grow.time            ? 
_exptl_crystal_grow.pdbx_details    'MOPS, Magnesium sulfate, Silver nitrate' 
_exptl_crystal_grow.pdbx_pH_range   ? 
# 
_diffrn.ambient_environment              ? 
_diffrn.ambient_temp                     100 
_diffrn.ambient_temp_details             ? 
_diffrn.ambient_temp_esd                 ? 
_diffrn.crystal_id                       1 
_diffrn.crystal_support                  ? 
_diffrn.crystal_treatment                ? 
_diffrn.details                          ? 
_diffrn.id                               1 
_diffrn.ambient_pressure                 ? 
_diffrn.ambient_pressure_esd             ? 
_diffrn.ambient_pressure_gt              ? 
_diffrn.ambient_pressure_lt              ? 
_diffrn.ambient_temp_gt                  ? 
_diffrn.ambient_temp_lt                  ? 
_diffrn.pdbx_serial_crystal_experiment   N 
# 
_diffrn_detector.details                      ? 
_diffrn_detector.detector                     PIXEL 
_diffrn_detector.diffrn_id                    1 
_diffrn_detector.type                         'DECTRIS EIGER2 X 9M' 
_diffrn_detector.area_resol_mean              ? 
_diffrn_detector.dtime                        ? 
_diffrn_detector.pdbx_frames_total            ? 
_diffrn_detector.pdbx_collection_time_total   ? 
_diffrn_detector.pdbx_collection_date         2020-11-14 
_diffrn_detector.pdbx_frequency               ? 
# 
_diffrn_radiation.collimation                      ? 
_diffrn_radiation.diffrn_id                        1 
_diffrn_radiation.filter_edge                      ? 
_diffrn_radiation.inhomogeneity                    ? 
_diffrn_radiation.monochromator                    ? 
_diffrn_radiation.polarisn_norm                    ? 
_diffrn_radiation.polarisn_ratio                   ? 
_diffrn_radiation.probe                            ? 
_diffrn_radiation.type                             ? 
_diffrn_radiation.xray_symbol                      ? 
_diffrn_radiation.wavelength_id                    1 
_diffrn_radiation.pdbx_monochromatic_or_laue_m_l   M 
_diffrn_radiation.pdbx_wavelength_list             ? 
_diffrn_radiation.pdbx_wavelength                  ? 
_diffrn_radiation.pdbx_diffrn_protocol             'SINGLE WAVELENGTH' 
_diffrn_radiation.pdbx_analyzer                    ? 
_diffrn_radiation.pdbx_scattering_type             x-ray 
# 
_diffrn_radiation_wavelength.id           1 
_diffrn_radiation_wavelength.wavelength   1.00743 
_diffrn_radiation_wavelength.wt           1.0 
# 
_diffrn_source.current                     ? 
_diffrn_source.details                     ? 
_diffrn_source.diffrn_id                   1 
_diffrn_source.power                       ? 
_diffrn_source.size                        ? 
_diffrn_source.source                      SYNCHROTRON 
_diffrn_source.target                      ? 
_diffrn_source.type                        'APS BEAMLINE 17-ID' 
_diffrn_source.voltage                     ? 
_diffrn_source.take-off_angle              ? 
_diffrn_source.pdbx_wavelength_list        1.00743 
_diffrn_source.pdbx_wavelength             ? 
_diffrn_source.pdbx_synchrotron_beamline   17-ID 
_diffrn_source.pdbx_synchrotron_site       APS 
# 
_reflns.B_iso_Wilson_estimate                          282.77 
_reflns.entry_id                                       7SDJ 
_reflns.data_reduction_details                         ? 
_reflns.data_reduction_method                          ? 
_reflns.d_resolution_high                              4.00 
_reflns.d_resolution_low                               64.741 
_reflns.details                                        ? 
_reflns.limit_h_max                                    ? 
_reflns.limit_h_min                                    ? 
_reflns.limit_k_max                                    ? 
_reflns.limit_k_min                                    ? 
_reflns.limit_l_max                                    ? 
_reflns.limit_l_min                                    ? 
_reflns.number_all                                     ? 
_reflns.number_obs                                     2285 
_reflns.observed_criterion                             ? 
_reflns.observed_criterion_F_max                       ? 
_reflns.observed_criterion_F_min                       ? 
_reflns.observed_criterion_I_max                       ? 
_reflns.observed_criterion_I_min                       ? 
_reflns.observed_criterion_sigma_F                     ? 
_reflns.observed_criterion_sigma_I                     ? 
_reflns.percent_possible_obs                           90.4 
_reflns.R_free_details                                 ? 
_reflns.Rmerge_F_all                                   ? 
_reflns.Rmerge_F_obs                                   ? 
_reflns.Friedel_coverage                               ? 
_reflns.number_gt                                      ? 
_reflns.threshold_expression                           ? 
_reflns.pdbx_redundancy                                7.7 
_reflns.pdbx_Rmerge_I_obs                              ? 
_reflns.pdbx_Rmerge_I_all                              ? 
_reflns.pdbx_Rsym_value                                ? 
_reflns.pdbx_netI_over_av_sigmaI                       ? 
_reflns.pdbx_netI_over_sigmaI                          7.7 
_reflns.pdbx_res_netI_over_av_sigmaI_2                 ? 
_reflns.pdbx_res_netI_over_sigmaI_2                    ? 
_reflns.pdbx_chi_squared                               ? 
_reflns.pdbx_scaling_rejects                           ? 
_reflns.pdbx_d_res_high_opt                            ? 
_reflns.pdbx_d_res_low_opt                             ? 
_reflns.pdbx_d_res_opt_method                          ? 
_reflns.phase_calculation_details                      ? 
_reflns.pdbx_Rrim_I_all                                ? 
_reflns.pdbx_Rpim_I_all                                ? 
_reflns.pdbx_d_opt                                     ? 
_reflns.pdbx_number_measured_all                       ? 
_reflns.pdbx_diffrn_id                                 1 
_reflns.pdbx_ordinal                                   1 
_reflns.pdbx_CC_half                                   0.999 
_reflns.pdbx_CC_star                                   ? 
_reflns.pdbx_R_split                                   ? 
_reflns.pdbx_aniso_diffraction_limit_axis_1_ortho[1]   ? 
_reflns.pdbx_aniso_diffraction_limit_axis_1_ortho[2]   ? 
_reflns.pdbx_aniso_diffraction_limit_axis_1_ortho[3]   ? 
_reflns.pdbx_aniso_diffraction_limit_axis_2_ortho[1]   ? 
_reflns.pdbx_aniso_diffraction_limit_axis_2_ortho[2]   ? 
_reflns.pdbx_aniso_diffraction_limit_axis_2_ortho[3]   ? 
_reflns.pdbx_aniso_diffraction_limit_axis_3_ortho[1]   ? 
_reflns.pdbx_aniso_diffraction_limit_axis_3_ortho[2]   ? 
_reflns.pdbx_aniso_diffraction_limit_axis_3_ortho[3]   ? 
_reflns.pdbx_aniso_diffraction_limit_1                 ? 
_reflns.pdbx_aniso_diffraction_limit_2                 ? 
_reflns.pdbx_aniso_diffraction_limit_3                 ? 
_reflns.pdbx_aniso_B_tensor_eigenvector_1_ortho[1]     ? 
_reflns.pdbx_aniso_B_tensor_eigenvector_1_ortho[2]     ? 
_reflns.pdbx_aniso_B_tensor_eigenvector_1_ortho[3]     ? 
_reflns.pdbx_aniso_B_tensor_eigenvector_2_ortho[1]     ? 
_reflns.pdbx_aniso_B_tensor_eigenvector_2_ortho[2]     ? 
_reflns.pdbx_aniso_B_tensor_eigenvector_2_ortho[3]     ? 
_reflns.pdbx_aniso_B_tensor_eigenvector_3_ortho[1]     ? 
_reflns.pdbx_aniso_B_tensor_eigenvector_3_ortho[2]     ? 
_reflns.pdbx_aniso_B_tensor_eigenvector_3_ortho[3]     ? 
_reflns.pdbx_aniso_B_tensor_eigenvalue_1               ? 
_reflns.pdbx_aniso_B_tensor_eigenvalue_2               ? 
_reflns.pdbx_aniso_B_tensor_eigenvalue_3               ? 
_reflns.pdbx_orthogonalization_convention              ? 
_reflns.pdbx_percent_possible_ellipsoidal              ? 
_reflns.pdbx_percent_possible_spherical                ? 
_reflns.pdbx_percent_possible_ellipsoidal_anomalous    ? 
_reflns.pdbx_percent_possible_spherical_anomalous      ? 
_reflns.pdbx_redundancy_anomalous                      ? 
_reflns.pdbx_CC_half_anomalous                         ? 
_reflns.pdbx_absDiff_over_sigma_anomalous              ? 
_reflns.pdbx_percent_possible_anomalous                ? 
_reflns.pdbx_observed_signal_threshold                 ? 
_reflns.pdbx_signal_type                               ? 
_reflns.pdbx_signal_details                            ? 
_reflns.pdbx_signal_software_id                        ? 
# 
loop_
_reflns_shell.d_res_high 
_reflns_shell.d_res_low 
_reflns_shell.meanI_over_sigI_all 
_reflns_shell.meanI_over_sigI_obs 
_reflns_shell.number_measured_all 
_reflns_shell.number_measured_obs 
_reflns_shell.number_possible 
_reflns_shell.number_unique_all 
_reflns_shell.number_unique_obs 
_reflns_shell.percent_possible_all 
_reflns_shell.percent_possible_obs 
_reflns_shell.Rmerge_F_all 
_reflns_shell.Rmerge_F_obs 
_reflns_shell.Rmerge_I_all 
_reflns_shell.Rmerge_I_obs 
_reflns_shell.meanI_over_sigI_gt 
_reflns_shell.meanI_over_uI_all 
_reflns_shell.meanI_over_uI_gt 
_reflns_shell.number_measured_gt 
_reflns_shell.number_unique_gt 
_reflns_shell.percent_possible_gt 
_reflns_shell.Rmerge_F_gt 
_reflns_shell.Rmerge_I_gt 
_reflns_shell.pdbx_redundancy 
_reflns_shell.pdbx_Rsym_value 
_reflns_shell.pdbx_chi_squared 
_reflns_shell.pdbx_netI_over_sigmaI_all 
_reflns_shell.pdbx_netI_over_sigmaI_obs 
_reflns_shell.pdbx_Rrim_I_all 
_reflns_shell.pdbx_Rpim_I_all 
_reflns_shell.pdbx_rejects 
_reflns_shell.pdbx_ordinal 
_reflns_shell.pdbx_diffrn_id 
_reflns_shell.pdbx_CC_half 
_reflns_shell.pdbx_CC_star 
_reflns_shell.pdbx_R_split 
_reflns_shell.pdbx_percent_possible_ellipsoidal 
_reflns_shell.pdbx_percent_possible_spherical 
_reflns_shell.pdbx_percent_possible_ellipsoidal_anomalous 
_reflns_shell.pdbx_percent_possible_spherical_anomalous 
_reflns_shell.pdbx_redundancy_anomalous 
_reflns_shell.pdbx_CC_half_anomalous 
_reflns_shell.pdbx_absDiff_over_sigma_anomalous 
_reflns_shell.pdbx_percent_possible_anomalous 
4.00   4.294  ? 0.5 ? ? ? ? 207 82.6 ? ? ? ? ? ? ? ? ? ? ? ? ? ? ? ? ? ? ? ? ? 1 1 0.012 ? ? ? ? ? ? ? ? ? ? 
10.007 64.741 ? ?   ? ? ? ? 207 ?    ? ? ? ? ? ? ? ? ? ? ? ? ? ? ? ? ? ? ? ? ? 2 1 0.999 ? ? ? ? ? ? ? ? ? ? 
# 
_refine.aniso_B[1][1]                            ? 
_refine.aniso_B[1][2]                            ? 
_refine.aniso_B[1][3]                            ? 
_refine.aniso_B[2][2]                            ? 
_refine.aniso_B[2][3]                            ? 
_refine.aniso_B[3][3]                            ? 
_refine.B_iso_max                                ? 
_refine.B_iso_mean                               242.86 
_refine.B_iso_min                                ? 
_refine.correlation_coeff_Fo_to_Fc               ? 
_refine.correlation_coeff_Fo_to_Fc_free          ? 
_refine.details                                  ? 
_refine.diff_density_max                         ? 
_refine.diff_density_max_esd                     ? 
_refine.diff_density_min                         ? 
_refine.diff_density_min_esd                     ? 
_refine.diff_density_rms                         ? 
_refine.diff_density_rms_esd                     ? 
_refine.entry_id                                 7SDJ 
_refine.pdbx_refine_id                           'X-RAY DIFFRACTION' 
_refine.ls_abs_structure_details                 ? 
_refine.ls_abs_structure_Flack                   ? 
_refine.ls_abs_structure_Flack_esd               ? 
_refine.ls_abs_structure_Rogers                  ? 
_refine.ls_abs_structure_Rogers_esd              ? 
_refine.ls_d_res_high                            4.00 
_refine.ls_d_res_low                             32.29 
_refine.ls_extinction_coef                       ? 
_refine.ls_extinction_coef_esd                   ? 
_refine.ls_extinction_expression                 ? 
_refine.ls_extinction_method                     ? 
_refine.ls_goodness_of_fit_all                   ? 
_refine.ls_goodness_of_fit_all_esd               ? 
_refine.ls_goodness_of_fit_obs                   ? 
_refine.ls_goodness_of_fit_obs_esd               ? 
_refine.ls_hydrogen_treatment                    ? 
_refine.ls_matrix_type                           ? 
_refine.ls_number_constraints                    ? 
_refine.ls_number_parameters                     ? 
_refine.ls_number_reflns_all                     ? 
_refine.ls_number_reflns_obs                     2050 
_refine.ls_number_reflns_R_free                  199 
_refine.ls_number_reflns_R_work                  1851 
_refine.ls_number_restraints                     ? 
_refine.ls_percent_reflns_obs                    64.53 
_refine.ls_percent_reflns_R_free                 9.71 
_refine.ls_R_factor_all                          ? 
_refine.ls_R_factor_obs                          0.2802 
_refine.ls_R_factor_R_free                       0.3026 
_refine.ls_R_factor_R_free_error                 ? 
_refine.ls_R_factor_R_free_error_details         ? 
_refine.ls_R_factor_R_work                       0.2773 
_refine.ls_R_Fsqd_factor_obs                     ? 
_refine.ls_R_I_factor_obs                        ? 
_refine.ls_redundancy_reflns_all                 ? 
_refine.ls_redundancy_reflns_obs                 ? 
_refine.ls_restrained_S_all                      ? 
_refine.ls_restrained_S_obs                      ? 
_refine.ls_shift_over_esd_max                    ? 
_refine.ls_shift_over_esd_mean                   ? 
_refine.ls_structure_factor_coef                 ? 
_refine.ls_weighting_details                     ? 
_refine.ls_weighting_scheme                      ? 
_refine.ls_wR_factor_all                         ? 
_refine.ls_wR_factor_obs                         ? 
_refine.ls_wR_factor_R_free                      ? 
_refine.ls_wR_factor_R_work                      ? 
_refine.occupancy_max                            ? 
_refine.occupancy_min                            ? 
_refine.solvent_model_details                    'FLAT BULK SOLVENT MODEL' 
_refine.solvent_model_param_bsol                 ? 
_refine.solvent_model_param_ksol                 ? 
_refine.pdbx_R_complete                          ? 
_refine.ls_R_factor_gt                           ? 
_refine.ls_goodness_of_fit_gt                    ? 
_refine.ls_goodness_of_fit_ref                   ? 
_refine.ls_shift_over_su_max                     ? 
_refine.ls_shift_over_su_max_lt                  ? 
_refine.ls_shift_over_su_mean                    ? 
_refine.ls_shift_over_su_mean_lt                 ? 
_refine.pdbx_ls_sigma_I                          ? 
_refine.pdbx_ls_sigma_F                          1.96 
_refine.pdbx_ls_sigma_Fsqd                       ? 
_refine.pdbx_data_cutoff_high_absF               ? 
_refine.pdbx_data_cutoff_high_rms_absF           ? 
_refine.pdbx_data_cutoff_low_absF                ? 
_refine.pdbx_isotropic_thermal_model             ? 
_refine.pdbx_ls_cross_valid_method               'FREE R-VALUE' 
_refine.pdbx_method_to_determine_struct          SAD 
_refine.pdbx_starting_model                      ? 
_refine.pdbx_stereochemistry_target_values       'GeoStd + Monomer Library + CDL v1.2' 
_refine.pdbx_R_Free_selection_details            ? 
_refine.pdbx_stereochem_target_val_spec_case     ? 
_refine.pdbx_overall_ESU_R                       ? 
_refine.pdbx_overall_ESU_R_Free                  ? 
_refine.pdbx_solvent_vdw_probe_radii             1.1100 
_refine.pdbx_solvent_ion_probe_radii             ? 
_refine.pdbx_solvent_shrinkage_radii             0.9000 
_refine.pdbx_real_space_R                        ? 
_refine.pdbx_density_correlation                 ? 
_refine.pdbx_pd_number_of_powder_patterns        ? 
_refine.pdbx_pd_number_of_points                 ? 
_refine.pdbx_pd_meas_number_of_points            ? 
_refine.pdbx_pd_proc_ls_prof_R_factor            ? 
_refine.pdbx_pd_proc_ls_prof_wR_factor           ? 
_refine.pdbx_pd_Marquardt_correlation_coeff      ? 
_refine.pdbx_pd_Fsqrd_R_factor                   ? 
_refine.pdbx_pd_ls_matrix_band_width             ? 
_refine.pdbx_overall_phase_error                 56.8730 
_refine.pdbx_overall_SU_R_free_Cruickshank_DPI   ? 
_refine.pdbx_overall_SU_R_free_Blow_DPI          ? 
_refine.pdbx_overall_SU_R_Blow_DPI               ? 
_refine.pdbx_TLS_residual_ADP_flag               ? 
_refine.pdbx_diffrn_id                           1 
_refine.overall_SU_B                             ? 
_refine.overall_SU_ML                            0.6238 
_refine.overall_SU_R_Cruickshank_DPI             ? 
_refine.overall_SU_R_free                        ? 
_refine.overall_FOM_free_R_set                   ? 
_refine.overall_FOM_work_R_set                   ? 
_refine.pdbx_average_fsc_overall                 ? 
_refine.pdbx_average_fsc_work                    ? 
_refine.pdbx_average_fsc_free                    ? 
# 
_refine_hist.pdbx_refine_id                   'X-RAY DIFFRACTION' 
_refine_hist.cycle_id                         LAST 
_refine_hist.details                          ? 
_refine_hist.d_res_high                       4.00 
_refine_hist.d_res_low                        32.29 
_refine_hist.number_atoms_solvent             0 
_refine_hist.number_atoms_total               859 
_refine_hist.number_reflns_all                ? 
_refine_hist.number_reflns_obs                ? 
_refine_hist.number_reflns_R_free             ? 
_refine_hist.number_reflns_R_work             ? 
_refine_hist.R_factor_all                     ? 
_refine_hist.R_factor_obs                     ? 
_refine_hist.R_factor_R_free                  ? 
_refine_hist.R_factor_R_work                  ? 
_refine_hist.pdbx_number_residues_total       ? 
_refine_hist.pdbx_B_iso_mean_ligand           ? 
_refine_hist.pdbx_B_iso_mean_solvent          ? 
_refine_hist.pdbx_number_atoms_protein        0 
_refine_hist.pdbx_number_atoms_nucleic_acid   858 
_refine_hist.pdbx_number_atoms_ligand         1 
_refine_hist.pdbx_number_atoms_lipid          ? 
_refine_hist.pdbx_number_atoms_carb           ? 
_refine_hist.pdbx_pseudo_atom_details         ? 
# 
loop_
_refine_ls_restr.pdbx_refine_id 
_refine_ls_restr.criterion 
_refine_ls_restr.dev_ideal 
_refine_ls_restr.dev_ideal_target 
_refine_ls_restr.number 
_refine_ls_restr.rejects 
_refine_ls_restr.type 
_refine_ls_restr.weight 
_refine_ls_restr.pdbx_restraint_function 
'X-RAY DIFFRACTION' ? 0.0066  ? 958  ? f_bond_d           ? ? 
'X-RAY DIFFRACTION' ? 0.9750  ? 1471 ? f_angle_d          ? ? 
'X-RAY DIFFRACTION' ? 0.0476  ? 159  ? f_chiral_restr     ? ? 
'X-RAY DIFFRACTION' ? 0.0036  ? 42   ? f_plane_restr      ? ? 
'X-RAY DIFFRACTION' ? 36.7887 ? 435  ? f_dihedral_angle_d ? ? 
# 
_refine_ls_shell.pdbx_refine_id                   'X-RAY DIFFRACTION' 
_refine_ls_shell.d_res_high                       4.00 
_refine_ls_shell.d_res_low                        32.29 
_refine_ls_shell.number_reflns_all                ? 
_refine_ls_shell.number_reflns_obs                ? 
_refine_ls_shell.number_reflns_R_free             199 
_refine_ls_shell.number_reflns_R_work             1851 
_refine_ls_shell.percent_reflns_obs               64.53 
_refine_ls_shell.percent_reflns_R_free            ? 
_refine_ls_shell.R_factor_all                     ? 
_refine_ls_shell.R_factor_obs                     ? 
_refine_ls_shell.R_factor_R_free                  0.3026 
_refine_ls_shell.R_factor_R_free_error            ? 
_refine_ls_shell.R_factor_R_work                  0.2773 
_refine_ls_shell.redundancy_reflns_all            ? 
_refine_ls_shell.redundancy_reflns_obs            ? 
_refine_ls_shell.wR_factor_all                    ? 
_refine_ls_shell.wR_factor_obs                    ? 
_refine_ls_shell.wR_factor_R_free                 ? 
_refine_ls_shell.wR_factor_R_work                 ? 
_refine_ls_shell.pdbx_R_complete                  ? 
_refine_ls_shell.pdbx_total_number_of_bins_used   ? 
_refine_ls_shell.pdbx_phase_error                 ? 
_refine_ls_shell.pdbx_fsc_work                    ? 
_refine_ls_shell.pdbx_fsc_free                    ? 
# 
_struct.entry_id                     7SDJ 
_struct.title                        '[mC:Ag+:mC] Metal-mediated DNA base pair in a self-assembling rhombohedral lattice' 
_struct.pdbx_model_details           ? 
_struct.pdbx_formula_weight          ? 
_struct.pdbx_formula_weight_method   ? 
_struct.pdbx_model_type_details      ? 
_struct.pdbx_CASP_flag               N 
# 
_struct_keywords.entry_id        7SDJ 
_struct_keywords.text            'Tensegrity triangle, self-assembling crystal, metal-mediated mismatch, DNA' 
_struct_keywords.pdbx_keywords   DNA 
# 
loop_
_struct_asym.id 
_struct_asym.pdbx_blank_PDB_chainid_flag 
_struct_asym.pdbx_modified 
_struct_asym.entity_id 
_struct_asym.details 
A N N 1 ? 
B N N 2 ? 
C N N 3 ? 
D N N 4 ? 
E N N 5 ? 
# 
loop_
_struct_ref.id 
_struct_ref.db_name 
_struct_ref.db_code 
_struct_ref.pdbx_db_accession 
_struct_ref.pdbx_db_isoform 
_struct_ref.entity_id 
_struct_ref.pdbx_seq_one_letter_code 
_struct_ref.pdbx_align_begin 
1 PDB 7SDJ 7SDJ ? 1 ? 1 
2 PDB 7SDJ 7SDJ ? 2 ? 1 
3 PDB 7SDJ 7SDJ ? 3 ? 1 
4 PDB 7SDJ 7SDJ ? 4 ? 1 
# 
loop_
_struct_ref_seq.align_id 
_struct_ref_seq.ref_id 
_struct_ref_seq.pdbx_PDB_id_code 
_struct_ref_seq.pdbx_strand_id 
_struct_ref_seq.seq_align_beg 
_struct_ref_seq.pdbx_seq_align_beg_ins_code 
_struct_ref_seq.seq_align_end 
_struct_ref_seq.pdbx_seq_align_end_ins_code 
_struct_ref_seq.pdbx_db_accession 
_struct_ref_seq.db_align_beg 
_struct_ref_seq.pdbx_db_align_beg_ins_code 
_struct_ref_seq.db_align_end 
_struct_ref_seq.pdbx_db_align_end_ins_code 
_struct_ref_seq.pdbx_auth_seq_align_beg 
_struct_ref_seq.pdbx_auth_seq_align_end 
1 1 7SDJ A 1 ? 21 ? 7SDJ 1 ? 21 ? 1 21 
2 2 7SDJ B 1 ? 7  ? 7SDJ 1 ? 7  ? 1 7  
3 3 7SDJ C 1 ? 7  ? 7SDJ 8 ? 14 ? 8 14 
4 4 7SDJ D 1 ? 7  ? 7SDJ 1 ? 7  ? 1 7  
# 
_pdbx_struct_assembly.id                   1 
_pdbx_struct_assembly.details              author_defined_assembly 
_pdbx_struct_assembly.method_details       ? 
_pdbx_struct_assembly.oligomeric_details   dodecameric 
_pdbx_struct_assembly.oligomeric_count     12 
# 
_pdbx_struct_assembly_gen.assembly_id       1 
_pdbx_struct_assembly_gen.oper_expression   1,2,3 
_pdbx_struct_assembly_gen.asym_id_list      A,B,C,D,E 
# 
_pdbx_struct_assembly_auth_evidence.id                     1 
_pdbx_struct_assembly_auth_evidence.assembly_id            1 
_pdbx_struct_assembly_auth_evidence.experimental_support   'native gel electrophoresis' 
_pdbx_struct_assembly_auth_evidence.details                ? 
# 
loop_
_pdbx_struct_oper_list.id 
_pdbx_struct_oper_list.type 
_pdbx_struct_oper_list.name 
_pdbx_struct_oper_list.symmetry_operation 
_pdbx_struct_oper_list.matrix[1][1] 
_pdbx_struct_oper_list.matrix[1][2] 
_pdbx_struct_oper_list.matrix[1][3] 
_pdbx_struct_oper_list.vector[1] 
_pdbx_struct_oper_list.matrix[2][1] 
_pdbx_struct_oper_list.matrix[2][2] 
_pdbx_struct_oper_list.matrix[2][3] 
_pdbx_struct_oper_list.vector[2] 
_pdbx_struct_oper_list.matrix[3][1] 
_pdbx_struct_oper_list.matrix[3][2] 
_pdbx_struct_oper_list.matrix[3][3] 
_pdbx_struct_oper_list.vector[3] 
1 'identity operation'         1_555 x,y,z     1.0000000000  0.0000000000  0.0000000000 0.0000000000   0.0000000000  1.0000000000  0.0000000000  0.0000000000  0.0000000000 0.0000000000  1.0000000000 0.0000000000  
2 'crystal symmetry operation' 2_555 -y,x-y,z  -0.1610329990 0.2458552970  0.9558365688 -14.2574020397 -0.9852539596 -0.0967820019 -0.1410952840 11.5659356921 0.0578187536 -0.9644627608 0.2578150009 17.9720015301 
3 'crystal symmetry operation' 3_555 -x+y,-x,z -0.1610329990 -0.9852539596 0.0578187536 8.0603530002   0.2458552970  -0.0967820019 -0.9644627608 21.9579584365 0.9558365688 -0.1410952840 0.2578150009 10.6261936349 
# 
loop_
_struct_conn.id 
_struct_conn.conn_type_id 
_struct_conn.pdbx_leaving_atom_flag 
_struct_conn.pdbx_PDB_id 
_struct_conn.ptnr1_label_asym_id 
_struct_conn.ptnr1_label_comp_id 
_struct_conn.ptnr1_label_seq_id 
_struct_conn.ptnr1_label_atom_id 
_struct_conn.pdbx_ptnr1_label_alt_id 
_struct_conn.pdbx_ptnr1_PDB_ins_code 
_struct_conn.pdbx_ptnr1_standard_comp_id 
_struct_conn.ptnr1_symmetry 
_struct_conn.ptnr2_label_asym_id 
_struct_conn.ptnr2_label_comp_id 
_struct_conn.ptnr2_label_seq_id 
_struct_conn.ptnr2_label_atom_id 
_struct_conn.pdbx_ptnr2_label_alt_id 
_struct_conn.pdbx_ptnr2_PDB_ins_code 
_struct_conn.ptnr1_auth_asym_id 
_struct_conn.ptnr1_auth_comp_id 
_struct_conn.ptnr1_auth_seq_id 
_struct_conn.ptnr2_auth_asym_id 
_struct_conn.ptnr2_auth_comp_id 
_struct_conn.ptnr2_auth_seq_id 
_struct_conn.ptnr2_symmetry 
_struct_conn.pdbx_ptnr3_label_atom_id 
_struct_conn.pdbx_ptnr3_label_seq_id 
_struct_conn.pdbx_ptnr3_label_comp_id 
_struct_conn.pdbx_ptnr3_label_asym_id 
_struct_conn.pdbx_ptnr3_label_alt_id 
_struct_conn.pdbx_ptnr3_PDB_ins_code 
_struct_conn.details 
_struct_conn.pdbx_dist_value 
_struct_conn.pdbx_value_order 
_struct_conn.pdbx_role 
covale1  covale both ? A DT  11 "O3'" ? ? ? 1_555 A 5CM 12 P  ? ? A DT  11 A 5CM 12  1_555 ? ? ? ? ? ? ?            1.612 ? ? 
covale2  covale both ? A 5CM 12 "O3'" ? ? ? 1_555 A DT  13 P  ? ? A 5CM 12 A DT  13  1_555 ? ? ? ? ? ? ?            1.615 ? ? 
covale3  covale both ? B DA  3  "O3'" ? ? ? 1_555 B 5CM 4  P  ? ? B DA  3  B 5CM 4   1_555 ? ? ? ? ? ? ?            1.610 ? ? 
covale4  covale both ? B 5CM 4  "O3'" ? ? ? 1_555 B DA  5  P  ? ? B 5CM 4  B DA  5   1_555 ? ? ? ? ? ? ?            1.609 ? ? 
metalc1  metalc ?    ? A 5CM 12 N4    ? ? ? 1_555 E AG  .  AG ? ? A 5CM 12 B AG  101 1_555 ? ? ? ? ? ? ?            1.987 ? ? 
metalc2  metalc ?    ? B 5CM 4  N3    ? ? ? 1_555 E AG  .  AG ? ? B 5CM 4  B AG  101 1_555 ? ? ? ? ? ? ?            2.150 ? ? 
metalc3  metalc ?    ? B 5CM 4  N4    ? ? ? 1_555 E AG  .  AG ? ? B 5CM 4  B AG  101 1_555 ? ? ? ? ? ? ?            1.959 ? ? 
hydrog1  hydrog ?    ? A DA  2  N1    ? ? ? 1_555 C DT  7  N3 ? ? A DA  2  C DT  14  1_555 ? ? ? ? ? ? WATSON-CRICK ?     ? ? 
hydrog2  hydrog ?    ? A DA  2  N6    ? ? ? 1_555 C DT  7  O4 ? ? A DA  2  C DT  14  1_555 ? ? ? ? ? ? WATSON-CRICK ?     ? ? 
hydrog3  hydrog ?    ? A DG  3  N1    ? ? ? 1_555 C DC  6  N3 ? ? A DG  3  C DC  13  1_555 ? ? ? ? ? ? WATSON-CRICK ?     ? ? 
hydrog4  hydrog ?    ? A DG  3  N2    ? ? ? 1_555 C DC  6  O2 ? ? A DG  3  C DC  13  1_555 ? ? ? ? ? ? WATSON-CRICK ?     ? ? 
hydrog5  hydrog ?    ? A DG  3  O6    ? ? ? 1_555 C DC  6  N4 ? ? A DG  3  C DC  13  1_555 ? ? ? ? ? ? WATSON-CRICK ?     ? ? 
hydrog6  hydrog ?    ? A DC  4  N4    ? ? ? 1_555 C DG  5  O6 ? ? A DC  4  C DG  12  1_555 ? ? ? ? ? ? 'DC-DG PAIR' ?     ? ? 
hydrog7  hydrog ?    ? A DA  5  N1    ? ? ? 1_555 C DT  4  N3 ? ? A DA  5  C DT  11  1_555 ? ? ? ? ? ? WATSON-CRICK ?     ? ? 
hydrog8  hydrog ?    ? A DA  5  N6    ? ? ? 1_555 C DT  4  O4 ? ? A DA  5  C DT  11  1_555 ? ? ? ? ? ? WATSON-CRICK ?     ? ? 
hydrog9  hydrog ?    ? A DG  6  N1    ? ? ? 1_555 C DC  3  N3 ? ? A DG  6  C DC  10  1_555 ? ? ? ? ? ? WATSON-CRICK ?     ? ? 
hydrog10 hydrog ?    ? A DG  6  N2    ? ? ? 1_555 C DC  3  O2 ? ? A DG  6  C DC  10  1_555 ? ? ? ? ? ? WATSON-CRICK ?     ? ? 
hydrog11 hydrog ?    ? A DG  6  O6    ? ? ? 1_555 C DC  3  N4 ? ? A DG  6  C DC  10  1_555 ? ? ? ? ? ? WATSON-CRICK ?     ? ? 
hydrog12 hydrog ?    ? A DC  7  N3    ? ? ? 1_555 C DG  2  N1 ? ? A DC  7  C DG  9   1_555 ? ? ? ? ? ? WATSON-CRICK ?     ? ? 
hydrog13 hydrog ?    ? A DC  7  N4    ? ? ? 1_555 C DG  2  O6 ? ? A DC  7  C DG  9   1_555 ? ? ? ? ? ? WATSON-CRICK ?     ? ? 
hydrog14 hydrog ?    ? A DC  7  O2    ? ? ? 1_555 C DG  2  N2 ? ? A DC  7  C DG  9   1_555 ? ? ? ? ? ? WATSON-CRICK ?     ? ? 
hydrog15 hydrog ?    ? A DC  8  N3    ? ? ? 1_555 C DG  1  N1 ? ? A DC  8  C DG  8   1_555 ? ? ? ? ? ? WATSON-CRICK ?     ? ? 
hydrog16 hydrog ?    ? A DC  8  N4    ? ? ? 1_555 C DG  1  O6 ? ? A DC  8  C DG  8   1_555 ? ? ? ? ? ? WATSON-CRICK ?     ? ? 
hydrog17 hydrog ?    ? A DC  8  O2    ? ? ? 1_555 C DG  1  N2 ? ? A DC  8  C DG  8   1_555 ? ? ? ? ? ? WATSON-CRICK ?     ? ? 
hydrog18 hydrog ?    ? A DT  9  N3    ? ? ? 1_555 B DA  7  N1 ? ? A DT  9  B DA  7   1_555 ? ? ? ? ? ? WATSON-CRICK ?     ? ? 
hydrog19 hydrog ?    ? A DT  9  O4    ? ? ? 1_555 B DA  7  N6 ? ? A DT  9  B DA  7   1_555 ? ? ? ? ? ? WATSON-CRICK ?     ? ? 
hydrog20 hydrog ?    ? A DG  10 N1    ? ? ? 1_555 B DC  6  N3 ? ? A DG  10 B DC  6   1_555 ? ? ? ? ? ? WATSON-CRICK ?     ? ? 
hydrog21 hydrog ?    ? A DG  10 N2    ? ? ? 1_555 B DC  6  O2 ? ? A DG  10 B DC  6   1_555 ? ? ? ? ? ? WATSON-CRICK ?     ? ? 
hydrog22 hydrog ?    ? A DG  10 O6    ? ? ? 1_555 B DC  6  N4 ? ? A DG  10 B DC  6   1_555 ? ? ? ? ? ? WATSON-CRICK ?     ? ? 
hydrog23 hydrog ?    ? A DT  11 N3    ? ? ? 1_555 B DA  5  N1 ? ? A DT  11 B DA  5   1_555 ? ? ? ? ? ? 'DT-DA PAIR' ?     ? ? 
hydrog24 hydrog ?    ? A DT  13 N3    ? ? ? 1_555 B DA  3  N1 ? ? A DT  13 B DA  3   1_555 ? ? ? ? ? ? WATSON-CRICK ?     ? ? 
hydrog25 hydrog ?    ? A DT  13 O4    ? ? ? 1_555 B DA  3  N6 ? ? A DT  13 B DA  3   1_555 ? ? ? ? ? ? WATSON-CRICK ?     ? ? 
hydrog26 hydrog ?    ? A DG  14 N1    ? ? ? 1_555 B DC  2  N3 ? ? A DG  14 B DC  2   1_555 ? ? ? ? ? ? WATSON-CRICK ?     ? ? 
hydrog27 hydrog ?    ? A DG  14 N2    ? ? ? 1_555 B DC  2  O2 ? ? A DG  14 B DC  2   1_555 ? ? ? ? ? ? WATSON-CRICK ?     ? ? 
hydrog28 hydrog ?    ? A DG  14 O6    ? ? ? 1_555 B DC  2  N4 ? ? A DG  14 B DC  2   1_555 ? ? ? ? ? ? WATSON-CRICK ?     ? ? 
hydrog29 hydrog ?    ? A DG  15 N1    ? ? ? 1_555 B DC  1  N3 ? ? A DG  15 B DC  1   1_555 ? ? ? ? ? ? WATSON-CRICK ?     ? ? 
hydrog30 hydrog ?    ? A DG  15 N2    ? ? ? 1_555 B DC  1  O2 ? ? A DG  15 B DC  1   1_555 ? ? ? ? ? ? WATSON-CRICK ?     ? ? 
hydrog31 hydrog ?    ? A DG  15 O6    ? ? ? 1_555 B DC  1  N4 ? ? A DG  15 B DC  1   1_555 ? ? ? ? ? ? WATSON-CRICK ?     ? ? 
hydrog32 hydrog ?    ? A DA  16 N1    ? ? ? 1_555 D DT  7  N3 ? ? A DA  16 D DT  7   1_555 ? ? ? ? ? ? WATSON-CRICK ?     ? ? 
hydrog33 hydrog ?    ? A DA  16 N6    ? ? ? 1_555 D DT  7  O4 ? ? A DA  16 D DT  7   1_555 ? ? ? ? ? ? WATSON-CRICK ?     ? ? 
hydrog34 hydrog ?    ? A DC  17 N3    ? ? ? 1_555 D DG  6  N1 ? ? A DC  17 D DG  6   1_555 ? ? ? ? ? ? WATSON-CRICK ?     ? ? 
hydrog35 hydrog ?    ? A DC  17 N4    ? ? ? 1_555 D DG  6  O6 ? ? A DC  17 D DG  6   1_555 ? ? ? ? ? ? WATSON-CRICK ?     ? ? 
hydrog36 hydrog ?    ? A DC  17 O2    ? ? ? 1_555 D DG  6  N2 ? ? A DC  17 D DG  6   1_555 ? ? ? ? ? ? WATSON-CRICK ?     ? ? 
hydrog37 hydrog ?    ? A DA  18 N1    ? ? ? 1_555 D DT  5  N3 ? ? A DA  18 D DT  5   1_555 ? ? ? ? ? ? WATSON-CRICK ?     ? ? 
hydrog38 hydrog ?    ? A DA  18 N6    ? ? ? 1_555 D DT  5  O4 ? ? A DA  18 D DT  5   1_555 ? ? ? ? ? ? WATSON-CRICK ?     ? ? 
hydrog39 hydrog ?    ? A DT  19 N3    ? ? ? 1_555 D DA  4  N1 ? ? A DT  19 D DA  4   1_555 ? ? ? ? ? ? WATSON-CRICK ?     ? ? 
hydrog40 hydrog ?    ? A DT  19 O4    ? ? ? 1_555 D DA  4  N6 ? ? A DT  19 D DA  4   1_555 ? ? ? ? ? ? WATSON-CRICK ?     ? ? 
hydrog41 hydrog ?    ? A DC  20 N3    ? ? ? 1_555 D DG  3  N1 ? ? A DC  20 D DG  3   1_555 ? ? ? ? ? ? WATSON-CRICK ?     ? ? 
hydrog42 hydrog ?    ? A DC  20 N4    ? ? ? 1_555 D DG  3  O6 ? ? A DC  20 D DG  3   1_555 ? ? ? ? ? ? WATSON-CRICK ?     ? ? 
hydrog43 hydrog ?    ? A DC  20 O2    ? ? ? 1_555 D DG  3  N2 ? ? A DC  20 D DG  3   1_555 ? ? ? ? ? ? WATSON-CRICK ?     ? ? 
hydrog44 hydrog ?    ? A DA  21 N1    ? ? ? 1_555 D DT  2  N3 ? ? A DA  21 D DT  2   1_555 ? ? ? ? ? ? WATSON-CRICK ?     ? ? 
hydrog45 hydrog ?    ? A DA  21 N6    ? ? ? 1_555 D DT  2  O4 ? ? A DA  21 D DT  2   1_555 ? ? ? ? ? ? WATSON-CRICK ?     ? ? 
# 
loop_
_struct_conn_type.id 
_struct_conn_type.criteria 
_struct_conn_type.reference 
covale ? ? 
metalc ? ? 
hydrog ? ? 
# 
loop_
_pdbx_struct_conn_angle.id 
_pdbx_struct_conn_angle.ptnr1_label_atom_id 
_pdbx_struct_conn_angle.ptnr1_label_alt_id 
_pdbx_struct_conn_angle.ptnr1_label_asym_id 
_pdbx_struct_conn_angle.ptnr1_label_comp_id 
_pdbx_struct_conn_angle.ptnr1_label_seq_id 
_pdbx_struct_conn_angle.ptnr1_auth_atom_id 
_pdbx_struct_conn_angle.ptnr1_auth_asym_id 
_pdbx_struct_conn_angle.ptnr1_auth_comp_id 
_pdbx_struct_conn_angle.ptnr1_auth_seq_id 
_pdbx_struct_conn_angle.ptnr1_PDB_ins_code 
_pdbx_struct_conn_angle.ptnr1_symmetry 
_pdbx_struct_conn_angle.ptnr2_label_atom_id 
_pdbx_struct_conn_angle.ptnr2_label_alt_id 
_pdbx_struct_conn_angle.ptnr2_label_asym_id 
_pdbx_struct_conn_angle.ptnr2_label_comp_id 
_pdbx_struct_conn_angle.ptnr2_label_seq_id 
_pdbx_struct_conn_angle.ptnr2_auth_atom_id 
_pdbx_struct_conn_angle.ptnr2_auth_asym_id 
_pdbx_struct_conn_angle.ptnr2_auth_comp_id 
_pdbx_struct_conn_angle.ptnr2_auth_seq_id 
_pdbx_struct_conn_angle.ptnr2_PDB_ins_code 
_pdbx_struct_conn_angle.ptnr2_symmetry 
_pdbx_struct_conn_angle.ptnr3_label_atom_id 
_pdbx_struct_conn_angle.ptnr3_label_alt_id 
_pdbx_struct_conn_angle.ptnr3_label_asym_id 
_pdbx_struct_conn_angle.ptnr3_label_comp_id 
_pdbx_struct_conn_angle.ptnr3_label_seq_id 
_pdbx_struct_conn_angle.ptnr3_auth_atom_id 
_pdbx_struct_conn_angle.ptnr3_auth_asym_id 
_pdbx_struct_conn_angle.ptnr3_auth_comp_id 
_pdbx_struct_conn_angle.ptnr3_auth_seq_id 
_pdbx_struct_conn_angle.ptnr3_PDB_ins_code 
_pdbx_struct_conn_angle.ptnr3_symmetry 
_pdbx_struct_conn_angle.value 
_pdbx_struct_conn_angle.value_esd 
1 N4 ? A 5CM 12 ? A 5CM 12 ? 1_555 AG ? E AG . ? B AG 101 ? 1_555 N3 ? B 5CM 4 ? B 5CM 4 ? 1_555 136.0 ? 
2 N4 ? A 5CM 12 ? A 5CM 12 ? 1_555 AG ? E AG . ? B AG 101 ? 1_555 N4 ? B 5CM 4 ? B 5CM 4 ? 1_555 144.3 ? 
3 N3 ? B 5CM 4  ? B 5CM 4  ? 1_555 AG ? E AG . ? B AG 101 ? 1_555 N4 ? B 5CM 4 ? B 5CM 4 ? 1_555 73.6  ? 
# 
_pdbx_validate_rmsd_bond.id                        1 
_pdbx_validate_rmsd_bond.PDB_model_num             1 
_pdbx_validate_rmsd_bond.auth_atom_id_1            P 
_pdbx_validate_rmsd_bond.auth_asym_id_1            D 
_pdbx_validate_rmsd_bond.auth_comp_id_1            DC 
_pdbx_validate_rmsd_bond.auth_seq_id_1             1 
_pdbx_validate_rmsd_bond.PDB_ins_code_1            ? 
_pdbx_validate_rmsd_bond.label_alt_id_1            ? 
_pdbx_validate_rmsd_bond.auth_atom_id_2            OP3 
_pdbx_validate_rmsd_bond.auth_asym_id_2            D 
_pdbx_validate_rmsd_bond.auth_comp_id_2            DC 
_pdbx_validate_rmsd_bond.auth_seq_id_2             1 
_pdbx_validate_rmsd_bond.PDB_ins_code_2            ? 
_pdbx_validate_rmsd_bond.label_alt_id_2            ? 
_pdbx_validate_rmsd_bond.bond_value                1.480 
_pdbx_validate_rmsd_bond.bond_target_value         1.607 
_pdbx_validate_rmsd_bond.bond_deviation            -0.127 
_pdbx_validate_rmsd_bond.bond_standard_deviation   0.012 
_pdbx_validate_rmsd_bond.linker_flag               N 
# 
loop_
_pdbx_validate_rmsd_angle.id 
_pdbx_validate_rmsd_angle.PDB_model_num 
_pdbx_validate_rmsd_angle.auth_atom_id_1 
_pdbx_validate_rmsd_angle.auth_asym_id_1 
_pdbx_validate_rmsd_angle.auth_comp_id_1 
_pdbx_validate_rmsd_angle.auth_seq_id_1 
_pdbx_validate_rmsd_angle.PDB_ins_code_1 
_pdbx_validate_rmsd_angle.label_alt_id_1 
_pdbx_validate_rmsd_angle.auth_atom_id_2 
_pdbx_validate_rmsd_angle.auth_asym_id_2 
_pdbx_validate_rmsd_angle.auth_comp_id_2 
_pdbx_validate_rmsd_angle.auth_seq_id_2 
_pdbx_validate_rmsd_angle.PDB_ins_code_2 
_pdbx_validate_rmsd_angle.label_alt_id_2 
_pdbx_validate_rmsd_angle.auth_atom_id_3 
_pdbx_validate_rmsd_angle.auth_asym_id_3 
_pdbx_validate_rmsd_angle.auth_comp_id_3 
_pdbx_validate_rmsd_angle.auth_seq_id_3 
_pdbx_validate_rmsd_angle.PDB_ins_code_3 
_pdbx_validate_rmsd_angle.label_alt_id_3 
_pdbx_validate_rmsd_angle.angle_value 
_pdbx_validate_rmsd_angle.angle_target_value 
_pdbx_validate_rmsd_angle.angle_deviation 
_pdbx_validate_rmsd_angle.angle_standard_deviation 
_pdbx_validate_rmsd_angle.linker_flag 
1 1 "O4'" A DA 2  ? ? "C1'" A DA 2  ? ? N9 A DA 2  ? ? 111.55 108.30 3.25 0.30 N 
2 1 "O4'" A DC 7  ? ? "C1'" A DC 7  ? ? N1 A DC 7  ? ? 110.72 108.30 2.42 0.30 N 
3 1 "O4'" A DT 11 ? ? "C1'" A DT 11 ? ? N1 A DT 11 ? ? 112.74 108.30 4.44 0.30 N 
4 1 "O4'" B DA 7  ? ? "C1'" B DA 7  ? ? N9 B DA 7  ? ? 110.40 108.30 2.10 0.30 N 
5 1 "O4'" D DC 1  ? ? "C1'" D DC 1  ? ? N1 D DC 1  ? ? 110.79 108.30 2.49 0.30 N 
6 1 "O4'" D DG 3  ? ? "C1'" D DG 3  ? ? N9 D DG 3  ? ? 110.46 108.30 2.16 0.30 N 
# 
loop_
_space_group_symop.id 
_space_group_symop.operation_xyz 
1 x,y,z                 
2 -y,x-y,z              
3 -x+y,-x,z             
4 x+1/3,y+2/3,z+2/3     
5 -y+1/3,x-y+2/3,z+2/3  
6 -x+y+1/3,-x+2/3,z+2/3 
7 x+2/3,y+1/3,z+1/3     
8 -y+2/3,x-y+1/3,z+1/3  
9 -x+y+2/3,-x+1/3,z+1/3 
# 
_pdbx_entry_details.entry_id                 7SDJ 
_pdbx_entry_details.nonpolymer_details       ? 
_pdbx_entry_details.sequence_details         ? 
_pdbx_entry_details.compound_details         ? 
_pdbx_entry_details.source_details           ? 
_pdbx_entry_details.has_ligand_of_interest   Y 
# 
loop_
_chem_comp_atom.comp_id 
_chem_comp_atom.atom_id 
_chem_comp_atom.type_symbol 
_chem_comp_atom.pdbx_aromatic_flag 
_chem_comp_atom.pdbx_stereo_config 
_chem_comp_atom.pdbx_ordinal 
5CM N1     N  N N 1   
5CM C2     C  N N 2   
5CM N3     N  N N 3   
5CM C4     C  N N 4   
5CM C5     C  N N 5   
5CM C5A    C  N N 6   
5CM C6     C  N N 7   
5CM O2     O  N N 8   
5CM N4     N  N N 9   
5CM "C1'"  C  N R 10  
5CM "C2'"  C  N N 11  
5CM "C3'"  C  N S 12  
5CM "C4'"  C  N R 13  
5CM "O4'"  O  N N 14  
5CM "O3'"  O  N N 15  
5CM "C5'"  C  N N 16  
5CM "O5'"  O  N N 17  
5CM P      P  N N 18  
5CM OP1    O  N N 19  
5CM OP2    O  N N 20  
5CM OP3    O  N N 21  
5CM H5A1   H  N N 22  
5CM H5A2   H  N N 23  
5CM H5A3   H  N N 24  
5CM H6     H  N N 25  
5CM HN41   H  N N 26  
5CM HN42   H  N N 27  
5CM "H1'"  H  N N 28  
5CM "H2'"  H  N N 29  
5CM "H2''" H  N N 30  
5CM "H3'"  H  N N 31  
5CM "H4'"  H  N N 32  
5CM "HO3'" H  N N 33  
5CM "H5'"  H  N N 34  
5CM "H5''" H  N N 35  
5CM HOP2   H  N N 36  
5CM HOP3   H  N N 37  
AG  AG     AG N N 38  
DA  OP3    O  N N 39  
DA  P      P  N N 40  
DA  OP1    O  N N 41  
DA  OP2    O  N N 42  
DA  "O5'"  O  N N 43  
DA  "C5'"  C  N N 44  
DA  "C4'"  C  N R 45  
DA  "O4'"  O  N N 46  
DA  "C3'"  C  N S 47  
DA  "O3'"  O  N N 48  
DA  "C2'"  C  N N 49  
DA  "C1'"  C  N R 50  
DA  N9     N  Y N 51  
DA  C8     C  Y N 52  
DA  N7     N  Y N 53  
DA  C5     C  Y N 54  
DA  C6     C  Y N 55  
DA  N6     N  N N 56  
DA  N1     N  Y N 57  
DA  C2     C  Y N 58  
DA  N3     N  Y N 59  
DA  C4     C  Y N 60  
DA  HOP3   H  N N 61  
DA  HOP2   H  N N 62  
DA  "H5'"  H  N N 63  
DA  "H5''" H  N N 64  
DA  "H4'"  H  N N 65  
DA  "H3'"  H  N N 66  
DA  "HO3'" H  N N 67  
DA  "H2'"  H  N N 68  
DA  "H2''" H  N N 69  
DA  "H1'"  H  N N 70  
DA  H8     H  N N 71  
DA  H61    H  N N 72  
DA  H62    H  N N 73  
DA  H2     H  N N 74  
DC  OP3    O  N N 75  
DC  P      P  N N 76  
DC  OP1    O  N N 77  
DC  OP2    O  N N 78  
DC  "O5'"  O  N N 79  
DC  "C5'"  C  N N 80  
DC  "C4'"  C  N R 81  
DC  "O4'"  O  N N 82  
DC  "C3'"  C  N S 83  
DC  "O3'"  O  N N 84  
DC  "C2'"  C  N N 85  
DC  "C1'"  C  N R 86  
DC  N1     N  N N 87  
DC  C2     C  N N 88  
DC  O2     O  N N 89  
DC  N3     N  N N 90  
DC  C4     C  N N 91  
DC  N4     N  N N 92  
DC  C5     C  N N 93  
DC  C6     C  N N 94  
DC  HOP3   H  N N 95  
DC  HOP2   H  N N 96  
DC  "H5'"  H  N N 97  
DC  "H5''" H  N N 98  
DC  "H4'"  H  N N 99  
DC  "H3'"  H  N N 100 
DC  "HO3'" H  N N 101 
DC  "H2'"  H  N N 102 
DC  "H2''" H  N N 103 
DC  "H1'"  H  N N 104 
DC  H41    H  N N 105 
DC  H42    H  N N 106 
DC  H5     H  N N 107 
DC  H6     H  N N 108 
DG  OP3    O  N N 109 
DG  P      P  N N 110 
DG  OP1    O  N N 111 
DG  OP2    O  N N 112 
DG  "O5'"  O  N N 113 
DG  "C5'"  C  N N 114 
DG  "C4'"  C  N R 115 
DG  "O4'"  O  N N 116 
DG  "C3'"  C  N S 117 
DG  "O3'"  O  N N 118 
DG  "C2'"  C  N N 119 
DG  "C1'"  C  N R 120 
DG  N9     N  Y N 121 
DG  C8     C  Y N 122 
DG  N7     N  Y N 123 
DG  C5     C  Y N 124 
DG  C6     C  N N 125 
DG  O6     O  N N 126 
DG  N1     N  N N 127 
DG  C2     C  N N 128 
DG  N2     N  N N 129 
DG  N3     N  N N 130 
DG  C4     C  Y N 131 
DG  HOP3   H  N N 132 
DG  HOP2   H  N N 133 
DG  "H5'"  H  N N 134 
DG  "H5''" H  N N 135 
DG  "H4'"  H  N N 136 
DG  "H3'"  H  N N 137 
DG  "HO3'" H  N N 138 
DG  "H2'"  H  N N 139 
DG  "H2''" H  N N 140 
DG  "H1'"  H  N N 141 
DG  H8     H  N N 142 
DG  H1     H  N N 143 
DG  H21    H  N N 144 
DG  H22    H  N N 145 
DT  OP3    O  N N 146 
DT  P      P  N N 147 
DT  OP1    O  N N 148 
DT  OP2    O  N N 149 
DT  "O5'"  O  N N 150 
DT  "C5'"  C  N N 151 
DT  "C4'"  C  N R 152 
DT  "O4'"  O  N N 153 
DT  "C3'"  C  N S 154 
DT  "O3'"  O  N N 155 
DT  "C2'"  C  N N 156 
DT  "C1'"  C  N R 157 
DT  N1     N  N N 158 
DT  C2     C  N N 159 
DT  O2     O  N N 160 
DT  N3     N  N N 161 
DT  C4     C  N N 162 
DT  O4     O  N N 163 
DT  C5     C  N N 164 
DT  C7     C  N N 165 
DT  C6     C  N N 166 
DT  HOP3   H  N N 167 
DT  HOP2   H  N N 168 
DT  "H5'"  H  N N 169 
DT  "H5''" H  N N 170 
DT  "H4'"  H  N N 171 
DT  "H3'"  H  N N 172 
DT  "HO3'" H  N N 173 
DT  "H2'"  H  N N 174 
DT  "H2''" H  N N 175 
DT  "H1'"  H  N N 176 
DT  H3     H  N N 177 
DT  H71    H  N N 178 
DT  H72    H  N N 179 
DT  H73    H  N N 180 
DT  H6     H  N N 181 
# 
loop_
_chem_comp_bond.comp_id 
_chem_comp_bond.atom_id_1 
_chem_comp_bond.atom_id_2 
_chem_comp_bond.value_order 
_chem_comp_bond.pdbx_aromatic_flag 
_chem_comp_bond.pdbx_stereo_config 
_chem_comp_bond.pdbx_ordinal 
5CM N1    C2     sing N N 1   
5CM N1    C6     sing N N 2   
5CM N1    "C1'"  sing N N 3   
5CM C2    N3     sing N N 4   
5CM C2    O2     doub N N 5   
5CM N3    C4     doub N N 6   
5CM C4    C5     sing N N 7   
5CM C4    N4     sing N N 8   
5CM C5    C5A    sing N N 9   
5CM C5    C6     doub N N 10  
5CM C5A   H5A1   sing N N 11  
5CM C5A   H5A2   sing N N 12  
5CM C5A   H5A3   sing N N 13  
5CM C6    H6     sing N N 14  
5CM N4    HN41   sing N N 15  
5CM N4    HN42   sing N N 16  
5CM "C1'" "C2'"  sing N N 17  
5CM "C1'" "O4'"  sing N N 18  
5CM "C1'" "H1'"  sing N N 19  
5CM "C2'" "C3'"  sing N N 20  
5CM "C2'" "H2'"  sing N N 21  
5CM "C2'" "H2''" sing N N 22  
5CM "C3'" "C4'"  sing N N 23  
5CM "C3'" "O3'"  sing N N 24  
5CM "C3'" "H3'"  sing N N 25  
5CM "C4'" "O4'"  sing N N 26  
5CM "C4'" "C5'"  sing N N 27  
5CM "C4'" "H4'"  sing N N 28  
5CM "O3'" "HO3'" sing N N 29  
5CM "C5'" "O5'"  sing N N 30  
5CM "C5'" "H5'"  sing N N 31  
5CM "C5'" "H5''" sing N N 32  
5CM "O5'" P      sing N N 33  
5CM P     OP1    doub N N 34  
5CM P     OP2    sing N N 35  
5CM P     OP3    sing N N 36  
5CM OP2   HOP2   sing N N 37  
5CM OP3   HOP3   sing N N 38  
DA  OP3   P      sing N N 39  
DA  OP3   HOP3   sing N N 40  
DA  P     OP1    doub N N 41  
DA  P     OP2    sing N N 42  
DA  P     "O5'"  sing N N 43  
DA  OP2   HOP2   sing N N 44  
DA  "O5'" "C5'"  sing N N 45  
DA  "C5'" "C4'"  sing N N 46  
DA  "C5'" "H5'"  sing N N 47  
DA  "C5'" "H5''" sing N N 48  
DA  "C4'" "O4'"  sing N N 49  
DA  "C4'" "C3'"  sing N N 50  
DA  "C4'" "H4'"  sing N N 51  
DA  "O4'" "C1'"  sing N N 52  
DA  "C3'" "O3'"  sing N N 53  
DA  "C3'" "C2'"  sing N N 54  
DA  "C3'" "H3'"  sing N N 55  
DA  "O3'" "HO3'" sing N N 56  
DA  "C2'" "C1'"  sing N N 57  
DA  "C2'" "H2'"  sing N N 58  
DA  "C2'" "H2''" sing N N 59  
DA  "C1'" N9     sing N N 60  
DA  "C1'" "H1'"  sing N N 61  
DA  N9    C8     sing Y N 62  
DA  N9    C4     sing Y N 63  
DA  C8    N7     doub Y N 64  
DA  C8    H8     sing N N 65  
DA  N7    C5     sing Y N 66  
DA  C5    C6     sing Y N 67  
DA  C5    C4     doub Y N 68  
DA  C6    N6     sing N N 69  
DA  C6    N1     doub Y N 70  
DA  N6    H61    sing N N 71  
DA  N6    H62    sing N N 72  
DA  N1    C2     sing Y N 73  
DA  C2    N3     doub Y N 74  
DA  C2    H2     sing N N 75  
DA  N3    C4     sing Y N 76  
DC  OP3   P      sing N N 77  
DC  OP3   HOP3   sing N N 78  
DC  P     OP1    doub N N 79  
DC  P     OP2    sing N N 80  
DC  P     "O5'"  sing N N 81  
DC  OP2   HOP2   sing N N 82  
DC  "O5'" "C5'"  sing N N 83  
DC  "C5'" "C4'"  sing N N 84  
DC  "C5'" "H5'"  sing N N 85  
DC  "C5'" "H5''" sing N N 86  
DC  "C4'" "O4'"  sing N N 87  
DC  "C4'" "C3'"  sing N N 88  
DC  "C4'" "H4'"  sing N N 89  
DC  "O4'" "C1'"  sing N N 90  
DC  "C3'" "O3'"  sing N N 91  
DC  "C3'" "C2'"  sing N N 92  
DC  "C3'" "H3'"  sing N N 93  
DC  "O3'" "HO3'" sing N N 94  
DC  "C2'" "C1'"  sing N N 95  
DC  "C2'" "H2'"  sing N N 96  
DC  "C2'" "H2''" sing N N 97  
DC  "C1'" N1     sing N N 98  
DC  "C1'" "H1'"  sing N N 99  
DC  N1    C2     sing N N 100 
DC  N1    C6     sing N N 101 
DC  C2    O2     doub N N 102 
DC  C2    N3     sing N N 103 
DC  N3    C4     doub N N 104 
DC  C4    N4     sing N N 105 
DC  C4    C5     sing N N 106 
DC  N4    H41    sing N N 107 
DC  N4    H42    sing N N 108 
DC  C5    C6     doub N N 109 
DC  C5    H5     sing N N 110 
DC  C6    H6     sing N N 111 
DG  OP3   P      sing N N 112 
DG  OP3   HOP3   sing N N 113 
DG  P     OP1    doub N N 114 
DG  P     OP2    sing N N 115 
DG  P     "O5'"  sing N N 116 
DG  OP2   HOP2   sing N N 117 
DG  "O5'" "C5'"  sing N N 118 
DG  "C5'" "C4'"  sing N N 119 
DG  "C5'" "H5'"  sing N N 120 
DG  "C5'" "H5''" sing N N 121 
DG  "C4'" "O4'"  sing N N 122 
DG  "C4'" "C3'"  sing N N 123 
DG  "C4'" "H4'"  sing N N 124 
DG  "O4'" "C1'"  sing N N 125 
DG  "C3'" "O3'"  sing N N 126 
DG  "C3'" "C2'"  sing N N 127 
DG  "C3'" "H3'"  sing N N 128 
DG  "O3'" "HO3'" sing N N 129 
DG  "C2'" "C1'"  sing N N 130 
DG  "C2'" "H2'"  sing N N 131 
DG  "C2'" "H2''" sing N N 132 
DG  "C1'" N9     sing N N 133 
DG  "C1'" "H1'"  sing N N 134 
DG  N9    C8     sing Y N 135 
DG  N9    C4     sing Y N 136 
DG  C8    N7     doub Y N 137 
DG  C8    H8     sing N N 138 
DG  N7    C5     sing Y N 139 
DG  C5    C6     sing N N 140 
DG  C5    C4     doub Y N 141 
DG  C6    O6     doub N N 142 
DG  C6    N1     sing N N 143 
DG  N1    C2     sing N N 144 
DG  N1    H1     sing N N 145 
DG  C2    N2     sing N N 146 
DG  C2    N3     doub N N 147 
DG  N2    H21    sing N N 148 
DG  N2    H22    sing N N 149 
DG  N3    C4     sing N N 150 
DT  OP3   P      sing N N 151 
DT  OP3   HOP3   sing N N 152 
DT  P     OP1    doub N N 153 
DT  P     OP2    sing N N 154 
DT  P     "O5'"  sing N N 155 
DT  OP2   HOP2   sing N N 156 
DT  "O5'" "C5'"  sing N N 157 
DT  "C5'" "C4'"  sing N N 158 
DT  "C5'" "H5'"  sing N N 159 
DT  "C5'" "H5''" sing N N 160 
DT  "C4'" "O4'"  sing N N 161 
DT  "C4'" "C3'"  sing N N 162 
DT  "C4'" "H4'"  sing N N 163 
DT  "O4'" "C1'"  sing N N 164 
DT  "C3'" "O3'"  sing N N 165 
DT  "C3'" "C2'"  sing N N 166 
DT  "C3'" "H3'"  sing N N 167 
DT  "O3'" "HO3'" sing N N 168 
DT  "C2'" "C1'"  sing N N 169 
DT  "C2'" "H2'"  sing N N 170 
DT  "C2'" "H2''" sing N N 171 
DT  "C1'" N1     sing N N 172 
DT  "C1'" "H1'"  sing N N 173 
DT  N1    C2     sing N N 174 
DT  N1    C6     sing N N 175 
DT  C2    O2     doub N N 176 
DT  C2    N3     sing N N 177 
DT  N3    C4     sing N N 178 
DT  N3    H3     sing N N 179 
DT  C4    O4     doub N N 180 
DT  C4    C5     sing N N 181 
DT  C5    C7     sing N N 182 
DT  C5    C6     doub N N 183 
DT  C7    H71    sing N N 184 
DT  C7    H72    sing N N 185 
DT  C7    H73    sing N N 186 
DT  C6    H6     sing N N 187 
# 
loop_
_ndb_struct_conf_na.entry_id 
_ndb_struct_conf_na.feature 
7SDJ 'double helix'        
7SDJ 'a-form double helix' 
7SDJ 'b-form double helix' 
# 
loop_
_ndb_struct_na_base_pair.model_number 
_ndb_struct_na_base_pair.i_label_asym_id 
_ndb_struct_na_base_pair.i_label_comp_id 
_ndb_struct_na_base_pair.i_label_seq_id 
_ndb_struct_na_base_pair.i_symmetry 
_ndb_struct_na_base_pair.j_label_asym_id 
_ndb_struct_na_base_pair.j_label_comp_id 
_ndb_struct_na_base_pair.j_label_seq_id 
_ndb_struct_na_base_pair.j_symmetry 
_ndb_struct_na_base_pair.shear 
_ndb_struct_na_base_pair.stretch 
_ndb_struct_na_base_pair.stagger 
_ndb_struct_na_base_pair.buckle 
_ndb_struct_na_base_pair.propeller 
_ndb_struct_na_base_pair.opening 
_ndb_struct_na_base_pair.pair_number 
_ndb_struct_na_base_pair.pair_name 
_ndb_struct_na_base_pair.i_auth_asym_id 
_ndb_struct_na_base_pair.i_auth_seq_id 
_ndb_struct_na_base_pair.i_PDB_ins_code 
_ndb_struct_na_base_pair.j_auth_asym_id 
_ndb_struct_na_base_pair.j_auth_seq_id 
_ndb_struct_na_base_pair.j_PDB_ins_code 
_ndb_struct_na_base_pair.hbond_type_28 
_ndb_struct_na_base_pair.hbond_type_12 
1 A DA 2  1_555 C DT 7 1_555 0.480  0.305  -1.038 -2.383  -4.141  -12.774 1  A_DA2:DT14_C A 2  ? C 14 ? 20 1 
1 A DG 3  1_555 C DC 6 1_555 -0.189 -0.133 -0.543 -2.721  -3.043  0.565   2  A_DG3:DC13_C A 3  ? C 13 ? 19 1 
1 A DC 4  1_555 C DG 5 1_555 0.235  0.769  -0.199 -0.525  -12.719 -7.444  3  A_DC4:DG12_C A 4  ? C 12 ? ?  ? 
1 A DA 5  1_555 C DT 4 1_555 0.163  -0.115 0.599  2.794   -3.474  -6.455  4  A_DA5:DT11_C A 5  ? C 11 ? 20 1 
1 A DG 6  1_555 C DC 3 1_555 -0.070 -0.275 0.970  6.393   -8.643  -3.687  5  A_DG6:DC10_C A 6  ? C 10 ? 19 1 
1 A DC 7  1_555 C DG 2 1_555 0.228  -0.360 1.039  5.528   -4.970  1.911   6  A_DC7:DG9_C  A 7  ? C 9  ? 19 1 
1 A DC 8  1_555 C DG 1 1_555 0.072  -0.309 0.903  -3.348  -10.846 -4.450  7  A_DC8:DG8_C  A 8  ? C 8  ? 19 1 
1 A DT 9  1_555 B DA 7 1_555 -0.376 -0.474 1.360  -0.423  -10.585 -6.702  8  A_DT9:DA7_B  A 9  ? B 7  ? 20 1 
1 A DG 10 1_555 B DC 6 1_555 -0.322 -0.136 -0.089 -14.325 -16.905 3.105   9  A_DG10:DC6_B A 10 ? B 6  ? 19 1 
1 A DT 11 1_555 B DA 5 1_555 -2.033 0.472  0.323  -4.906  -5.691  1.978   10 A_DT11:DA5_B A 11 ? B 5  ? ?  ? 
1 A DT 13 1_555 B DA 3 1_555 -0.212 -0.237 0.157  -0.642  -3.772  10.198  11 A_DT13:DA3_B A 13 ? B 3  ? 20 1 
1 A DG 14 1_555 B DC 2 1_555 -0.186 -0.171 0.527  2.013   -6.966  -6.633  12 A_DG14:DC2_B A 14 ? B 2  ? 19 1 
1 A DG 15 1_555 B DC 1 1_555 -0.228 -0.323 -0.715 -3.164  -7.028  0.586   13 A_DG15:DC1_B A 15 ? B 1  ? 19 1 
1 A DA 16 1_555 D DT 7 1_555 0.228  -0.383 1.128  5.542   -11.661 -8.067  14 A_DA16:DT7_D A 16 ? D 7  ? 20 1 
1 A DC 17 1_555 D DG 6 1_555 0.192  -0.178 0.624  -2.775  -5.096  -0.519  15 A_DC17:DG6_D A 17 ? D 6  ? 19 1 
1 A DA 18 1_555 D DT 5 1_555 0.132  -0.145 0.185  -4.982  -3.022  -1.801  16 A_DA18:DT5_D A 18 ? D 5  ? 20 1 
1 A DT 19 1_555 D DA 4 1_555 -0.154 -0.066 0.372  -1.820  -4.606  -3.889  17 A_DT19:DA4_D A 19 ? D 4  ? 20 1 
1 A DC 20 1_555 D DG 3 1_555 0.166  -0.135 -0.081 -3.504  -9.208  2.126   18 A_DC20:DG3_D A 20 ? D 3  ? 19 1 
1 A DA 21 1_555 D DT 2 1_555 0.051  -0.133 -0.384 -4.539  -3.863  0.169   19 A_DA21:DT2_D A 21 ? D 2  ? 20 1 
# 
loop_
_ndb_struct_na_base_pair_step.model_number 
_ndb_struct_na_base_pair_step.i_label_asym_id_1 
_ndb_struct_na_base_pair_step.i_label_comp_id_1 
_ndb_struct_na_base_pair_step.i_label_seq_id_1 
_ndb_struct_na_base_pair_step.i_symmetry_1 
_ndb_struct_na_base_pair_step.j_label_asym_id_1 
_ndb_struct_na_base_pair_step.j_label_comp_id_1 
_ndb_struct_na_base_pair_step.j_label_seq_id_1 
_ndb_struct_na_base_pair_step.j_symmetry_1 
_ndb_struct_na_base_pair_step.i_label_asym_id_2 
_ndb_struct_na_base_pair_step.i_label_comp_id_2 
_ndb_struct_na_base_pair_step.i_label_seq_id_2 
_ndb_struct_na_base_pair_step.i_symmetry_2 
_ndb_struct_na_base_pair_step.j_label_asym_id_2 
_ndb_struct_na_base_pair_step.j_label_comp_id_2 
_ndb_struct_na_base_pair_step.j_label_seq_id_2 
_ndb_struct_na_base_pair_step.j_symmetry_2 
_ndb_struct_na_base_pair_step.shift 
_ndb_struct_na_base_pair_step.slide 
_ndb_struct_na_base_pair_step.rise 
_ndb_struct_na_base_pair_step.tilt 
_ndb_struct_na_base_pair_step.roll 
_ndb_struct_na_base_pair_step.twist 
_ndb_struct_na_base_pair_step.x_displacement 
_ndb_struct_na_base_pair_step.y_displacement 
_ndb_struct_na_base_pair_step.helical_rise 
_ndb_struct_na_base_pair_step.inclination 
_ndb_struct_na_base_pair_step.tip 
_ndb_struct_na_base_pair_step.helical_twist 
_ndb_struct_na_base_pair_step.step_number 
_ndb_struct_na_base_pair_step.step_name 
_ndb_struct_na_base_pair_step.i_auth_asym_id_1 
_ndb_struct_na_base_pair_step.i_auth_seq_id_1 
_ndb_struct_na_base_pair_step.i_PDB_ins_code_1 
_ndb_struct_na_base_pair_step.j_auth_asym_id_1 
_ndb_struct_na_base_pair_step.j_auth_seq_id_1 
_ndb_struct_na_base_pair_step.j_PDB_ins_code_1 
_ndb_struct_na_base_pair_step.i_auth_asym_id_2 
_ndb_struct_na_base_pair_step.i_auth_seq_id_2 
_ndb_struct_na_base_pair_step.i_PDB_ins_code_2 
_ndb_struct_na_base_pair_step.j_auth_asym_id_2 
_ndb_struct_na_base_pair_step.j_auth_seq_id_2 
_ndb_struct_na_base_pair_step.j_PDB_ins_code_2 
1 A DA 2  1_555 C DT 7 1_555 A DG 3  1_555 C DC 6 1_555 0.220  -0.448 3.431 -7.958  11.473  37.041 -2.049 -1.288 3.057 17.323  
12.016 39.499 1  AA_DA2DG3:DC13DT14_CC A 2  ? C 14 ? A 3  ? C 13 ? 
1 A DG 3  1_555 C DC 6 1_555 A DC 4  1_555 C DG 5 1_555 -0.375 -1.221 3.245 -1.383  -7.203  28.791 -0.806 0.429  3.456 -14.197 
2.725  29.691 2  AA_DG3DC4:DG12DC13_CC A 3  ? C 13 ? A 4  ? C 12 ? 
1 A DC 4  1_555 C DG 5 1_555 A DA 5  1_555 C DT 4 1_555 -0.540 -0.441 3.082 -8.914  16.083  38.283 -2.158 -0.110 2.748 22.978  
12.737 42.320 3  AA_DC4DA5:DT11DG12_CC A 4  ? C 12 ? A 5  ? C 11 ? 
1 A DA 5  1_555 C DT 4 1_555 A DG 6  1_555 C DC 3 1_555 -0.341 -1.787 3.161 -12.938 9.350   30.410 -4.379 -1.284 2.464 16.476  
22.799 34.258 4  AA_DA5DG6:DC10DT11_CC A 5  ? C 11 ? A 6  ? C 10 ? 
1 A DG 6  1_555 C DC 3 1_555 A DC 7  1_555 C DG 2 1_555 0.496  -1.648 3.335 -5.479  -5.260  27.491 -2.082 -2.325 3.424 -10.810 
11.259 28.501 5  AA_DG6DC7:DG9DC10_CC  A 6  ? C 10 ? A 7  ? C 9  ? 
1 A DC 7  1_555 C DG 2 1_555 A DC 8  1_555 C DG 1 1_555 -0.465 -0.689 3.378 -1.373  -11.005 43.974 0.145  0.474  3.457 -14.426 
1.799  45.284 6  AA_DC7DC8:DG8DG9_CC   A 7  ? C 9  ? A 8  ? C 8  ? 
1 A DC 8  1_555 C DG 1 1_555 A DT 9  1_555 B DA 7 1_555 -2.139 -0.209 3.703 -2.176  -14.926 23.090 3.893  3.864  3.394 -33.135 
4.830  27.524 7  AA_DC8DT9:DA7DG8_BC   A 8  ? C 8  ? A 9  ? B 7  ? 
1 A DT 9  1_555 B DA 7 1_555 A DG 10 1_555 B DC 6 1_555 -0.441 -0.806 3.578 3.528   22.655  27.526 -4.639 1.238  2.234 39.963  
-6.224 35.682 8  AA_DT9DG10:DC6DA7_BB  A 9  ? B 7  ? A 10 ? B 6  ? 
1 A DG 10 1_555 B DC 6 1_555 A DT 11 1_555 B DA 5 1_555 0.007  0.415  3.260 1.532   -3.950  26.811 1.867  0.367  3.162 -8.452  
-3.278 27.137 9  AA_DG10DT11:DA5DC6_BB A 10 ? B 6  ? A 11 ? B 5  ? 
1 A DT 11 1_555 B DA 5 1_555 A DT 13 1_555 B DA 3 1_555 -0.465 0.380  6.199 -3.028  12.249  76.704 -0.361 0.207  6.206 9.807   
2.425  77.577 10 AA_DT11DT13:DA3DA5_BB A 11 ? B 5  ? A 13 ? B 3  ? 
1 A DT 13 1_555 B DA 3 1_555 A DG 14 1_555 B DC 2 1_555 -1.504 2.865  3.492 -12.574 -8.870  49.247 3.939  0.827  3.233 -10.356 
14.680 51.452 11 AA_DT13DG14:DC2DA3_BB A 13 ? B 3  ? A 14 ? B 2  ? 
1 A DG 14 1_555 B DC 2 1_555 A DG 15 1_555 B DC 1 1_555 0.320  0.675  3.755 -2.069  11.757  40.092 -0.507 -0.705 3.778 16.706  
2.940  41.761 12 AA_DG14DG15:DC1DC2_BB A 14 ? B 2  ? A 15 ? B 1  ? 
1 A DG 15 1_555 B DC 1 1_555 A DA 16 1_555 D DT 7 1_555 -2.006 -0.876 3.008 -22.409 -10.769 23.499 0.598  -0.931 3.663 -20.473 
42.604 34.082 13 AA_DG15DA16:DT7DC1_DB A 15 ? B 1  ? A 16 ? D 7  ? 
1 A DA 16 1_555 D DT 7 1_555 A DC 17 1_555 D DG 6 1_555 0.424  -1.214 3.473 1.934   -4.858  30.073 -1.249 -0.385 3.639 -9.274  
-3.693 30.514 14 AA_DA16DC17:DG6DT7_DD A 16 ? D 7  ? A 17 ? D 6  ? 
1 A DC 17 1_555 D DG 6 1_555 A DA 18 1_555 D DT 5 1_555 -0.496 0.016  3.205 0.751   -5.468  37.756 0.701  0.851  3.162 -8.394  
-1.153 38.142 15 AA_DC17DA18:DT5DG6_DD A 17 ? D 6  ? A 18 ? D 5  ? 
1 A DA 18 1_555 D DT 5 1_555 A DT 19 1_555 D DA 4 1_555 0.177  -0.922 3.262 -0.818  -0.836  34.349 -1.431 -0.427 3.278 -1.415  
1.385  34.368 16 AA_DA18DT19:DA4DT5_DD A 18 ? D 5  ? A 19 ? D 4  ? 
1 A DT 19 1_555 D DA 4 1_555 A DC 20 1_555 D DG 3 1_555 0.677  0.377  3.190 5.886   -8.902  42.168 1.354  -0.356 3.114 -12.140 
-8.027 43.437 17 AA_DT19DC20:DG3DA4_DD A 19 ? D 4  ? A 20 ? D 3  ? 
1 A DC 20 1_555 D DG 3 1_555 A DA 21 1_555 D DT 2 1_555 -0.548 -0.571 3.167 -1.451  11.571  31.507 -2.783 0.724  2.811 20.452  
2.564  33.544 18 AA_DC20DA21:DT2DG3_DD A 20 ? D 3  ? A 21 ? D 2  ? 
# 
loop_
_pdbx_audit_support.funding_organization 
_pdbx_audit_support.country 
_pdbx_audit_support.grant_number 
_pdbx_audit_support.ordinal 
'Office of Naval Research (ONR)'                                 'United States' N000141912596                      1 
'Department of Energy (DOE, United States)'                      'United States' DE-SC0007991                       2 
'National Science Foundation (NSF, United States)'               'United States' 2106790                            3 
'Human Frontier Science Program (HFSP)'                          'United States' RPG0010/2017                       4 
'National Science Foundation (NSF, United States)'               'United States' DMR-1420073                        5 
'National Aeronautic Space Administration (NASA, United States)' 'United States' '2020 NASA Center Innovation Fund' 6 
# 
_pdbx_entity_instance_feature.ordinal        1 
_pdbx_entity_instance_feature.comp_id        AG 
_pdbx_entity_instance_feature.asym_id        ? 
_pdbx_entity_instance_feature.seq_num        ? 
_pdbx_entity_instance_feature.auth_comp_id   AG 
_pdbx_entity_instance_feature.auth_asym_id   ? 
_pdbx_entity_instance_feature.auth_seq_num   ? 
_pdbx_entity_instance_feature.feature_type   'SUBJECT OF INVESTIGATION' 
_pdbx_entity_instance_feature.details        ? 
# 
_space_group.name_H-M_alt     'R 3 :H' 
_space_group.name_Hall        'R 3' 
_space_group.IT_number        146 
_space_group.crystal_system   trigonal 
_space_group.id               1 
# 
_atom_sites.entry_id                    7SDJ 
_atom_sites.Cartn_transf_matrix[1][1]   ? 
_atom_sites.Cartn_transf_matrix[1][2]   ? 
_atom_sites.Cartn_transf_matrix[1][3]   ? 
_atom_sites.Cartn_transf_matrix[2][1]   ? 
_atom_sites.Cartn_transf_matrix[2][2]   ? 
_atom_sites.Cartn_transf_matrix[2][3]   ? 
_atom_sites.Cartn_transf_matrix[3][1]   ? 
_atom_sites.Cartn_transf_matrix[3][2]   ? 
_atom_sites.Cartn_transf_matrix[3][3]   ? 
_atom_sites.Cartn_transf_vector[1]      ? 
_atom_sites.Cartn_transf_vector[2]      ? 
_atom_sites.Cartn_transf_vector[3]      ? 
_atom_sites.fract_transf_matrix[1][1]   0.00715891 
_atom_sites.fract_transf_matrix[1][2]   -0.00370117 
_atom_sites.fract_transf_matrix[1][3]   -0.00748766 
_atom_sites.fract_transf_matrix[2][1]   -0.00206122 
_atom_sites.fract_transf_matrix[2][2]   -0.00934019 
_atom_sites.fract_transf_matrix[2][3]   -0.00543454 
_atom_sites.fract_transf_matrix[3][1]   -0.00518155 
_atom_sites.fract_transf_matrix[3][2]   0.00565133 
_atom_sites.fract_transf_matrix[3][3]   -0.00774752 
_atom_sites.fract_transf_vector[1]      0.127525 
_atom_sites.fract_transf_vector[2]      0.151921 
_atom_sites.fract_transf_vector[3]      -0.051403 
_atom_sites.solution_primary            ? 
_atom_sites.solution_secondary          ? 
_atom_sites.solution_hydrogens          ? 
_atom_sites.special_details             ? 
# 
loop_
_atom_type.symbol 
_atom_type.scat_dispersion_real 
_atom_type.scat_dispersion_imag 
_atom_type.scat_Cromer_Mann_a1 
_atom_type.scat_Cromer_Mann_a2 
_atom_type.scat_Cromer_Mann_a3 
_atom_type.scat_Cromer_Mann_a4 
_atom_type.scat_Cromer_Mann_b1 
_atom_type.scat_Cromer_Mann_b2 
_atom_type.scat_Cromer_Mann_b3 
_atom_type.scat_Cromer_Mann_b4 
_atom_type.scat_Cromer_Mann_c 
_atom_type.scat_source 
_atom_type.scat_dispersion_source 
AG ? ? 46.70359 ? ? ? 5.43095  ? ? ? 0.0 
;1-Gaussian fit: Grosse-Kunstleve RW, Sauter NK, Adams PD: Newsletter of the IUCr Commission on Crystallographic Computing 2004, 3, 22-31.
;
? 
C  ? ? 5.96793  ? ? ? 14.89577 ? ? ? 0.0 
;1-Gaussian fit: Grosse-Kunstleve RW, Sauter NK, Adams PD: Newsletter of the IUCr Commission on Crystallographic Computing 2004, 3, 22-31.
;
? 
N  ? ? 6.96715  ? ? ? 11.43723 ? ? ? 0.0 
;1-Gaussian fit: Grosse-Kunstleve RW, Sauter NK, Adams PD: Newsletter of the IUCr Commission on Crystallographic Computing 2004, 3, 22-31.
;
? 
O  ? ? 7.96527  ? ? ? 9.05267  ? ? ? 0.0 
;1-Gaussian fit: Grosse-Kunstleve RW, Sauter NK, Adams PD: Newsletter of the IUCr Commission on Crystallographic Computing 2004, 3, 22-31.
;
? 
P  ? ? 14.90797 ? ? ? 11.91318 ? ? ? 0.0 
;1-Gaussian fit: Grosse-Kunstleve RW, Sauter NK, Adams PD: Newsletter of the IUCr Commission on Crystallographic Computing 2004, 3, 22-31.
;
? 
# 
loop_
_atom_site.group_PDB 
_atom_site.id 
_atom_site.type_symbol 
_atom_site.label_atom_id 
_atom_site.label_alt_id 
_atom_site.label_comp_id 
_atom_site.label_asym_id 
_atom_site.label_entity_id 
_atom_site.label_seq_id 
_atom_site.pdbx_PDB_ins_code 
_atom_site.Cartn_x 
_atom_site.Cartn_y 
_atom_site.Cartn_z 
_atom_site.occupancy 
_atom_site.B_iso_or_equiv 
_atom_site.pdbx_formal_charge 
_atom_site.auth_seq_id 
_atom_site.auth_comp_id 
_atom_site.auth_asym_id 
_atom_site.auth_atom_id 
_atom_site.pdbx_PDB_model_num 
ATOM   1   O  "O5'" . DG  A 1 1  ? -29.77600 -3.53433  -1.59167  1.000 359.76000 ? 1   DG  A "O5'" 1 
ATOM   2   C  "C5'" . DG  A 1 1  ? -30.73410 -3.10068  -0.63028  1.000 303.92000 ? 1   DG  A "C5'" 1 
ATOM   3   C  "C4'" . DG  A 1 1  ? -31.63763 -4.24722  -0.21289  1.000 281.09000 ? 1   DG  A "C4'" 1 
ATOM   4   O  "O4'" . DG  A 1 1  ? -32.33616 -4.74845  -1.36379  1.000 289.83000 ? 1   DG  A "O4'" 1 
ATOM   5   C  "C3'" . DG  A 1 1  ? -30.91859 -5.46023  0.33949   1.000 287.49000 ? 1   DG  A "C3'" 1 
ATOM   6   O  "O3'" . DG  A 1 1  ? -30.69776 -5.29670  1.72819   1.000 289.78000 ? 1   DG  A "O3'" 1 
ATOM   7   C  "C2'" . DG  A 1 1  ? -31.90455 -6.60009  0.06381   1.000 283.23000 ? 1   DG  A "C2'" 1 
ATOM   8   C  "C1'" . DG  A 1 1  ? -32.74029 -6.07768  -1.11515  1.000 287.21000 ? 1   DG  A "C1'" 1 
ATOM   9   N  N9    . DG  A 1 1  ? -32.60471 -6.84305  -2.35921  1.000 294.16000 ? 1   DG  A N9    1 
ATOM   10  C  C8    . DG  A 1 1  ? -32.52940 -6.32490  -3.63189  1.000 291.64000 ? 1   DG  A C8    1 
ATOM   11  N  N7    . DG  A 1 1  ? -32.42511 -7.23180  -4.56126  1.000 269.74000 ? 1   DG  A N7    1 
ATOM   12  C  C5    . DG  A 1 1  ? -32.43409 -8.43286  -3.86549  1.000 281.17000 ? 1   DG  A C5    1 
ATOM   13  C  C6    . DG  A 1 1  ? -32.35500 -9.75832  -4.34930  1.000 289.44000 ? 1   DG  A C6    1 
ATOM   14  O  O6    . DG  A 1 1  ? -32.24554 -10.14045 -5.52255  1.000 296.29000 ? 1   DG  A O6    1 
ATOM   15  N  N1    . DG  A 1 1  ? -32.39894 -10.68949 -3.31110  1.000 295.57000 ? 1   DG  A N1    1 
ATOM   16  C  C2    . DG  A 1 1  ? -32.51474 -10.37498 -1.97753  1.000 291.63000 ? 1   DG  A C2    1 
ATOM   17  N  N2    . DG  A 1 1  ? -32.54285 -11.40793 -1.12123  1.000 302.02000 ? 1   DG  A N2    1 
ATOM   18  N  N3    . DG  A 1 1  ? -32.59729 -9.13663  -1.51135  1.000 277.37000 ? 1   DG  A N3    1 
ATOM   19  C  C4    . DG  A 1 1  ? -32.55054 -8.21648  -2.50963  1.000 283.35000 ? 1   DG  A C4    1 
ATOM   20  P  P     . DA  A 1 2  ? -29.57309 -6.17184  2.46681   1.000 211.01000 ? 2   DA  A P     1 
ATOM   21  O  OP1   . DA  A 1 2  ? -29.07554 -5.39909  3.62670   1.000 253.41000 ? 2   DA  A OP1   1 
ATOM   22  O  OP2   . DA  A 1 2  ? -28.62446 -6.60640  1.42050   1.000 199.38000 ? 2   DA  A OP2   1 
ATOM   23  O  "O5'" . DA  A 1 2  ? -30.36919 -7.45334  2.99891   1.000 205.45000 ? 2   DA  A "O5'" 1 
ATOM   24  C  "C5'" . DA  A 1 2  ? -29.71763 -8.39538  3.84359   1.000 211.47000 ? 2   DA  A "C5'" 1 
ATOM   25  C  "C4'" . DA  A 1 2  ? -29.29295 -9.61942  3.05487   1.000 214.26000 ? 2   DA  A "C4'" 1 
ATOM   26  O  "O4'" . DA  A 1 2  ? -29.79974 -9.51976  1.68900   1.000 208.36000 ? 2   DA  A "O4'" 1 
ATOM   27  C  "C3'" . DA  A 1 2  ? -27.76760 -9.81459  2.92205   1.000 202.91000 ? 2   DA  A "C3'" 1 
ATOM   28  O  "O3'" . DA  A 1 2  ? -27.39435 -11.19243 3.21668   1.000 208.08000 ? 2   DA  A "O3'" 1 
ATOM   29  C  "C2'" . DA  A 1 2  ? -27.51387 -9.45837  1.45687   1.000 226.97000 ? 2   DA  A "C2'" 1 
ATOM   30  C  "C1'" . DA  A 1 2  ? -28.78916 -9.98888  0.84258   1.000 228.25000 ? 2   DA  A "C1'" 1 
ATOM   31  N  N9    . DA  A 1 2  ? -29.01747 -9.58439  -0.53970  1.000 228.17000 ? 2   DA  A N9    1 
ATOM   32  C  C8    . DA  A 1 2  ? -29.31660 -8.33916  -1.01460  1.000 238.86000 ? 2   DA  A C8    1 
ATOM   33  N  N7    . DA  A 1 2  ? -29.45452 -8.29327  -2.32119  1.000 219.94000 ? 2   DA  A N7    1 
ATOM   34  C  C5    . DA  A 1 2  ? -29.22100 -9.60005  -2.72489  1.000 226.90000 ? 2   DA  A C5    1 
ATOM   35  C  C6    . DA  A 1 2  ? -29.21199 -10.22362 -3.99083  1.000 235.28000 ? 2   DA  A C6    1 
ATOM   36  N  N6    . DA  A 1 2  ? -29.45862 -9.57729  -5.13497  1.000 237.80000 ? 2   DA  A N6    1 
ATOM   37  N  N1    . DA  A 1 2  ? -28.94024 -11.54594 -4.03486  1.000 241.48000 ? 2   DA  A N1    1 
ATOM   38  C  C2    . DA  A 1 2  ? -28.69343 -12.19394 -2.89202  1.000 239.37000 ? 2   DA  A C2    1 
ATOM   39  N  N3    . DA  A 1 2  ? -28.67258 -11.71787 -1.65127  1.000 231.50000 ? 2   DA  A N3    1 
ATOM   40  C  C4    . DA  A 1 2  ? -28.94684 -10.40282 -1.63794  1.000 225.46000 ? 2   DA  A C4    1 
ATOM   41  P  P     . DG  A 1 3  ? -26.37246 -11.98359 2.24771   1.000 242.91000 ? 3   DG  A P     1 
ATOM   42  O  OP1   . DG  A 1 3  ? -25.14624 -11.16157 2.12250   1.000 216.90000 ? 3   DG  A OP1   1 
ATOM   43  O  OP2   . DG  A 1 3  ? -27.13989 -12.44841 1.07058   1.000 307.37000 ? 3   DG  A OP2   1 
ATOM   44  O  "O5'" . DG  A 1 3  ? -25.97713 -13.32340 3.03011   1.000 252.51000 ? 3   DG  A "O5'" 1 
ATOM   45  C  "C5'" . DG  A 1 3  ? -25.84711 -14.57709 2.30628   1.000 262.17000 ? 3   DG  A "C5'" 1 
ATOM   46  C  "C4'" . DG  A 1 3  ? -24.75617 -14.52860 1.22424   1.000 261.64000 ? 3   DG  A "C4'" 1 
ATOM   47  O  "O4'" . DG  A 1 3  ? -25.26407 -13.89921 0.02650   1.000 249.06000 ? 3   DG  A "O4'" 1 
ATOM   48  C  "C3'" . DG  A 1 3  ? -23.48687 -13.76766 1.59703   1.000 249.58000 ? 3   DG  A "C3'" 1 
ATOM   49  O  "O3'" . DG  A 1 3  ? -22.44988 -14.69099 2.00624   1.000 266.98000 ? 3   DG  A "O3'" 1 
ATOM   50  C  "C2'" . DG  A 1 3  ? -23.11856 -12.94770 0.33796   1.000 242.98000 ? 3   DG  A "C2'" 1 
ATOM   51  C  "C1'" . DG  A 1 3  ? -24.20462 -13.29998 -0.68476  1.000 245.98000 ? 3   DG  A "C1'" 1 
ATOM   52  N  N9    . DG  A 1 3  ? -24.73459 -12.13341 -1.40619  1.000 240.99000 ? 3   DG  A N9    1 
ATOM   53  C  C8    . DG  A 1 3  ? -25.24485 -10.98487 -0.85211  1.000 227.03000 ? 3   DG  A C8    1 
ATOM   54  N  N7    . DG  A 1 3  ? -25.65186 -10.11407 -1.73281  1.000 229.24000 ? 3   DG  A N7    1 
ATOM   55  C  C5    . DG  A 1 3  ? -25.40082 -10.71901 -2.95443  1.000 242.82000 ? 3   DG  A C5    1 
ATOM   56  C  C6    . DG  A 1 3  ? -25.63466 -10.24797 -4.27039  1.000 240.92000 ? 3   DG  A C6    1 
ATOM   57  O  O6    . DG  A 1 3  ? -26.12800 -9.16304  -4.61942  1.000 240.20000 ? 3   DG  A O6    1 
ATOM   58  N  N1    . DG  A 1 3  ? -25.23437 -11.17276 -5.23073  1.000 246.29000 ? 3   DG  A N1    1 
ATOM   59  C  C2    . DG  A 1 3  ? -24.67850 -12.40327 -4.95475  1.000 251.42000 ? 3   DG  A C2    1 
ATOM   60  N  N2    . DG  A 1 3  ? -24.35378 -13.16270 -6.01193  1.000 261.02000 ? 3   DG  A N2    1 
ATOM   61  N  N3    . DG  A 1 3  ? -24.45160 -12.85666 -3.72399  1.000 253.02000 ? 3   DG  A N3    1 
ATOM   62  C  C4    . DG  A 1 3  ? -24.83562 -11.96810 -2.77676  1.000 252.60000 ? 3   DG  A C4    1 
ATOM   63  P  P     . DC  A 1 4  ? -21.43633 -15.36399 0.95085   1.000 267.06000 ? 4   DC  A P     1 
ATOM   64  O  OP1   . DC  A 1 4  ? -22.21088 -15.83710 -0.21873  1.000 272.06000 ? 4   DC  A OP1   1 
ATOM   65  O  OP2   . DC  A 1 4  ? -20.63233 -16.35163 1.70472   1.000 243.82000 ? 4   DC  A OP2   1 
ATOM   66  O  "O5'" . DC  A 1 4  ? -20.44571 -14.16870 0.55345   1.000 253.71000 ? 4   DC  A "O5'" 1 
ATOM   67  C  "C5'" . DC  A 1 4  ? -19.28380 -14.41954 -0.21997  1.000 254.49000 ? 4   DC  A "C5'" 1 
ATOM   68  C  "C4'" . DC  A 1 4  ? -19.64772 -14.74967 -1.65460  1.000 262.38000 ? 4   DC  A "C4'" 1 
ATOM   69  O  "O4'" . DC  A 1 4  ? -20.92100 -14.15027 -1.98902  1.000 246.37000 ? 4   DC  A "O4'" 1 
ATOM   70  C  "C3'" . DC  A 1 4  ? -18.70051 -14.19959 -2.69485  1.000 273.39000 ? 4   DC  A "C3'" 1 
ATOM   71  O  "O3'" . DC  A 1 4  ? -17.52439 -15.03395 -2.79350  1.000 280.97000 ? 4   DC  A "O3'" 1 
ATOM   72  C  "C2'" . DC  A 1 4  ? -19.57528 -14.22139 -3.94465  1.000 272.04000 ? 4   DC  A "C2'" 1 
ATOM   73  C  "C1'" . DC  A 1 4  ? -20.94938 -13.84856 -3.37686  1.000 252.49000 ? 4   DC  A "C1'" 1 
ATOM   74  N  N1    . DC  A 1 4  ? -21.30564 -12.40331 -3.54658  1.000 248.38000 ? 4   DC  A N1    1 
ATOM   75  C  C2    . DC  A 1 4  ? -21.58208 -11.89807 -4.82521  1.000 251.09000 ? 4   DC  A C2    1 
ATOM   76  O  O2    . DC  A 1 4  ? -21.52848 -12.65619 -5.80083  1.000 260.36000 ? 4   DC  A O2    1 
ATOM   77  N  N3    . DC  A 1 4  ? -21.90967 -10.58867 -4.95773  1.000 247.99000 ? 4   DC  A N3    1 
ATOM   78  C  C4    . DC  A 1 4  ? -21.96205 -9.80167  -3.88332  1.000 242.58000 ? 4   DC  A C4    1 
ATOM   79  N  N4    . DC  A 1 4  ? -22.28698 -8.51642  -4.06587  1.000 244.91000 ? 4   DC  A N4    1 
ATOM   80  C  C5    . DC  A 1 4  ? -21.68378 -10.29507 -2.57406  1.000 237.08000 ? 4   DC  A C5    1 
ATOM   81  C  C6    . DC  A 1 4  ? -21.36453 -11.58897 -2.45449  1.000 238.13000 ? 4   DC  A C6    1 
ATOM   82  P  P     . DA  A 1 5  ? -17.42517 -16.27244 -3.81900  1.000 312.55000 ? 5   DA  A P     1 
ATOM   83  O  OP1   . DA  A 1 5  ? -18.67994 -17.05720 -3.79265  1.000 331.25000 ? 5   DA  A OP1   1 
ATOM   84  O  OP2   . DA  A 1 5  ? -16.16220 -16.96981 -3.49422  1.000 301.99000 ? 5   DA  A OP2   1 
ATOM   85  O  "O5'" . DA  A 1 5  ? -17.21044 -15.57922 -5.24436  1.000 289.31000 ? 5   DA  A "O5'" 1 
ATOM   86  C  "C5'" . DA  A 1 5  ? -17.20583 -16.36363 -6.42552  1.000 295.71000 ? 5   DA  A "C5'" 1 
ATOM   87  C  "C4'" . DA  A 1 5  ? -16.89067 -15.50346 -7.63615  1.000 304.47000 ? 5   DA  A "C4'" 1 
ATOM   88  O  "O4'" . DA  A 1 5  ? -17.75793 -14.33863 -7.64064  1.000 297.26000 ? 5   DA  A "O4'" 1 
ATOM   89  C  "C3'" . DA  A 1 5  ? -15.45529 -14.97809 -7.69780  1.000 319.69000 ? 5   DA  A "C3'" 1 
ATOM   90  O  "O3'" . DA  A 1 5  ? -14.92184 -15.16880 -9.00351  1.000 337.31000 ? 5   DA  A "O3'" 1 
ATOM   91  C  "C2'" . DA  A 1 5  ? -15.58922 -13.49470 -7.34865  1.000 312.56000 ? 5   DA  A "C2'" 1 
ATOM   92  C  "C1'" . DA  A 1 5  ? -16.99682 -13.16528 -7.82705  1.000 316.02000 ? 5   DA  A "C1'" 1 
ATOM   93  N  N9    . DA  A 1 5  ? -17.61949 -12.09249 -7.05545  1.000 313.35000 ? 5   DA  A N9    1 
ATOM   94  C  C8    . DA  A 1 5  ? -17.92805 -12.12226 -5.72772  1.000 304.01000 ? 5   DA  A C8    1 
ATOM   95  N  N7    . DA  A 1 5  ? -18.47931 -11.02239 -5.28197  1.000 293.92000 ? 5   DA  A N7    1 
ATOM   96  C  C5    . DA  A 1 5  ? -18.53246 -10.20329 -6.39444  1.000 301.22000 ? 5   DA  A C5    1 
ATOM   97  C  C6    . DA  A 1 5  ? -19.00763 -8.89152  -6.57668  1.000 283.48000 ? 5   DA  A C6    1 
ATOM   98  N  N6    . DA  A 1 5  ? -19.53778 -8.16673  -5.58872  1.000 283.31000 ? 5   DA  A N6    1 
ATOM   99  N  N1    . DA  A 1 5  ? -18.91627 -8.35419  -7.81295  1.000 275.85000 ? 5   DA  A N1    1 
ATOM   100 C  C2    . DA  A 1 5  ? -18.38275 -9.09155  -8.79857  1.000 281.01000 ? 5   DA  A C2    1 
ATOM   101 N  N3    . DA  A 1 5  ? -17.90022 -10.33919 -8.74647  1.000 285.98000 ? 5   DA  A N3    1 
ATOM   102 C  C4    . DA  A 1 5  ? -18.01203 -10.84403 -7.50298  1.000 308.40000 ? 5   DA  A C4    1 
ATOM   103 P  P     . DG  A 1 6  ? -13.40478 -14.74729 -9.33207  1.000 383.58000 ? 6   DG  A P     1 
ATOM   104 O  OP1   . DG  A 1 6  ? -12.95723 -15.55111 -10.49060 1.000 382.63000 ? 6   DG  A OP1   1 
ATOM   105 O  OP2   . DG  A 1 6  ? -12.63404 -14.78205 -8.06964  1.000 347.47000 ? 6   DG  A OP2   1 
ATOM   106 O  "O5'" . DG  A 1 6  ? -13.52778 -13.22442 -9.79566  1.000 367.24000 ? 6   DG  A "O5'" 1 
ATOM   107 C  "C5'" . DG  A 1 6  ? -14.47296 -12.86571 -10.79337 1.000 346.44000 ? 6   DG  A "C5'" 1 
ATOM   108 C  "C4'" . DG  A 1 6  ? -14.21121 -11.46063 -11.29116 1.000 365.67000 ? 6   DG  A "C4'" 1 
ATOM   109 O  "O4'" . DG  A 1 6  ? -15.05460 -10.52026 -10.57627 1.000 371.61000 ? 6   DG  A "O4'" 1 
ATOM   110 C  "C3'" . DG  A 1 6  ? -12.77420 -10.98452 -11.10791 1.000 381.90000 ? 6   DG  A "C3'" 1 
ATOM   111 O  "O3'" . DG  A 1 6  ? -12.31924 -10.36813 -12.29766 1.000 392.29000 ? 6   DG  A "O3'" 1 
ATOM   112 C  "C2'" . DG  A 1 6  ? -12.86214 -9.99604  -9.94184  1.000 357.09000 ? 6   DG  A "C2'" 1 
ATOM   113 C  "C1'" . DG  A 1 6  ? -14.27833 -9.45540  -10.07863 1.000 367.92000 ? 6   DG  A "C1'" 1 
ATOM   114 N  N9    . DG  A 1 6  ? -14.85989 -9.02732  -8.80883  1.000 351.92000 ? 6   DG  A N9    1 
ATOM   115 C  C8    . DG  A 1 6  ? -15.12103 -9.81897  -7.71763  1.000 335.26000 ? 6   DG  A C8    1 
ATOM   116 N  N7    . DG  A 1 6  ? -15.64872 -9.17072  -6.71723  1.000 329.01000 ? 6   DG  A N7    1 
ATOM   117 C  C5    . DG  A 1 6  ? -15.74562 -7.86263  -7.17274  1.000 323.63000 ? 6   DG  A C5    1 
ATOM   118 C  C6    . DG  A 1 6  ? -16.23181 -6.70735  -6.51998  1.000 301.74000 ? 6   DG  A C6    1 
ATOM   119 O  O6    . DG  A 1 6  ? -16.70223 -6.60821  -5.38069  1.000 293.59000 ? 6   DG  A O6    1 
ATOM   120 N  N1    . DG  A 1 6  ? -16.14280 -5.57881  -7.33522  1.000 299.59000 ? 6   DG  A N1    1 
ATOM   121 C  C2    . DG  A 1 6  ? -15.64555 -5.57038  -8.61710  1.000 316.89000 ? 6   DG  A C2    1 
ATOM   122 N  N2    . DG  A 1 6  ? -15.63605 -4.38443  -9.25077  1.000 321.55000 ? 6   DG  A N2    1 
ATOM   123 N  N3    . DG  A 1 6  ? -15.18408 -6.64926  -9.23798  1.000 327.30000 ? 6   DG  A N3    1 
ATOM   124 C  C4    . DG  A 1 6  ? -15.26843 -7.75753  -8.45900  1.000 338.84000 ? 6   DG  A C4    1 
ATOM   125 P  P     . DC  A 1 7  ? -10.79787 -9.86839  -12.41455 1.000 356.54000 ? 7   DC  A P     1 
ATOM   126 O  OP1   . DC  A 1 7  ? -10.41333 -9.92997  -13.84202 1.000 355.07000 ? 7   DC  A OP1   1 
ATOM   127 O  OP2   . DC  A 1 7  ? -10.00286 -10.60204 -11.40597 1.000 344.50000 ? 7   DC  A OP2   1 
ATOM   128 O  "O5'" . DC  A 1 7  ? -10.88117 -8.34019  -11.96220 1.000 337.24000 ? 7   DC  A "O5'" 1 
ATOM   129 C  "C5'" . DC  A 1 7  ? -11.98244 -7.54852  -12.38045 1.000 333.38000 ? 7   DC  A "C5'" 1 
ATOM   130 C  "C4'" . DC  A 1 7  ? -12.03402 -6.24371  -11.61463 1.000 327.61000 ? 7   DC  A "C4'" 1 
ATOM   131 O  "O4'" . DC  A 1 7  ? -12.68312 -6.43828  -10.33328 1.000 322.94000 ? 7   DC  A "O4'" 1 
ATOM   132 C  "C3'" . DC  A 1 7  ? -10.66642 -5.61834  -11.29403 1.000 331.90000 ? 7   DC  A "C3'" 1 
ATOM   133 O  "O3'" . DC  A 1 7  ? -10.65091 -4.27200  -11.72677 1.000 339.09000 ? 7   DC  A "O3'" 1 
ATOM   134 C  "C2'" . DC  A 1 7  ? -10.58992 -5.70488  -9.76660  1.000 318.71000 ? 7   DC  A "C2'" 1 
ATOM   135 C  "C1'" . DC  A 1 7  ? -12.05577 -5.57324  -9.43232  1.000 319.25000 ? 7   DC  A "C1'" 1 
ATOM   136 N  N1    . DC  A 1 7  ? -12.43206 -5.91324  -8.02047  1.000 306.56000 ? 7   DC  A N1    1 
ATOM   137 C  C2    . DC  A 1 7  ? -12.84940 -4.88144  -7.18684  1.000 292.54000 ? 7   DC  A C2    1 
ATOM   138 O  O2    . DC  A 1 7  ? -12.88207 -3.73381  -7.64559  1.000 286.42000 ? 7   DC  A O2    1 
ATOM   139 N  N3    . DC  A 1 7  ? -13.19879 -5.15837  -5.90959  1.000 287.89000 ? 7   DC  A N3    1 
ATOM   140 C  C4    . DC  A 1 7  ? -13.14130 -6.41421  -5.46097  1.000 291.45000 ? 7   DC  A C4    1 
ATOM   141 N  N4    . DC  A 1 7  ? -13.50477 -6.63626  -4.19191  1.000 307.24000 ? 7   DC  A N4    1 
ATOM   142 C  C5    . DC  A 1 7  ? -12.71688 -7.49273  -6.29836  1.000 291.27000 ? 7   DC  A C5    1 
ATOM   143 C  C6    . DC  A 1 7  ? -12.36942 -7.19826  -7.56196  1.000 306.46000 ? 7   DC  A C6    1 
ATOM   144 P  P     . DC  A 1 8  ? -9.38950  -3.70258  -12.53835 1.000 352.70000 ? 8   DC  A P     1 
ATOM   145 O  OP1   . DC  A 1 8  ? -9.55288  -4.08070  -13.95889 1.000 353.31000 ? 8   DC  A OP1   1 
ATOM   146 O  OP2   . DC  A 1 8  ? -8.17787  -4.11550  -11.79979 1.000 349.03000 ? 8   DC  A OP2   1 
ATOM   147 O  "O5'" . DC  A 1 8  ? -9.52166  -2.11414  -12.40217 1.000 317.78000 ? 8   DC  A "O5'" 1 
ATOM   148 C  "C5'" . DC  A 1 8  ? -9.20245  -1.47587  -11.17008 1.000 308.23000 ? 8   DC  A "C5'" 1 
ATOM   149 C  "C4'" . DC  A 1 8  ? -10.31553 -0.53935  -10.74392 1.000 307.79000 ? 8   DC  A "C4'" 1 
ATOM   150 O  "O4'" . DC  A 1 8  ? -11.10426 -1.16965  -9.70446  1.000 309.62000 ? 8   DC  A "O4'" 1 
ATOM   151 C  "C3'" . DC  A 1 8  ? -9.85210  0.77165   -10.13956 1.000 317.44000 ? 8   DC  A "C3'" 1 
ATOM   152 O  "O3'" . DC  A 1 8  ? -10.86708 1.74225   -10.29671 1.000 330.17000 ? 8   DC  A "O3'" 1 
ATOM   153 C  "C2'" . DC  A 1 8  ? -9.66837  0.39296   -8.67590  1.000 305.00000 ? 8   DC  A "C2'" 1 
ATOM   154 C  "C1'" . DC  A 1 8  ? -10.84857 -0.54298  -8.45793  1.000 314.79000 ? 8   DC  A "C1'" 1 
ATOM   155 N  N1    . DC  A 1 8  ? -10.60341 -1.61207  -7.45156  1.000 304.28000 ? 8   DC  A N1    1 
ATOM   156 C  C2    . DC  A 1 8  ? -10.92283 -1.39718  -6.10408  1.000 287.20000 ? 8   DC  A C2    1 
ATOM   157 O  O2    . DC  A 1 8  ? -11.38724 -0.30658  -5.75450  1.000 289.47000 ? 8   DC  A O2    1 
ATOM   158 N  N3    . DC  A 1 8  ? -10.70370 -2.39456  -5.21557  1.000 270.35000 ? 8   DC  A N3    1 
ATOM   159 C  C4    . DC  A 1 8  ? -10.20276 -3.55735  -5.62565  1.000 277.64000 ? 8   DC  A C4    1 
ATOM   160 N  N4    . DC  A 1 8  ? -10.01047 -4.50861  -4.71103  1.000 283.25000 ? 8   DC  A N4    1 
ATOM   161 C  C5    . DC  A 1 8  ? -9.87474  -3.79480  -6.98998  1.000 282.32000 ? 8   DC  A C5    1 
ATOM   162 C  C6    . DC  A 1 8  ? -10.09287 -2.80684  -7.86040  1.000 289.35000 ? 8   DC  A C6    1 
ATOM   163 P  P     . DT  A 1 9  ? -10.49689 3.30193   -10.31026 1.000 457.62000 ? 9   DT  A P     1 
ATOM   164 O  OP1   . DT  A 1 9  ? -11.55852 3.98110   -9.53084  1.000 436.25000 ? 9   DT  A OP1   1 
ATOM   165 O  OP2   . DT  A 1 9  ? -10.26363 3.71120   -11.71232 1.000 480.22000 ? 9   DT  A OP2   1 
ATOM   166 O  "O5'" . DT  A 1 9  ? -9.08322  3.35133   -9.55999  1.000 444.71000 ? 9   DT  A "O5'" 1 
ATOM   167 C  "C5'" . DT  A 1 9  ? -8.46898  4.58813   -9.26973  1.000 442.73000 ? 9   DT  A "C5'" 1 
ATOM   168 C  "C4'" . DT  A 1 9  ? -9.18373  5.27344   -8.12799  1.000 421.17000 ? 9   DT  A "C4'" 1 
ATOM   169 O  "O4'" . DT  A 1 9  ? -9.96390  4.29667   -7.39407  1.000 429.67000 ? 9   DT  A "O4'" 1 
ATOM   170 C  "C3'" . DT  A 1 9  ? -8.27400  5.92526   -7.11035  1.000 399.52000 ? 9   DT  A "C3'" 1 
ATOM   171 O  "O3'" . DT  A 1 9  ? -8.03211  7.26919   -7.51408  1.000 385.31000 ? 9   DT  A "O3'" 1 
ATOM   172 C  "C2'" . DT  A 1 9  ? -9.10440  5.83635   -5.83242  1.000 384.06000 ? 9   DT  A "C2'" 1 
ATOM   173 C  "C1'" . DT  A 1 9  ? -9.82023  4.50109   -6.00722  1.000 405.53000 ? 9   DT  A "C1'" 1 
ATOM   174 N  N1    . DT  A 1 9  ? -9.10065  3.31862   -5.43261  1.000 401.39000 ? 9   DT  A N1    1 
ATOM   175 C  C2    . DT  A 1 9  ? -9.26230  3.01101   -4.10334  1.000 390.89000 ? 9   DT  A C2    1 
ATOM   176 O  O2    . DT  A 1 9  ? -9.94203  3.67564   -3.34168  1.000 399.96000 ? 9   DT  A O2    1 
ATOM   177 N  N3    . DT  A 1 9  ? -8.57596  1.89954   -3.68790  1.000 378.72000 ? 9   DT  A N3    1 
ATOM   178 C  C4    . DT  A 1 9  ? -7.77437  1.07733   -4.45605  1.000 378.40000 ? 9   DT  A C4    1 
ATOM   179 O  O4    . DT  A 1 9  ? -7.20677  0.09866   -3.99095  1.000 364.46000 ? 9   DT  A O4    1 
ATOM   180 C  C5    . DT  A 1 9  ? -7.66212  1.44580   -5.84283  1.000 397.49000 ? 9   DT  A C5    1 
ATOM   181 C  C7    . DT  A 1 9  ? -6.81703  0.62743   -6.77253  1.000 407.58000 ? 9   DT  A C7    1 
ATOM   182 C  C6    . DT  A 1 9  ? -8.32606  2.53036   -6.26039  1.000 411.61000 ? 9   DT  A C6    1 
ATOM   183 P  P     . DG  A 1 10 ? -7.64976  8.40507   -6.44761  1.000 283.19000 ? 10  DG  A P     1 
ATOM   184 O  OP1   . DG  A 1 10 ? -8.91206  8.82660   -5.79369  1.000 245.60000 ? 10  DG  A OP1   1 
ATOM   185 O  OP2   . DG  A 1 10 ? -6.85688  9.42677   -7.16380  1.000 339.81000 ? 10  DG  A OP2   1 
ATOM   186 O  "O5'" . DG  A 1 10 ? -6.63913  7.67289   -5.44686  1.000 263.64000 ? 10  DG  A "O5'" 1 
ATOM   187 C  "C5'" . DG  A 1 10 ? -6.07642  8.39097   -4.37149  1.000 255.01000 ? 10  DG  A "C5'" 1 
ATOM   188 C  "C4'" . DG  A 1 10 ? -7.15993  8.80245   -3.40811  1.000 216.31000 ? 10  DG  A "C4'" 1 
ATOM   189 O  "O4'" . DG  A 1 10 ? -8.03409  7.68420   -3.19343  1.000 231.11000 ? 10  DG  A "O4'" 1 
ATOM   190 C  "C3'" . DG  A 1 10 ? -6.68567  9.21794   -2.03131  1.000 201.60000 ? 10  DG  A "C3'" 1 
ATOM   191 O  "O3'" . DG  A 1 10 ? -7.59984  10.15366  -1.47469  1.000 195.74000 ? 10  DG  A "O3'" 1 
ATOM   192 C  "C2'" . DG  A 1 10 ? -6.67790  7.90157   -1.24996  1.000 204.78000 ? 10  DG  A "C2'" 1 
ATOM   193 C  "C1'" . DG  A 1 10 ? -7.65162  7.01116   -2.02088  1.000 229.11000 ? 10  DG  A "C1'" 1 
ATOM   194 N  N9    . DG  A 1 10 ? -7.11530  5.70184   -2.38385  1.000 236.61000 ? 10  DG  A N9    1 
ATOM   195 C  C8    . DG  A 1 10 ? -6.86781  5.21589   -3.64566  1.000 254.33000 ? 10  DG  A C8    1 
ATOM   196 N  N7    . DG  A 1 10 ? -6.41536  3.99323   -3.65325  1.000 266.16000 ? 10  DG  A N7    1 
ATOM   197 C  C5    . DG  A 1 10 ? -6.36453  3.64864   -2.30927  1.000 261.63000 ? 10  DG  A C5    1 
ATOM   198 C  C6    . DG  A 1 10 ? -5.95320  2.44837   -1.68459  1.000 272.23000 ? 10  DG  A C6    1 
ATOM   199 O  O6    . DG  A 1 10 ? -5.54064  1.40467   -2.20855  1.000 294.40000 ? 10  DG  A O6    1 
ATOM   200 N  N1    . DG  A 1 10 ? -6.06293  2.52857   -0.29919  1.000 252.77000 ? 10  DG  A N1    1 
ATOM   201 C  C2    . DG  A 1 10 ? -6.51123  3.62913   0.39691   1.000 230.70000 ? 10  DG  A C2    1 
ATOM   202 N  N2    . DG  A 1 10 ? -6.54754  3.52447   1.73220   1.000 226.30000 ? 10  DG  A N2    1 
ATOM   203 N  N3    . DG  A 1 10 ? -6.89514  4.75404   -0.17526  1.000 205.83000 ? 10  DG  A N3    1 
ATOM   204 C  C4    . DG  A 1 10 ? -6.79738  4.69318   -1.52086  1.000 232.52000 ? 10  DG  A C4    1 
ATOM   205 P  P     . DT  A 1 11 ? -7.09456  11.60541  -1.00900  1.000 204.57000 ? 11  DT  A P     1 
ATOM   206 O  OP1   . DT  A 1 11 ? -8.15112  12.60363  -1.30414  1.000 221.33000 ? 11  DT  A OP1   1 
ATOM   207 O  OP2   . DT  A 1 11 ? -5.72807  11.78987  -1.54800  1.000 181.70000 ? 11  DT  A OP2   1 
ATOM   208 O  "O5'" . DT  A 1 11 ? -6.94471  11.45631  0.56569   1.000 232.27000 ? 11  DT  A "O5'" 1 
ATOM   209 C  "C5'" . DT  A 1 11 ? -5.71370  11.71375  1.14968   1.000 220.78000 ? 11  DT  A "C5'" 1 
ATOM   210 C  "C4'" . DT  A 1 11 ? -5.22945  10.51214  1.91169   1.000 192.22000 ? 11  DT  A "C4'" 1 
ATOM   211 O  "O4'" . DT  A 1 11 ? -5.12461  9.34996   1.03115   1.000 167.03000 ? 11  DT  A "O4'" 1 
ATOM   212 C  "C3'" . DT  A 1 11 ? -3.84342  10.68947  2.53143   1.000 166.02000 ? 11  DT  A "C3'" 1 
ATOM   213 O  "O3'" . DT  A 1 11 ? -3.90561  10.36884  3.92550   1.000 165.80000 ? 11  DT  A "O3'" 1 
ATOM   214 C  "C2'" . DT  A 1 11 ? -2.97949  9.70477   1.73030   1.000 169.07000 ? 11  DT  A "C2'" 1 
ATOM   215 C  "C1'" . DT  A 1 11 ? -4.00244  8.63308   1.46034   1.000 179.07000 ? 11  DT  A "C1'" 1 
ATOM   216 N  N1    . DT  A 1 11 ? -3.59945  7.54302   0.49209   1.000 204.74000 ? 11  DT  A N1    1 
ATOM   217 C  C2    . DT  A 1 11 ? -3.37597  6.28376   0.98751   1.000 193.34000 ? 11  DT  A C2    1 
ATOM   218 O  O2    . DT  A 1 11 ? -3.46490  6.01013   2.16299   1.000 215.03000 ? 11  DT  A O2    1 
ATOM   219 N  N3    . DT  A 1 11 ? -3.03029  5.35074   0.05752   1.000 206.07000 ? 11  DT  A N3    1 
ATOM   220 C  C4    . DT  A 1 11 ? -2.87935  5.54027   -1.29530  1.000 224.72000 ? 11  DT  A C4    1 
ATOM   221 O  O4    . DT  A 1 11 ? -2.55709  4.63443   -2.05215  1.000 247.14000 ? 11  DT  A O4    1 
ATOM   222 C  C5    . DT  A 1 11 ? -3.12660  6.87712   -1.75871  1.000 224.54000 ? 11  DT  A C5    1 
ATOM   223 C  C7    . DT  A 1 11 ? -2.99755  7.19595   -3.21555  1.000 242.03000 ? 11  DT  A C7    1 
ATOM   224 C  C6    . DT  A 1 11 ? -3.46451  7.81086   -0.85125  1.000 212.99000 ? 11  DT  A C6    1 
HETATM 225 N  N1    . 5CM A 1 12 ? -0.65397  5.87826   4.20609   1.000 139.85000 ? 12  5CM A N1    1 
HETATM 226 C  C2    . 5CM A 1 12 ? -0.60312  4.65905   3.75729   1.000 161.97000 ? 12  5CM A C2    1 
HETATM 227 N  N3    . 5CM A 1 12 ? -0.49936  4.37817   2.48023   1.000 183.39000 ? 12  5CM A N3    1 
HETATM 228 C  C4    . 5CM A 1 12 ? -0.43116  5.33645   1.55714   1.000 183.02000 ? 12  5CM A C4    1 
HETATM 229 C  C5    . 5CM A 1 12 ? -0.48130  6.65900   1.99392   1.000 160.18000 ? 12  5CM A C5    1 
HETATM 230 C  C5A   . 5CM A 1 12 ? -0.40729  7.78189   0.93442   1.000 387.98000 ? 12  5CM A C5A   1 
HETATM 231 C  C6    . 5CM A 1 12 ? -0.59543  6.92752   3.32161   1.000 142.23000 ? 12  5CM A C6    1 
HETATM 232 O  O2    . 5CM A 1 12 ? -0.65024  3.79881   4.48703   1.000 161.40000 ? 12  5CM A O2    1 
HETATM 233 N  N4    . 5CM A 1 12 ? -0.31180  5.03680   0.15082   1.000 204.82000 ? 12  5CM A N4    1 
HETATM 234 C  "C1'" . 5CM A 1 12 ? -0.75728  6.06093   5.65443   1.000 127.45000 ? 12  5CM A "C1'" 1 
HETATM 235 C  "C2'" . 5CM A 1 12 ? 0.33799   6.58486   6.22912   1.000 126.13000 ? 12  5CM A "C2'" 1 
HETATM 236 C  "C3'" . 5CM A 1 12 ? -0.12479  7.60350   7.22352   1.000 134.64000 ? 12  5CM A "C3'" 1 
HETATM 237 C  "C4'" . 5CM A 1 12 ? -1.68571  7.65047   7.14384   1.000 145.72000 ? 12  5CM A "C4'" 1 
HETATM 238 O  "O4'" . 5CM A 1 12 ? -2.02733  6.88488   6.15514   1.000 129.69000 ? 12  5CM A "O4'" 1 
HETATM 239 O  "O3'" . 5CM A 1 12 ? 0.33909   7.46559   8.54179   1.000 135.07000 ? 12  5CM A "O3'" 1 
HETATM 240 C  "C5'" . 5CM A 1 12 ? -2.13856  9.18210   6.98149   1.000 160.84000 ? 12  5CM A "C5'" 1 
HETATM 241 O  "O5'" . 5CM A 1 12 ? -3.20733  9.33942   6.20884   1.000 199.06000 ? 12  5CM A "O5'" 1 
HETATM 242 P  P     . 5CM A 1 12 ? -3.00735  9.18804   4.55618   1.000 148.39000 ? 12  5CM A P     1 
HETATM 243 O  OP1   . 5CM A 1 12 ? -1.53993  9.42672   4.24325   1.000 147.36000 ? 12  5CM A OP1   1 
HETATM 244 O  OP2   . 5CM A 1 12 ? -3.47721  7.84326   4.17410   1.000 182.09000 ? 12  5CM A OP2   1 
ATOM   245 P  P     . DT  A 1 13 ? 0.29829   6.04902   9.31686   1.000 179.56000 ? 13  DT  A P     1 
ATOM   246 O  OP1   . DT  A 1 13 ? -0.99870  5.39003   9.03740   1.000 185.13000 ? 13  DT  A OP1   1 
ATOM   247 O  OP2   . DT  A 1 13 ? 0.71867   6.27266   10.72661  1.000 181.18000 ? 13  DT  A OP2   1 
ATOM   248 O  "O5'" . DT  A 1 13 ? 1.46393   5.21304   8.62276   1.000 176.31000 ? 13  DT  A "O5'" 1 
ATOM   249 C  "C5'" . DT  A 1 13 ? 1.21928   3.91888   8.08225   1.000 158.80000 ? 13  DT  A "C5'" 1 
ATOM   250 C  "C4'" . DT  A 1 13 ? 2.54080   3.28557   7.75489   1.000 162.07000 ? 13  DT  A "C4'" 1 
ATOM   251 O  "O4'" . DT  A 1 13 ? 2.73520   3.25069   6.31868   1.000 204.83000 ? 13  DT  A "O4'" 1 
ATOM   252 C  "C3'" . DT  A 1 13 ? 3.70918   4.05625   8.33906   1.000 142.53000 ? 13  DT  A "C3'" 1 
ATOM   253 O  "O3'" . DT  A 1 13 ? 4.64790   3.15510   8.90234   1.000 159.52000 ? 13  DT  A "O3'" 1 
ATOM   254 C  "C2'" . DT  A 1 13 ? 4.26638   4.83559   7.13546   1.000 179.92000 ? 13  DT  A "C2'" 1 
ATOM   255 C  "C1'" . DT  A 1 13 ? 3.91895   3.92532   5.96225   1.000 198.64000 ? 13  DT  A "C1'" 1 
ATOM   256 N  N1    . DT  A 1 13 ? 3.65841   4.64743   4.66605   1.000 186.54000 ? 13  DT  A N1    1 
ATOM   257 C  C2    . DT  A 1 13 ? 3.78458   3.96038   3.48552   1.000 213.60000 ? 13  DT  A C2    1 
ATOM   258 O  O2    . DT  A 1 13 ? 4.11549   2.78952   3.42921   1.000 227.13000 ? 13  DT  A O2    1 
ATOM   259 N  N3    . DT  A 1 13 ? 3.51149   4.69727   2.36094   1.000 223.87000 ? 13  DT  A N3    1 
ATOM   260 C  C4    . DT  A 1 13 ? 3.13120   6.01667   2.29005   1.000 210.02000 ? 13  DT  A C4    1 
ATOM   261 O  O4    . DT  A 1 13 ? 2.91034   6.58011   1.21836   1.000 219.88000 ? 13  DT  A O4    1 
ATOM   262 C  C5    . DT  A 1 13 ? 3.01044   6.68488   3.56117   1.000 182.70000 ? 13  DT  A C5    1 
ATOM   263 C  C7    . DT  A 1 13 ? 2.60266   8.12644   3.61416   1.000 166.37000 ? 13  DT  A C7    1 
ATOM   264 C  C6    . DT  A 1 13 ? 3.27516   5.97581   4.67847   1.000 172.38000 ? 13  DT  A C6    1 
ATOM   265 P  P     . DG  A 1 14 ? 4.33951   2.39185   10.28868  1.000 148.76000 ? 14  DG  A P     1 
ATOM   266 O  OP1   . DG  A 1 14 ? 2.93210   2.63150   10.67510  1.000 155.70000 ? 14  DG  A OP1   1 
ATOM   267 O  OP2   . DG  A 1 14 ? 5.40852   2.78381   11.24083  1.000 154.54000 ? 14  DG  A OP2   1 
ATOM   268 O  "O5'" . DG  A 1 14 ? 4.54876   0.83808   9.92094   1.000 169.95000 ? 14  DG  A "O5'" 1 
ATOM   269 C  "C5'" . DG  A 1 14 ? 5.75056   0.17382   10.32182  1.000 187.78000 ? 14  DG  A "C5'" 1 
ATOM   270 C  "C4'" . DG  A 1 14 ? 6.05095   -1.05765  9.46851   1.000 204.53000 ? 14  DG  A "C4'" 1 
ATOM   271 O  "O4'" . DG  A 1 14 ? 5.94824   -0.72507  8.05716   1.000 212.37000 ? 14  DG  A "O4'" 1 
ATOM   272 C  "C3'" . DG  A 1 14 ? 7.46834   -1.56545  9.61032   1.000 186.50000 ? 14  DG  A "C3'" 1 
ATOM   273 O  "O3'" . DG  A 1 14 ? 7.58477   -2.89498  9.10871   1.000 209.09000 ? 14  DG  A "O3'" 1 
ATOM   274 C  "C2'" . DG  A 1 14 ? 8.20777   -0.58211  8.72212   1.000 202.99000 ? 14  DG  A "C2'" 1 
ATOM   275 C  "C1'" . DG  A 1 14 ? 7.24136   -0.41935  7.54215   1.000 210.45000 ? 14  DG  A "C1'" 1 
ATOM   276 N  N9    . DG  A 1 14 ? 7.18157   0.94469   7.03131   1.000 206.87000 ? 14  DG  A N9    1 
ATOM   277 C  C8    . DG  A 1 14 ? 6.96277   2.05874   7.78611   1.000 193.26000 ? 14  DG  A C8    1 
ATOM   278 N  N7    . DG  A 1 14 ? 6.91909   3.15408   7.10621   1.000 193.58000 ? 14  DG  A N7    1 
ATOM   279 C  C5    . DG  A 1 14 ? 7.10869   2.75574   5.80430   1.000 204.13000 ? 14  DG  A C5    1 
ATOM   280 C  C6    . DG  A 1 14 ? 7.15883   3.53875   4.64606   1.000 208.63000 ? 14  DG  A C6    1 
ATOM   281 O  O6    . DG  A 1 14 ? 7.03720   4.76496   4.56038   1.000 198.19000 ? 14  DG  A O6    1 
ATOM   282 N  N1    . DG  A 1 14 ? 7.38488   2.77456   3.51632   1.000 231.96000 ? 14  DG  A N1    1 
ATOM   283 C  C2    . DG  A 1 14 ? 7.53816   1.40858   3.50799   1.000 253.22000 ? 14  DG  A C2    1 
ATOM   284 N  N2    . DG  A 1 14 ? 7.74400   0.85247   2.30378   1.000 291.83000 ? 14  DG  A N2    1 
ATOM   285 N  N3    . DG  A 1 14 ? 7.49578   0.64418   4.60708   1.000 252.75000 ? 14  DG  A N3    1 
ATOM   286 C  C4    . DG  A 1 14 ? 7.27500   1.39217   5.72045   1.000 220.19000 ? 14  DG  A C4    1 
ATOM   287 P  P     . DG  A 1 15 ? 8.97098   -3.69777  9.27099   1.000 210.31000 ? 15  DG  A P     1 
ATOM   288 O  OP1   . DG  A 1 15 ? 8.66595   -5.14490  9.18218   1.000 230.36000 ? 15  DG  A OP1   1 
ATOM   289 O  OP2   . DG  A 1 15 ? 9.65430   -3.16359  10.47425  1.000 193.07000 ? 15  DG  A OP2   1 
ATOM   290 O  "O5'" . DG  A 1 15 ? 9.83311   -3.26457  7.98586   1.000 219.82000 ? 15  DG  A "O5'" 1 
ATOM   291 C  "C5'" . DG  A 1 15 ? 9.32138   -3.48610  6.67135   1.000 257.82000 ? 15  DG  A "C5'" 1 
ATOM   292 C  "C4'" . DG  A 1 15 ? 10.44772  -3.56915  5.65080   1.000 274.08000 ? 15  DG  A "C4'" 1 
ATOM   293 O  "O4'" . DG  A 1 15 ? 10.39243  -2.42192  4.77616   1.000 263.54000 ? 15  DG  A "O4'" 1 
ATOM   294 C  "C3'" . DG  A 1 15 ? 11.85593  -3.62267  6.24042   1.000 275.70000 ? 15  DG  A "C3'" 1 
ATOM   295 O  "O3'" . DG  A 1 15 ? 12.62304  -4.75286  5.72440   1.000 276.14000 ? 15  DG  A "O3'" 1 
ATOM   296 C  "C2'" . DG  A 1 15 ? 12.49887  -2.27266  5.90659   1.000 287.67000 ? 15  DG  A "C2'" 1 
ATOM   297 C  "C1'" . DG  A 1 15 ? 11.48723  -1.56350  4.99600   1.000 264.85000 ? 15  DG  A "C1'" 1 
ATOM   298 N  N9    . DG  A 1 15 ? 11.00075  -0.30455  5.54990   1.000 246.85000 ? 15  DG  A N9    1 
ATOM   299 C  C8    . DG  A 1 15 ? 10.58814  -0.09197  6.82980   1.000 229.98000 ? 15  DG  A C8    1 
ATOM   300 N  N7    . DG  A 1 15 ? 10.20512  1.12728   7.06368   1.000 210.07000 ? 15  DG  A N7    1 
ATOM   301 C  C5    . DG  A 1 15 ? 10.39384  1.77486   5.86617   1.000 206.56000 ? 15  DG  A C5    1 
ATOM   302 C  C6    . DG  A 1 15 ? 10.16206  3.11484   5.53413   1.000 195.46000 ? 15  DG  A C6    1 
ATOM   303 O  O6    . DG  A 1 15 ? 9.71854   4.01134   6.26263   1.000 212.26000 ? 15  DG  A O6    1 
ATOM   304 N  N1    . DG  A 1 15 ? 10.47681  3.37475   4.21052   1.000 216.30000 ? 15  DG  A N1    1 
ATOM   305 C  C2    . DG  A 1 15 ? 10.97346  2.45063   3.32049   1.000 242.32000 ? 15  DG  A C2    1 
ATOM   306 N  N2    . DG  A 1 15 ? 11.22790  2.89578   2.08329   1.000 263.03000 ? 15  DG  A N2    1 
ATOM   307 N  N3    . DG  A 1 15 ? 11.20022  1.17924   3.62347   1.000 253.32000 ? 15  DG  A N3    1 
ATOM   308 C  C4    . DG  A 1 15 ? 10.88690  0.91359   4.91267   1.000 240.40000 ? 15  DG  A C4    1 
ATOM   309 P  P     . DA  A 1 16 ? 12.65685  -5.15816  4.16137   1.000 252.32000 ? 16  DA  A P     1 
ATOM   310 O  OP1   . DA  A 1 16 ? 11.36635  -5.76021  3.76582   1.000 253.83000 ? 16  DA  A OP1   1 
ATOM   311 O  OP2   . DA  A 1 16 ? 13.88379  -5.96196  3.98079   1.000 262.02000 ? 16  DA  A OP2   1 
ATOM   312 O  "O5'" . DA  A 1 16 ? 12.89372  -3.78864  3.37526   1.000 272.49000 ? 16  DA  A "O5'" 1 
ATOM   313 C  "C5'" . DA  A 1 16 ? 12.29727  -3.58696  2.10703   1.000 275.79000 ? 16  DA  A "C5'" 1 
ATOM   314 C  "C4'" . DA  A 1 16 ? 13.12510  -2.62750  1.27236   1.000 292.88000 ? 16  DA  A "C4'" 1 
ATOM   315 O  "O4'" . DA  A 1 16 ? 12.96329  -1.27239  1.76187   1.000 273.09000 ? 16  DA  A "O4'" 1 
ATOM   316 C  "C3'" . DA  A 1 16 ? 14.62345  -2.91372  1.26602   1.000 289.36000 ? 16  DA  A "C3'" 1 
ATOM   317 O  "O3'" . DA  A 1 16 ? 15.07428  -3.03054  -0.07370  1.000 302.70000 ? 16  DA  A "O3'" 1 
ATOM   318 C  "C2'" . DA  A 1 16 ? 15.24540  -1.70673  1.98676   1.000 265.78000 ? 16  DA  A "C2'" 1 
ATOM   319 C  "C1'" . DA  A 1 16 ? 14.20934  -0.61465  1.77199   1.000 270.37000 ? 16  DA  A "C1'" 1 
ATOM   320 N  N9    . DA  A 1 16 ? 14.17444  0.36913   2.85034   1.000 263.35000 ? 16  DA  A N9    1 
ATOM   321 C  C8    . DA  A 1 16 ? 13.97833  0.11255   4.17002   1.000 254.67000 ? 16  DA  A C8    1 
ATOM   322 N  N7    . DA  A 1 16 ? 13.96452  1.17389   4.92952   1.000 206.01000 ? 16  DA  A N7    1 
ATOM   323 C  C5    . DA  A 1 16 ? 14.18141  2.21014   4.04794   1.000 217.96000 ? 16  DA  A C5    1 
ATOM   324 C  C6    . DA  A 1 16 ? 14.29016  3.59130   4.23805   1.000 213.11000 ? 16  DA  A C6    1 
ATOM   325 N  N6    . DA  A 1 16 ? 14.18462  4.17256   5.43473   1.000 225.48000 ? 16  DA  A N6    1 
ATOM   326 N  N1    . DA  A 1 16 ? 14.51297  4.35611   3.15228   1.000 201.30000 ? 16  DA  A N1    1 
ATOM   327 C  C2    . DA  A 1 16 ? 14.61141  3.76357   1.95513   1.000 234.38000 ? 16  DA  A C2    1 
ATOM   328 N  N3    . DA  A 1 16 ? 14.53314  2.46766   1.65219   1.000 249.27000 ? 16  DA  A N3    1 
ATOM   329 C  C4    . DA  A 1 16 ? 14.30858  1.73804   2.75484   1.000 239.21000 ? 16  DA  A C4    1 
ATOM   330 P  P     . DC  A 1 17 ? 16.63836  -3.17314  -0.39997  1.000 248.24000 ? 17  DC  A P     1 
ATOM   331 O  OP1   . DC  A 1 17 ? 16.75619  -3.89026  -1.68861  1.000 268.86000 ? 17  DC  A OP1   1 
ATOM   332 O  OP2   . DC  A 1 17 ? 17.31314  -3.72103  0.79732   1.000 221.83000 ? 17  DC  A OP2   1 
ATOM   333 O  "O5'" . DC  A 1 17 ? 17.11426  -1.66038  -0.60257  1.000 242.03000 ? 17  DC  A "O5'" 1 
ATOM   334 C  "C5'" . DC  A 1 17 ? 16.28517  -0.75345  -1.31755  1.000 254.78000 ? 17  DC  A "C5'" 1 
ATOM   335 C  "C4'" . DC  A 1 17 ? 16.91541  0.62399   -1.37928  1.000 258.32000 ? 17  DC  A "C4'" 1 
ATOM   336 O  "O4'" . DC  A 1 17 ? 16.61359  1.36672   -0.16791  1.000 250.93000 ? 17  DC  A "O4'" 1 
ATOM   337 C  "C3'" . DC  A 1 17 ? 18.43921  0.63330   -1.50605  1.000 243.56000 ? 17  DC  A "C3'" 1 
ATOM   338 O  "O3'" . DC  A 1 17 ? 18.82019  1.63402   -2.42463  1.000 260.26000 ? 17  DC  A "O3'" 1 
ATOM   339 C  "C2'" . DC  A 1 17 ? 18.89416  0.98117   -0.08988  1.000 224.96000 ? 17  DC  A "C2'" 1 
ATOM   340 C  "C1'" . DC  A 1 17 ? 17.80183  1.95030   0.30977   1.000 219.70000 ? 17  DC  A "C1'" 1 
ATOM   341 N  N1    . DC  A 1 17 ? 17.67071  2.16772   1.77598   1.000 224.80000 ? 17  DC  A N1    1 
ATOM   342 C  C2    . DC  A 1 17 ? 17.72739  3.46911   2.27851   1.000 222.84000 ? 17  DC  A C2    1 
ATOM   343 O  O2    . DC  A 1 17 ? 17.89396  4.40541   1.48910   1.000 212.83000 ? 17  DC  A O2    1 
ATOM   344 N  N3    . DC  A 1 17 ? 17.59282  3.66615   3.61157   1.000 193.40000 ? 17  DC  A N3    1 
ATOM   345 C  C4    . DC  A 1 17 ? 17.41333  2.62202   4.42366   1.000 176.80000 ? 17  DC  A C4    1 
ATOM   346 N  N4    . DC  A 1 17 ? 17.28814  2.86353   5.73132   1.000 181.49000 ? 17  DC  A N4    1 
ATOM   347 C  C5    . DC  A 1 17 ? 17.35252  1.28472   3.93040   1.000 182.75000 ? 17  DC  A C5    1 
ATOM   348 C  C6    . DC  A 1 17 ? 17.48323  1.10598   2.61126   1.000 208.98000 ? 17  DC  A C6    1 
ATOM   349 P  P     . DA  A 1 18 ? 20.20935  1.51852   -3.21950  1.000 296.65000 ? 18  DA  A P     1 
ATOM   350 O  OP1   . DA  A 1 18 ? 19.88697  1.19146   -4.62593  1.000 271.01000 ? 18  DA  A OP1   1 
ATOM   351 O  OP2   . DA  A 1 18 ? 21.10226  0.63158   -2.44235  1.000 272.47000 ? 18  DA  A OP2   1 
ATOM   352 O  "O5'" . DA  A 1 18 ? 20.79511  3.00505   -3.16209  1.000 274.36000 ? 18  DA  A "O5'" 1 
ATOM   353 C  "C5'" . DA  A 1 18 ? 20.05147  4.07565   -3.73341  1.000 263.35000 ? 18  DA  A "C5'" 1 
ATOM   354 C  "C4'" . DA  A 1 18 ? 20.32039  5.38229   -3.00695  1.000 252.67000 ? 18  DA  A "C4'" 1 
ATOM   355 O  "O4'" . DA  A 1 18 ? 19.91111  5.26392   -1.61836  1.000 239.22000 ? 18  DA  A "O4'" 1 
ATOM   356 C  "C3'" . DA  A 1 18 ? 21.78489  5.83009   -2.98206  1.000 268.06000 ? 18  DA  A "C3'" 1 
ATOM   357 O  "O3'" . DA  A 1 18 ? 21.86107  7.23190   -3.21726  1.000 261.35000 ? 18  DA  A "O3'" 1 
ATOM   358 C  "C2'" . DA  A 1 18 ? 22.22856  5.47740   -1.56348  1.000 258.55000 ? 18  DA  A "C2'" 1 
ATOM   359 C  "C1'" . DA  A 1 18 ? 20.95043  5.72855   -0.78723  1.000 236.53000 ? 18  DA  A "C1'" 1 
ATOM   360 N  N9    . DA  A 1 18 ? 20.88402  5.01174   0.47987   1.000 224.03000 ? 18  DA  A N9    1 
ATOM   361 C  C8    . DA  A 1 18 ? 20.87344  3.65796   0.65993   1.000 230.43000 ? 18  DA  A C8    1 
ATOM   362 N  N7    . DA  A 1 18 ? 20.80201  3.29175   1.91660   1.000 218.24000 ? 18  DA  A N7    1 
ATOM   363 C  C5    . DA  A 1 18 ? 20.76327  4.48888   2.60924   1.000 208.49000 ? 18  DA  A C5    1 
ATOM   364 C  C6    . DA  A 1 18 ? 20.68249  4.78435   3.98218   1.000 202.26000 ? 18  DA  A C6    1 
ATOM   365 N  N6    . DA  A 1 18 ? 20.62896  3.84600   4.93042   1.000 216.20000 ? 18  DA  A N6    1 
ATOM   366 N  N1    . DA  A 1 18 ? 20.66184  6.08390   4.34202   1.000 176.37000 ? 18  DA  A N1    1 
ATOM   367 C  C2    . DA  A 1 18 ? 20.71770  7.01916   3.38562   1.000 178.35000 ? 18  DA  A C2    1 
ATOM   368 N  N3    . DA  A 1 18 ? 20.79320  6.86269   2.06330   1.000 183.51000 ? 18  DA  A N3    1 
ATOM   369 C  C4    . DA  A 1 18 ? 20.81160  5.56029   1.73977   1.000 200.78000 ? 18  DA  A C4    1 
ATOM   370 P  P     . DT  A 1 19 ? 23.24702  7.92039   -3.65072  1.000 289.17000 ? 19  DT  A P     1 
ATOM   371 O  OP1   . DT  A 1 19 ? 23.18704  8.15383   -5.11137  1.000 264.60000 ? 19  DT  A OP1   1 
ATOM   372 O  OP2   . DT  A 1 19 ? 24.36707  7.13360   -3.08566  1.000 256.34000 ? 19  DT  A OP2   1 
ATOM   373 O  "O5'" . DT  A 1 19 ? 23.21145  9.33318   -2.89974  1.000 267.35000 ? 19  DT  A "O5'" 1 
ATOM   374 C  "C5'" . DT  A 1 19 ? 22.38964  9.50064   -1.74493  1.000 239.56000 ? 19  DT  A "C5'" 1 
ATOM   375 C  "C4'" . DT  A 1 19 ? 23.21565  9.94321   -0.54862  1.000 245.58000 ? 19  DT  A "C4'" 1 
ATOM   376 O  "O4'" . DT  A 1 19 ? 22.97330  9.05065   0.55938   1.000 210.10000 ? 19  DT  A "O4'" 1 
ATOM   377 C  "C3'" . DT  A 1 19 ? 24.73032  9.93448   -0.77236  1.000 258.80000 ? 19  DT  A "C3'" 1 
ATOM   378 O  "O3'" . DT  A 1 19 ? 25.24952  11.28593  -0.92232  1.000 245.06000 ? 19  DT  A "O3'" 1 
ATOM   379 C  "C2'" . DT  A 1 19 ? 25.31674  9.19725   0.44154   1.000 222.00000 ? 19  DT  A "C2'" 1 
ATOM   380 C  "C1'" . DT  A 1 19 ? 24.12039  8.99956   1.37018   1.000 200.56000 ? 19  DT  A "C1'" 1 
ATOM   381 N  N1    . DT  A 1 19 ? 24.13031  7.68709   2.07895   1.000 206.26000 ? 19  DT  A N1    1 
ATOM   382 C  C2    . DT  A 1 19 ? 24.01674  7.65403   3.45391   1.000 206.55000 ? 19  DT  A C2    1 
ATOM   383 O  O2    . DT  A 1 19 ? 23.90791  8.65725   4.14074   1.000 191.43000 ? 19  DT  A O2    1 
ATOM   384 N  N3    . DT  A 1 19 ? 24.03236  6.39064   3.99781   1.000 212.62000 ? 19  DT  A N3    1 
ATOM   385 C  C4    . DT  A 1 19 ? 24.14823  5.18940   3.31533   1.000 226.08000 ? 19  DT  A C4    1 
ATOM   386 O  O4    . DT  A 1 19 ? 24.15403  4.10208   3.88674   1.000 233.11000 ? 19  DT  A O4    1 
ATOM   387 C  C5    . DT  A 1 19 ? 24.26366  5.30287   1.88140   1.000 243.79000 ? 19  DT  A C5    1 
ATOM   388 C  C7    . DT  A 1 19 ? 24.39562  4.07063   1.03909   1.000 283.75000 ? 19  DT  A C7    1 
ATOM   389 C  C6    . DT  A 1 19 ? 24.24925  6.52862   1.34015   1.000 218.47000 ? 19  DT  A C6    1 
ATOM   390 P  P     . DC  A 1 20 ? 25.36336  12.31851  0.31328   1.000 269.35000 ? 20  DC  A P     1 
ATOM   391 O  OP1   . DC  A 1 20 ? 24.16868  12.21424  1.17962   1.000 249.86000 ? 20  DC  A OP1   1 
ATOM   392 O  OP2   . DC  A 1 20 ? 25.69648  13.62788  -0.28992  1.000 264.71000 ? 20  DC  A OP2   1 
ATOM   393 O  "O5'" . DC  A 1 20 ? 26.66232  11.84427  1.12026   1.000 248.52000 ? 20  DC  A "O5'" 1 
ATOM   394 C  "C5'" . DC  A 1 20 ? 27.25556  12.70481  2.09505   1.000 273.52000 ? 20  DC  A "C5'" 1 
ATOM   395 C  "C4'" . DC  A 1 20 ? 26.32553  12.91466  3.27770   1.000 242.13000 ? 20  DC  A "C4'" 1 
ATOM   396 O  "O4'" . DC  A 1 20 ? 25.71146  11.65475  3.63469   1.000 228.55000 ? 20  DC  A "O4'" 1 
ATOM   397 C  "C3'" . DC  A 1 20 ? 27.00639  13.35628  4.55223   1.000 245.70000 ? 20  DC  A "C3'" 1 
ATOM   398 O  "O3'" . DC  A 1 20 ? 26.02382  13.85258  5.45100   1.000 237.00000 ? 20  DC  A "O3'" 1 
ATOM   399 C  "C2'" . DC  A 1 20 ? 27.57008  12.03028  5.03568   1.000 223.74000 ? 20  DC  A "C2'" 1 
ATOM   400 C  "C1'" . DC  A 1 20 ? 26.38906  11.10642  4.75380   1.000 230.83000 ? 20  DC  A "C1'" 1 
ATOM   401 N  N1    . DC  A 1 20 ? 26.76138  9.71377   4.41561   1.000 246.41000 ? 20  DC  A N1    1 
ATOM   402 C  C2    . DC  A 1 20 ? 26.61514  8.70708   5.37070   1.000 240.61000 ? 20  DC  A C2    1 
ATOM   403 O  O2    . DC  A 1 20 ? 26.20538  9.00169   6.49739   1.000 233.16000 ? 20  DC  A O2    1 
ATOM   404 N  N3    . DC  A 1 20 ? 26.93630  7.43314   5.03306   1.000 255.28000 ? 20  DC  A N3    1 
ATOM   405 C  C4    . DC  A 1 20 ? 27.37362  7.15762   3.80466   1.000 277.40000 ? 20  DC  A C4    1 
ATOM   406 N  N4    . DC  A 1 20 ? 27.67993  5.88759   3.51594   1.000 306.65000 ? 20  DC  A N4    1 
ATOM   407 C  C5    . DC  A 1 20 ? 27.52039  8.17108   2.81711   1.000 276.21000 ? 20  DC  A C5    1 
ATOM   408 C  C6    . DC  A 1 20 ? 27.20262  9.42059   3.16292   1.000 258.79000 ? 20  DC  A C6    1 
ATOM   409 P  P     . DA  A 1 21 ? 26.39905  14.96864  6.54304   1.000 230.80000 ? 21  DA  A P     1 
ATOM   410 O  OP1   . DA  A 1 21 ? 25.18940  15.77688  6.80381   1.000 232.25000 ? 21  DA  A OP1   1 
ATOM   411 O  OP2   . DA  A 1 21 ? 27.64762  15.62876  6.10356   1.000 245.54000 ? 21  DA  A OP2   1 
ATOM   412 O  "O5'" . DA  A 1 21 ? 26.73256  14.12165  7.85253   1.000 188.46000 ? 21  DA  A "O5'" 1 
ATOM   413 C  "C5'" . DA  A 1 21 ? 28.06067  13.70035  8.09242   1.000 183.23000 ? 21  DA  A "C5'" 1 
ATOM   414 C  "C4'" . DA  A 1 21 ? 28.14617  12.85636  9.34888   1.000 175.99000 ? 21  DA  A "C4'" 1 
ATOM   415 O  "O4'" . DA  A 1 21 ? 27.96595  11.45566  9.00003   1.000 178.21000 ? 21  DA  A "O4'" 1 
ATOM   416 C  "C3'" . DA  A 1 21 ? 29.49316  12.91285  10.05490  1.000 193.98000 ? 21  DA  A "C3'" 1 
ATOM   417 O  "O3'" . DA  A 1 21 ? 29.33256  12.60282  11.43591  1.000 189.77000 ? 21  DA  A "O3'" 1 
ATOM   418 C  "C2'" . DA  A 1 21 ? 30.25552  11.81654  9.33160   1.000 189.91000 ? 21  DA  A "C2'" 1 
ATOM   419 C  "C1'" . DA  A 1 21 ? 29.17457  10.75276  9.23661   1.000 192.57000 ? 21  DA  A "C1'" 1 
ATOM   420 N  N9    . DA  A 1 21 ? 29.36951  9.79101   8.15533   1.000 193.55000 ? 21  DA  A N9    1 
ATOM   421 C  C8    . DA  A 1 21 ? 29.47079  10.05932  6.81823   1.000 181.61000 ? 21  DA  A C8    1 
ATOM   422 N  N7    . DA  A 1 21 ? 29.62438  8.99099   6.07343   1.000 204.76000 ? 21  DA  A N7    1 
ATOM   423 C  C5    . DA  A 1 21 ? 29.61755  7.94678   6.98659   1.000 224.63000 ? 21  DA  A C5    1 
ATOM   424 C  C6    . DA  A 1 21 ? 29.73847  6.55241   6.83447   1.000 249.13000 ? 21  DA  A C6    1 
ATOM   425 N  N6    . DA  A 1 21 ? 29.89964  5.95593   5.64974   1.000 257.04000 ? 21  DA  A N6    1 
ATOM   426 N  N1    . DA  A 1 21 ? 29.69451  5.79220   7.95100   1.000 246.32000 ? 21  DA  A N1    1 
ATOM   427 C  C2    . DA  A 1 21 ? 29.53907  6.39418   9.13801   1.000 215.81000 ? 21  DA  A C2    1 
ATOM   428 N  N3    . DA  A 1 21 ? 29.40819  7.69372   9.40490   1.000 202.68000 ? 21  DA  A N3    1 
ATOM   429 C  C4    . DA  A 1 21 ? 29.45629  8.42232   8.27387   1.000 209.83000 ? 21  DA  A C4    1 
ATOM   430 P  P     . DC  B 2 1  ? 8.28313   10.61406  0.31318   1.000 151.54000 ? 1   DC  B P     1 
ATOM   431 O  OP1   . DC  B 2 1  ? 7.44624   11.79022  0.64539   1.000 144.85000 ? 1   DC  B OP1   1 
ATOM   432 O  OP2   . DC  B 2 1  ? 7.76450   9.23967   0.48896   1.000 142.02000 ? 1   DC  B OP2   1 
ATOM   433 O  "O5'" . DC  B 2 1  ? 8.78713   10.73726  -1.19995  1.000 173.53000 ? 1   DC  B "O5'" 1 
ATOM   434 C  "C5'" . DC  B 2 1  ? 10.17647  10.87700  -1.47876  1.000 189.67000 ? 1   DC  B "C5'" 1 
ATOM   435 C  "C4'" . DC  B 2 1  ? 10.91745  9.57559   -1.22590  1.000 196.15000 ? 1   DC  B "C4'" 1 
ATOM   436 O  "O4'" . DC  B 2 1  ? 11.04033  9.34547   0.18801   1.000 155.67000 ? 1   DC  B "O4'" 1 
ATOM   437 C  "C3'" . DC  B 2 1  ? 10.23329  8.33387   -1.78302  1.000 186.48000 ? 1   DC  B "C3'" 1 
ATOM   438 O  "O3'" . DC  B 2 1  ? 10.85861  7.94833   -2.99415  1.000 204.39000 ? 1   DC  B "O3'" 1 
ATOM   439 C  "C2'" . DC  B 2 1  ? 10.39019  7.26444   -0.68446  1.000 159.67000 ? 1   DC  B "C2'" 1 
ATOM   440 C  "C1'" . DC  B 2 1  ? 11.21354  7.96988   0.39355   1.000 141.17000 ? 1   DC  B "C1'" 1 
ATOM   441 N  N1    . DC  B 2 1  ? 10.78575  7.64730   1.77283   1.000 135.53000 ? 1   DC  B N1    1 
ATOM   442 C  C2    . DC  B 2 1  ? 11.05523  6.38300   2.30450   1.000 136.70000 ? 1   DC  B C2    1 
ATOM   443 O  O2    . DC  B 2 1  ? 11.64043  5.54139   1.61101   1.000 149.85000 ? 1   DC  B O2    1 
ATOM   444 N  N3    . DC  B 2 1  ? 10.65946  6.11167   3.56951   1.000 145.58000 ? 1   DC  B N3    1 
ATOM   445 C  C4    . DC  B 2 1  ? 10.02601  7.04224   4.28603   1.000 171.74000 ? 1   DC  B C4    1 
ATOM   446 N  N4    . DC  B 2 1  ? 9.65121   6.73356   5.52938   1.000 190.67000 ? 1   DC  B N4    1 
ATOM   447 C  C5    . DC  B 2 1  ? 9.74746   8.33184   3.75775   1.000 174.15000 ? 1   DC  B C5    1 
ATOM   448 C  C6    . DC  B 2 1  ? 10.14482  8.59199   2.51390   1.000 150.17000 ? 1   DC  B C6    1 
ATOM   449 P  P     . DC  B 2 2  ? 10.00945  7.98245   -4.35289  1.000 167.89000 ? 2   DC  B P     1 
ATOM   450 O  OP1   . DC  B 2 2  ? 10.67675  7.09159   -5.32816  1.000 156.77000 ? 2   DC  B OP1   1 
ATOM   451 O  OP2   . DC  B 2 2  ? 9.79432   9.40589   -4.70270  1.000 184.44000 ? 2   DC  B OP2   1 
ATOM   452 O  "O5'" . DC  B 2 2  ? 8.59562   7.37767   -3.89758  1.000 175.49000 ? 2   DC  B "O5'" 1 
ATOM   453 C  "C5'" . DC  B 2 2  ? 7.88795   6.47346   -4.73023  1.000 197.13000 ? 2   DC  B "C5'" 1 
ATOM   454 C  "C4'" . DC  B 2 2  ? 8.42623   5.06083   -4.58696  1.000 193.54000 ? 2   DC  B "C4'" 1 
ATOM   455 O  "O4'" . DC  B 2 2  ? 8.80951   4.80102   -3.21140  1.000 172.70000 ? 2   DC  B "O4'" 1 
ATOM   456 C  "C3'" . DC  B 2 2  ? 7.44294   3.97153   -4.93666  1.000 203.84000 ? 2   DC  B "C3'" 1 
ATOM   457 O  "O3'" . DC  B 2 2  ? 8.15872   2.83806   -5.38664  1.000 187.48000 ? 2   DC  B "O3'" 1 
ATOM   458 C  "C2'" . DC  B 2 2  ? 6.74487   3.72415   -3.59712  1.000 220.19000 ? 2   DC  B "C2'" 1 
ATOM   459 C  "C1'" . DC  B 2 2  ? 7.89507   3.90006   -2.60963  1.000 190.03000 ? 2   DC  B "C1'" 1 
ATOM   460 N  N1    . DC  B 2 2  ? 7.48685   4.49844   -1.32731  1.000 177.71000 ? 2   DC  B N1    1 
ATOM   461 C  C2    . DC  B 2 2  ? 7.43283   3.71793   -0.16060  1.000 162.99000 ? 2   DC  B C2    1 
ATOM   462 O  O2    . DC  B 2 2  ? 7.70974   2.50670   -0.21325  1.000 166.35000 ? 2   DC  B O2    1 
ATOM   463 N  N3    . DC  B 2 2  ? 7.06551   4.31888   1.00125   1.000 147.70000 ? 2   DC  B N3    1 
ATOM   464 C  C4    . DC  B 2 2  ? 6.77579   5.62586   1.01535   1.000 150.49000 ? 2   DC  B C4    1 
ATOM   465 N  N4    . DC  B 2 2  ? 6.41797   6.17790   2.17464   1.000 141.44000 ? 2   DC  B N4    1 
ATOM   466 C  C5    . DC  B 2 2  ? 6.83602   6.42311   -0.15827  1.000 147.90000 ? 2   DC  B C5    1 
ATOM   467 C  C6    . DC  B 2 2  ? 7.19538   5.82761   -1.28977  1.000 162.20000 ? 2   DC  B C6    1 
ATOM   468 P  P     . DA  B 2 3  ? 7.42996   1.73160   -6.28838  1.000 139.22000 ? 3   DA  B P     1 
ATOM   469 O  OP1   . DA  B 2 3  ? 8.47534   0.97834   -7.01874  1.000 179.25000 ? 3   DA  B OP1   1 
ATOM   470 O  OP2   . DA  B 2 3  ? 6.34451   2.39731   -7.04214  1.000 142.16000 ? 3   DA  B OP2   1 
ATOM   471 O  "O5'" . DA  B 2 3  ? 6.75051   0.79103   -5.20393  1.000 134.82000 ? 3   DA  B "O5'" 1 
ATOM   472 C  "C5'" . DA  B 2 3  ? 7.47958   0.42211   -4.04400  1.000 130.75000 ? 3   DA  B "C5'" 1 
ATOM   473 C  "C4'" . DA  B 2 3  ? 6.94637   -0.87111  -3.49447  1.000 139.35000 ? 3   DA  B "C4'" 1 
ATOM   474 O  "O4'" . DA  B 2 3  ? 6.03434   -0.59928  -2.41306  1.000 133.14000 ? 3   DA  B "O4'" 1 
ATOM   475 C  "C3'" . DA  B 2 3  ? 6.16016   -1.68744  -4.50311  1.000 147.60000 ? 3   DA  B "C3'" 1 
ATOM   476 O  "O3'" . DA  B 2 3  ? 6.42046   -3.10202  -4.30165  1.000 173.35000 ? 3   DA  B "O3'" 1 
ATOM   477 C  "C2'" . DA  B 2 3  ? 4.69265   -1.26153  -4.27525  1.000 151.53000 ? 3   DA  B "C2'" 1 
ATOM   478 C  "C1'" . DA  B 2 3  ? 4.70619   -0.58906  -2.89410  1.000 162.09000 ? 3   DA  B "C1'" 1 
ATOM   479 N  N9    . DA  B 2 3  ? 4.22620   0.79235   -2.87157  1.000 129.09000 ? 3   DA  B N9    1 
ATOM   480 C  C8    . DA  B 2 3  ? 3.85295   1.57761   -3.92939  1.000 132.00000 ? 3   DA  B C8    1 
ATOM   481 N  N7    . DA  B 2 3  ? 3.47065   2.78833   -3.57711  1.000 129.36000 ? 3   DA  B N7    1 
ATOM   482 C  C5    . DA  B 2 3  ? 3.61193   2.78947   -2.19618  1.000 123.97000 ? 3   DA  B C5    1 
ATOM   483 C  C6    . DA  B 2 3  ? 3.37374   3.76606   -1.20773  1.000 119.22000 ? 3   DA  B C6    1 
ATOM   484 N  N6    . DA  B 2 3  ? 2.92532   4.99618   -1.47196  1.000 119.56000 ? 3   DA  B N6    1 
ATOM   485 N  N1    . DA  B 2 3  ? 3.61826   3.42416   0.07654   1.000 114.45000 ? 3   DA  B N1    1 
ATOM   486 C  C2    . DA  B 2 3  ? 4.07170   2.20111   0.33889   1.000 114.84000 ? 3   DA  B C2    1 
ATOM   487 N  N3    . DA  B 2 3  ? 4.32712   1.20635   -0.49281  1.000 119.46000 ? 3   DA  B N3    1 
ATOM   488 C  C4    . DA  B 2 3  ? 4.07566   1.56674   -1.75597  1.000 123.72000 ? 3   DA  B C4    1 
HETATM 489 N  N1    . 5CM B 2 4  ? 1.60836   -0.68294  -0.56810  1.000 144.66000 ? 4   5CM B N1    1 
HETATM 490 C  C2    . 5CM B 2 4  ? 1.43449   0.46630   0.02797   1.000 139.60000 ? 4   5CM B C2    1 
HETATM 491 N  N3    . 5CM B 2 4  ? 0.97882   1.51172   -0.63988  1.000 139.26000 ? 4   5CM B N3    1 
HETATM 492 C  C4    . 5CM B 2 4  ? 0.66266   1.46920   -1.95131  1.000 143.93000 ? 4   5CM B C4    1 
HETATM 493 C  C5    . 5CM B 2 4  ? 0.84377   0.24075   -2.60051  1.000 148.94000 ? 4   5CM B C5    1 
HETATM 494 C  C5A   . 5CM B 2 4  ? 0.51416   0.07318   -4.10330  1.000 378.00000 ? 4   5CM B C5A   1 
HETATM 495 C  C6    . 5CM B 2 4  ? 1.32010   -0.81857  -1.90201  1.000 149.27000 ? 4   5CM B C6    1 
HETATM 496 O  O2    . 5CM B 2 4  ? 1.68167   0.58639   1.13158   1.000 135.59000 ? 4   5CM B O2    1 
HETATM 497 N  N4    . 5CM B 2 4  ? 0.15170   2.61751   -2.68407  1.000 144.08000 ? 4   5CM B N4    1 
HETATM 498 C  "C1'" . 5CM B 2 4  ? 2.11908   -1.84439  0.15094   1.000 178.16000 ? 4   5CM B "C1'" 1 
HETATM 499 C  "C2'" . 5CM B 2 4  ? 1.22660   -2.85213  0.23052   1.000 179.47000 ? 4   5CM B "C2'" 1 
HETATM 500 C  "C3'" . 5CM B 2 4  ? 1.93868   -4.10325  -0.19581  1.000 200.91000 ? 4   5CM B "C3'" 1 
HETATM 501 C  "C4'" . 5CM B 2 4  ? 3.43408   -3.69296  -0.41143  1.000 204.50000 ? 4   5CM B "C4'" 1 
HETATM 502 O  "O4'" . 5CM B 2 4  ? 3.40537   -2.41932  -0.60731  1.000 219.90000 ? 4   5CM B "O4'" 1 
HETATM 503 O  "O3'" . 5CM B 2 4  ? 1.89944   -5.11481  0.76202   1.000 204.30000 ? 4   5CM B "O3'" 1 
HETATM 504 C  "C5'" . 5CM B 2 4  ? 4.01184   -4.49664  -1.66360  1.000 189.97000 ? 4   5CM B "C5'" 1 
HETATM 505 O  "O5'" . 5CM B 2 4  ? 4.76688   -3.68280  -2.37744  1.000 221.99000 ? 4   5CM B "O5'" 1 
HETATM 506 P  P     . 5CM B 2 4  ? 5.26434   -4.15151  -3.90713  1.000 211.23000 ? 4   5CM B P     1 
HETATM 507 O  OP1   . 5CM B 2 4  ? 5.86139   -5.54971  -3.85731  1.000 206.39000 ? 4   5CM B OP1   1 
HETATM 508 O  OP2   . 5CM B 2 4  ? 4.18568   -4.11848  -4.90267  1.000 196.08000 ? 4   5CM B OP2   1 
ATOM   509 P  P     . DA  B 2 5  ? 0.64737   -6.12011  0.86314   1.000 258.16000 ? 5   DA  B P     1 
ATOM   510 O  OP1   . DA  B 2 5  ? 1.11634   -7.37589  1.49665   1.000 254.03000 ? 5   DA  B OP1   1 
ATOM   511 O  OP2   . DA  B 2 5  ? -0.01690  -6.16639  -0.45678  1.000 272.63000 ? 5   DA  B OP2   1 
ATOM   512 O  "O5'" . DA  B 2 5  ? -0.32454  -5.38505  1.88709   1.000 247.54000 ? 5   DA  B "O5'" 1 
ATOM   513 C  "C5'" . DA  B 2 5  ? 0.22497   -4.72938  3.02263   1.000 242.98000 ? 5   DA  B "C5'" 1 
ATOM   514 C  "C4'" . DA  B 2 5  ? -0.78067  -3.77814  3.62476   1.000 214.90000 ? 5   DA  B "C4'" 1 
ATOM   515 O  "O4'" . DA  B 2 5  ? -0.88694  -2.60052  2.78642   1.000 214.62000 ? 5   DA  B "O4'" 1 
ATOM   516 C  "C3'" . DA  B 2 5  ? -2.19203  -4.33975  3.73000   1.000 211.13000 ? 5   DA  B "C3'" 1 
ATOM   517 O  "O3'" . DA  B 2 5  ? -2.82813  -3.79528  4.85517   1.000 218.85000 ? 5   DA  B "O3'" 1 
ATOM   518 C  "C2'" . DA  B 2 5  ? -2.83885  -3.84731  2.44401   1.000 228.43000 ? 5   DA  B "C2'" 1 
ATOM   519 C  "C1'" . DA  B 2 5  ? -2.21310  -2.47089  2.31902   1.000 213.22000 ? 5   DA  B "C1'" 1 
ATOM   520 N  N9    . DA  B 2 5  ? -2.18063  -1.96892  0.95345   1.000 220.46000 ? 5   DA  B N9    1 
ATOM   521 C  C8    . DA  B 2 5  ? -2.02502  -2.69640  -0.19132  1.000 219.49000 ? 5   DA  B C8    1 
ATOM   522 N  N7    . DA  B 2 5  ? -2.03893  -1.96889  -1.28366  1.000 222.47000 ? 5   DA  B N7    1 
ATOM   523 C  C5    . DA  B 2 5  ? -2.22254  -0.67507  -0.81885  1.000 220.27000 ? 5   DA  B C5    1 
ATOM   524 C  C6    . DA  B 2 5  ? -2.32857  0.56990   -1.47467  1.000 227.72000 ? 5   DA  B C6    1 
ATOM   525 N  N6    . DA  B 2 5  ? -2.25775  0.71349   -2.79983  1.000 235.51000 ? 5   DA  B N6    1 
ATOM   526 N  N1    . DA  B 2 5  ? -2.50472  1.66790   -0.71088  1.000 235.85000 ? 5   DA  B N1    1 
ATOM   527 C  C2    . DA  B 2 5  ? -2.57497  1.52321   0.61610   1.000 236.64000 ? 5   DA  B C2    1 
ATOM   528 N  N3    . DA  B 2 5  ? -2.49112  0.41059   1.34254   1.000 205.92000 ? 5   DA  B N3    1 
ATOM   529 C  C4    . DA  B 2 5  ? -2.31437  -0.66185  0.55713   1.000 210.53000 ? 5   DA  B C4    1 
ATOM   530 P  P     . DC  B 2 6  ? -3.54315  -4.75170  5.92972   1.000 128.91000 ? 6   DC  B P     1 
ATOM   531 O  OP1   . DC  B 2 6  ? -2.47661  -5.38231  6.74069   1.000 126.69000 ? 6   DC  B OP1   1 
ATOM   532 O  OP2   . DC  B 2 6  ? -4.52275  -5.61017  5.21885   1.000 137.29000 ? 6   DC  B OP2   1 
ATOM   533 O  "O5'" . DC  B 2 6  ? -4.34243  -3.71292  6.84925   1.000 123.80000 ? 6   DC  B "O5'" 1 
ATOM   534 C  "C5'" . DC  B 2 6  ? -3.73848  -2.46415  7.19563   1.000 117.40000 ? 6   DC  B "C5'" 1 
ATOM   535 C  "C4'" . DC  B 2 6  ? -4.60517  -1.29731  6.75237   1.000 118.26000 ? 6   DC  B "C4'" 1 
ATOM   536 O  "O4'" . DC  B 2 6  ? -4.43044  -1.05119  5.33005   1.000 122.72000 ? 6   DC  B "O4'" 1 
ATOM   537 C  "C3'" . DC  B 2 6  ? -6.11764  -1.48197  6.96391   1.000 122.41000 ? 6   DC  B "C3'" 1 
ATOM   538 O  "O3'" . DC  B 2 6  ? -6.64158  -0.33940  7.61298   1.000 118.55000 ? 6   DC  B "O3'" 1 
ATOM   539 C  "C2'" . DC  B 2 6  ? -6.66004  -1.60373  5.53664   1.000 130.06000 ? 6   DC  B "C2'" 1 
ATOM   540 C  "C1'" . DC  B 2 6  ? -5.68721  -0.71129  4.79952   1.000 127.87000 ? 6   DC  B "C1'" 1 
ATOM   541 N  N1    . DC  B 2 6  ? -5.68194  -0.88568  3.30590   1.000 134.26000 ? 6   DC  B N1    1 
ATOM   542 C  C2    . DC  B 2 6  ? -5.65583  0.24746   2.49625   1.000 135.09000 ? 6   DC  B C2    1 
ATOM   543 O  O2    . DC  B 2 6  ? -5.62632  1.35776   3.02977   1.000 130.86000 ? 6   DC  B O2    1 
ATOM   544 N  N3    . DC  B 2 6  ? -5.65804  0.10283   1.15108   1.000 140.91000 ? 6   DC  B N3    1 
ATOM   545 C  C4    . DC  B 2 6  ? -5.69004  -1.11222  0.61162   1.000 145.72000 ? 6   DC  B C4    1 
ATOM   546 N  N4    . DC  B 2 6  ? -5.68947  -1.19814  -0.72305  1.000 151.33000 ? 6   DC  B N4    1 
ATOM   547 C  C5    . DC  B 2 6  ? -5.72555  -2.28943  1.41705   1.000 145.37000 ? 6   DC  B C5    1 
ATOM   548 C  C6    . DC  B 2 6  ? -5.72540  -2.13062  2.75000   1.000 139.61000 ? 6   DC  B C6    1 
ATOM   549 P  P     . DA  B 2 7  ? -8.13143  -0.34190  8.21433   1.000 173.95000 ? 7   DA  B P     1 
ATOM   550 O  OP1   . DA  B 2 7  ? -7.99207  -0.09250  9.66342   1.000 172.36000 ? 7   DA  B OP1   1 
ATOM   551 O  OP2   . DA  B 2 7  ? -8.83861  -1.55678  7.75280   1.000 165.83000 ? 7   DA  B OP2   1 
ATOM   552 O  "O5'" . DA  B 2 7  ? -8.81738  0.93882   7.53901   1.000 183.33000 ? 7   DA  B "O5'" 1 
ATOM   553 C  "C5'" . DA  B 2 7  ? -8.58657  1.22802   6.16302   1.000 189.77000 ? 7   DA  B "C5'" 1 
ATOM   554 C  "C4'" . DA  B 2 7  ? -9.87036  1.12436   5.36931   1.000 176.30000 ? 7   DA  B "C4'" 1 
ATOM   555 O  "O4'" . DA  B 2 7  ? -9.56002  0.89423   3.96893   1.000 178.16000 ? 7   DA  B "O4'" 1 
ATOM   556 C  "C3'" . DA  B 2 7  ? -10.79193 -0.03045  5.78388   1.000 186.51000 ? 7   DA  B "C3'" 1 
ATOM   557 O  "O3'" . DA  B 2 7  ? -12.12968 0.42319   5.82596   1.000 178.94000 ? 7   DA  B "O3'" 1 
ATOM   558 C  "C2'" . DA  B 2 7  ? -10.58964 -1.04641  4.66339   1.000 200.21000 ? 7   DA  B "C2'" 1 
ATOM   559 C  "C1'" . DA  B 2 7  ? -10.42839 -0.09957  3.49805   1.000 192.67000 ? 7   DA  B "C1'" 1 
ATOM   560 N  N9    . DA  B 2 7  ? -9.89393  -0.70861  2.28373   1.000 188.50000 ? 7   DA  B N9    1 
ATOM   561 C  C8    . DA  B 2 7  ? -9.30595  -1.93674  2.15355   1.000 200.45000 ? 7   DA  B C8    1 
ATOM   562 N  N7    . DA  B 2 7  ? -8.94091  -2.21897  0.92321   1.000 225.86000 ? 7   DA  B N7    1 
ATOM   563 C  C5    . DA  B 2 7  ? -9.32775  -1.10088  0.19826   1.000 216.03000 ? 7   DA  B C5    1 
ATOM   564 C  C6    . DA  B 2 7  ? -9.22619  -0.76829  -1.16700  1.000 234.64000 ? 7   DA  B C6    1 
ATOM   565 N  N6    . DA  B 2 7  ? -8.67330  -1.57199  -2.07961  1.000 247.78000 ? 7   DA  B N6    1 
ATOM   566 N  N1    . DA  B 2 7  ? -9.71184  0.43438   -1.55855  1.000 235.23000 ? 7   DA  B N1    1 
ATOM   567 C  C2    . DA  B 2 7  ? -10.26691 1.23088   -0.63975  1.000 236.91000 ? 7   DA  B C2    1 
ATOM   568 N  N3    . DA  B 2 7  ? -10.41748 1.02648   0.66446   1.000 210.01000 ? 7   DA  B N3    1 
ATOM   569 C  C4    . DA  B 2 7  ? -9.92267  -0.16807  1.02228   1.000 204.01000 ? 7   DA  B C4    1 
ATOM   570 P  P     . DG  C 3 1  ? -15.69853 -3.36662  5.40775   1.000 206.68000 ? 8   DG  C P     1 
ATOM   571 O  OP1   . DG  C 3 1  ? -14.40615 -3.76410  4.80470   1.000 195.82000 ? 8   DG  C OP1   1 
ATOM   572 O  OP2   . DG  C 3 1  ? -16.02084 -3.75410  6.79914   1.000 180.43000 ? 8   DG  C OP2   1 
ATOM   573 O  "O5'" . DG  C 3 1  ? -15.86973 -1.78268  5.28185   1.000 186.80000 ? 8   DG  C "O5'" 1 
ATOM   574 C  "C5'" . DG  C 3 1  ? -16.35020 -1.22155  4.07271   1.000 192.72000 ? 8   DG  C "C5'" 1 
ATOM   575 C  "C4'" . DG  C 3 1  ? -15.25792 -0.44052  3.37015   1.000 194.40000 ? 8   DG  C "C4'" 1 
ATOM   576 O  "O4'" . DG  C 3 1  ? -14.12979 -1.29796  3.11596   1.000 198.50000 ? 8   DG  C "O4'" 1 
ATOM   577 C  "C3'" . DG  C 3 1  ? -15.62883 0.07631   2.00007   1.000 200.42000 ? 8   DG  C "C3'" 1 
ATOM   578 O  "O3'" . DG  C 3 1  ? -16.36264 1.26899   2.11892   1.000 199.46000 ? 8   DG  C "O3'" 1 
ATOM   579 C  "C2'" . DG  C 3 1  ? -14.26178 0.32160   1.37528   1.000 221.73000 ? 8   DG  C "C2'" 1 
ATOM   580 C  "C1'" . DG  C 3 1  ? -13.40255 -0.77707  2.01639   1.000 208.86000 ? 8   DG  C "C1'" 1 
ATOM   581 N  N9    . DG  C 3 1  ? -13.02612 -1.88158  1.12288   1.000 222.36000 ? 8   DG  C N9    1 
ATOM   582 C  C8    . DG  C 3 1  ? -12.87691 -3.20245  1.47375   1.000 245.86000 ? 8   DG  C C8    1 
ATOM   583 N  N7    . DG  C 3 1  ? -12.52062 -3.96964  0.48190   1.000 242.14000 ? 8   DG  C N7    1 
ATOM   584 C  C5    . DG  C 3 1  ? -12.41323 -3.10439  -0.59591  1.000 249.82000 ? 8   DG  C C5    1 
ATOM   585 C  C6    . DG  C 3 1  ? -12.06103 -3.36655  -1.93781  1.000 259.34000 ? 8   DG  C C6    1 
ATOM   586 O  O6    . DG  C 3 1  ? -11.75626 -4.44799  -2.45239  1.000 275.78000 ? 8   DG  C O6    1 
ATOM   587 N  N1    . DG  C 3 1  ? -12.07160 -2.20837  -2.71213  1.000 254.83000 ? 8   DG  C N1    1 
ATOM   588 C  C2    . DG  C 3 1  ? -12.38394 -0.95337  -2.24852  1.000 240.94000 ? 8   DG  C C2    1 
ATOM   589 N  N2    . DG  C 3 1  ? -12.34448 0.04685   -3.14576  1.000 267.65000 ? 8   DG  C N2    1 
ATOM   590 N  N3    . DG  C 3 1  ? -12.71994 -0.69407  -0.99498  1.000 227.63000 ? 8   DG  C N3    1 
ATOM   591 C  C4    . DG  C 3 1  ? -12.71452 -1.81131  -0.22379  1.000 225.94000 ? 8   DG  C C4    1 
ATOM   592 P  P     . DG  C 3 2  ? -17.92845 1.27183   1.77140   1.000 247.02000 ? 9   DG  C P     1 
ATOM   593 O  OP1   . DG  C 3 2  ? -18.58964 2.21191   2.70326   1.000 242.73000 ? 9   DG  C OP1   1 
ATOM   594 O  OP2   . DG  C 3 2  ? -18.36548 -0.14100  1.70246   1.000 247.46000 ? 9   DG  C OP2   1 
ATOM   595 O  "O5'" . DG  C 3 2  ? -17.99042 1.86912   0.29360   1.000 231.76000 ? 9   DG  C "O5'" 1 
ATOM   596 C  "C5'" . DG  C 3 2  ? -17.35149 3.09590   0.00238   1.000 246.58000 ? 9   DG  C "C5'" 1 
ATOM   597 C  "C4'" . DG  C 3 2  ? -16.68622 3.02516   -1.35269  1.000 270.35000 ? 9   DG  C "C4'" 1 
ATOM   598 O  "O4'" . DG  C 3 2  ? -15.66295 2.01200   -1.31628  1.000 278.95000 ? 9   DG  C "O4'" 1 
ATOM   599 C  "C3'" . DG  C 3 2  ? -17.61019 2.61477   -2.48407  1.000 260.55000 ? 9   DG  C "C3'" 1 
ATOM   600 O  "O3'" . DG  C 3 2  ? -18.21578 3.77106   -3.04922  1.000 273.87000 ? 9   DG  C "O3'" 1 
ATOM   601 C  "C2'" . DG  C 3 2  ? -16.66220 1.94381   -3.47506  1.000 276.94000 ? 9   DG  C "C2'" 1 
ATOM   602 C  "C1'" . DG  C 3 2  ? -15.55555 1.39143   -2.57911  1.000 275.67000 ? 9   DG  C "C1'" 1 
ATOM   603 N  N9    . DG  C 3 2  ? -15.60163 -0.05341  -2.39319  1.000 285.04000 ? 9   DG  C N9    1 
ATOM   604 C  C8    . DG  C 3 2  ? -15.92291 -0.73527  -1.24729  1.000 272.53000 ? 9   DG  C C8    1 
ATOM   605 N  N7    . DG  C 3 2  ? -15.85528 -2.03158  -1.37558  1.000 270.72000 ? 9   DG  C N7    1 
ATOM   606 C  C5    . DG  C 3 2  ? -15.46666 -2.21819  -2.69390  1.000 284.67000 ? 9   DG  C C5    1 
ATOM   607 C  C6    . DG  C 3 2  ? -15.23473 -3.41052  -3.42140  1.000 283.53000 ? 9   DG  C C6    1 
ATOM   608 O  O6    . DG  C 3 2  ? -15.31602 -4.58642  -3.03388  1.000 280.68000 ? 9   DG  C O6    1 
ATOM   609 N  N1    . DG  C 3 2  ? -14.85257 -3.14034  -4.73142  1.000 296.97000 ? 9   DG  C N1    1 
ATOM   610 C  C2    . DG  C 3 2  ? -14.72045 -1.88157  -5.27071  1.000 302.18000 ? 9   DG  C C2    1 
ATOM   611 N  N2    . DG  C 3 2  ? -14.34687 -1.82140  -6.55160  1.000 333.14000 ? 9   DG  C N2    1 
ATOM   612 N  N3    . DG  C 3 2  ? -14.93618 -0.76330  -4.60403  1.000 278.43000 ? 9   DG  C N3    1 
ATOM   613 C  C4    . DG  C 3 2  ? -15.30823 -1.00576  -3.33024  1.000 286.22000 ? 9   DG  C C4    1 
ATOM   614 P  P     . DC  C 3 3  ? -19.66100 3.67147   -3.74248  1.000 288.52000 ? 10  DC  C P     1 
ATOM   615 O  OP1   . DC  C 3 3  ? -19.72777 4.70438   -4.80090  1.000 317.78000 ? 10  DC  C OP1   1 
ATOM   616 O  OP2   . DC  C 3 3  ? -20.67664 3.65113   -2.66652  1.000 300.41000 ? 10  DC  C OP2   1 
ATOM   617 O  "O5'" . DC  C 3 3  ? -19.64909 2.23081   -4.43005  1.000 284.98000 ? 10  DC  C "O5'" 1 
ATOM   618 C  "C5'" . DC  C 3 3  ? -20.20670 2.05891   -5.71633  1.000 303.34000 ? 10  DC  C "C5'" 1 
ATOM   619 C  "C4'" . DC  C 3 3  ? -19.12448 2.05167   -6.78024  1.000 309.53000 ? 10  DC  C "C4'" 1 
ATOM   620 O  "O4'" . DC  C 3 3  ? -17.92453 1.42787   -6.25308  1.000 305.32000 ? 10  DC  C "O4'" 1 
ATOM   621 C  "C3'" . DC  C 3 3  ? -19.49205 1.27560   -8.03307  1.000 318.84000 ? 10  DC  C "C3'" 1 
ATOM   622 O  "O3'" . DC  C 3 3  ? -19.98093 2.16925   -9.01608  1.000 340.15000 ? 10  DC  C "O3'" 1 
ATOM   623 C  "C2'" . DC  C 3 3  ? -18.17421 0.63704   -8.45830  1.000 321.46000 ? 10  DC  C "C2'" 1 
ATOM   624 C  "C1'" . DC  C 3 3  ? -17.47898 0.40613   -7.12002  1.000 315.25000 ? 10  DC  C "C1'" 1 
ATOM   625 N  N1    . DC  C 3 3  ? -17.78023 -0.91704  -6.47538  1.000 307.50000 ? 10  DC  C N1    1 
ATOM   626 C  C2    . DC  C 3 3  ? -17.40955 -2.11574  -7.10570  1.000 325.93000 ? 10  DC  C C2    1 
ATOM   627 O  O2    . DC  C 3 3  ? -16.84334 -2.08047  -8.20390  1.000 335.05000 ? 10  DC  C O2    1 
ATOM   628 N  N3    . DC  C 3 3  ? -17.68708 -3.29059  -6.48714  1.000 322.24000 ? 10  DC  C N3    1 
ATOM   629 C  C4    . DC  C 3 3  ? -18.29653 -3.29728  -5.30038  1.000 306.03000 ? 10  DC  C C4    1 
ATOM   630 N  N4    . DC  C 3 3  ? -18.54475 -4.48107  -4.73198  1.000 306.53000 ? 10  DC  C N4    1 
ATOM   631 C  C5    . DC  C 3 3  ? -18.67174 -2.09211  -4.64269  1.000 286.37000 ? 10  DC  C C5    1 
ATOM   632 C  C6    . DC  C 3 3  ? -18.39358 -0.93979  -5.25643  1.000 294.13000 ? 10  DC  C C6    1 
ATOM   633 P  P     . DT  C 3 4  ? -21.34172 1.82516   -9.79105  1.000 271.20000 ? 11  DT  C P     1 
ATOM   634 O  OP1   . DT  C 3 4  ? -21.16061 2.19213   -11.21280 1.000 281.68000 ? 11  DT  C OP1   1 
ATOM   635 O  OP2   . DT  C 3 4  ? -22.46238 2.41195   -9.02253  1.000 282.62000 ? 11  DT  C OP2   1 
ATOM   636 O  "O5'" . DT  C 3 4  ? -21.43284 0.23418   -9.67297  1.000 272.48000 ? 11  DT  C "O5'" 1 
ATOM   637 C  "C5'" . DT  C 3 4  ? -22.38109 -0.48012  -10.43937 1.000 304.58000 ? 11  DT  C "C5'" 1 
ATOM   638 C  "C4'" . DT  C 3 4  ? -21.69043 -1.37315  -11.45331 1.000 318.42000 ? 11  DT  C "C4'" 1 
ATOM   639 O  "O4'" . DT  C 3 4  ? -20.44984 -1.87981  -10.88827 1.000 282.55000 ? 11  DT  C "O4'" 1 
ATOM   640 C  "C3'" . DT  C 3 4  ? -22.48854 -2.60248  -11.85426 1.000 334.87000 ? 11  DT  C "C3'" 1 
ATOM   641 O  "O3'" . DT  C 3 4  ? -23.35365 -2.29173  -12.98090 1.000 353.56000 ? 11  DT  C "O3'" 1 
ATOM   642 C  "C2'" . DT  C 3 4  ? -21.39530 -3.62116  -12.17180 1.000 331.82000 ? 11  DT  C "C2'" 1 
ATOM   643 C  "C1'" . DT  C 3 4  ? -20.33624 -3.27207  -11.12814 1.000 311.45000 ? 11  DT  C "C1'" 1 
ATOM   644 N  N1    . DT  C 3 4  ? -20.50703 -3.98657  -9.82496  1.000 300.70000 ? 11  DT  C N1    1 
ATOM   645 C  C2    . DT  C 3 4  ? -20.07109 -5.28820  -9.69622  1.000 317.81000 ? 11  DT  C C2    1 
ATOM   646 O  O2    . DT  C 3 4  ? -19.55174 -5.91317  -10.60433 1.000 361.20000 ? 11  DT  C O2    1 
ATOM   647 N  N3    . DT  C 3 4  ? -20.27738 -5.83762  -8.45551  1.000 282.62000 ? 11  DT  C N3    1 
ATOM   648 C  C4    . DT  C 3 4  ? -20.85657 -5.21968  -7.35670  1.000 273.99000 ? 11  DT  C C4    1 
ATOM   649 O  O4    . DT  C 3 4  ? -21.00105 -5.78881  -6.28222  1.000 274.88000 ? 11  DT  C O4    1 
ATOM   650 C  C5    . DT  C 3 4  ? -21.28221 -3.85974  -7.56466  1.000 251.33000 ? 11  DT  C C5    1 
ATOM   651 C  C7    . DT  C 3 4  ? -21.92399 -3.08976  -6.44908  1.000 230.24000 ? 11  DT  C C7    1 
ATOM   652 C  C6    . DT  C 3 4  ? -21.08529 -3.31728  -8.76673  1.000 264.29000 ? 11  DT  C C6    1 
ATOM   653 P  P     . DG  C 3 5  ? -22.96214 -2.64346  -14.50347 1.000 317.86000 ? 12  DG  C P     1 
ATOM   654 O  OP1   . DG  C 3 5  ? -21.58334 -2.18556  -14.79340 1.000 342.04000 ? 12  DG  C OP1   1 
ATOM   655 O  OP2   . DG  C 3 5  ? -24.06542 -2.12789  -15.34410 1.000 332.04000 ? 12  DG  C OP2   1 
ATOM   656 O  "O5'" . DG  C 3 5  ? -23.06624 -4.23452  -14.57576 1.000 317.37000 ? 12  DG  C "O5'" 1 
ATOM   657 C  "C5'" . DG  C 3 5  ? -22.34178 -4.94603  -15.55724 1.000 336.33000 ? 12  DG  C "C5'" 1 
ATOM   658 C  "C4'" . DG  C 3 5  ? -22.36961 -6.42815  -15.25654 1.000 354.21000 ? 12  DG  C "C4'" 1 
ATOM   659 O  "O4'" . DG  C 3 5  ? -22.04997 -6.63536  -13.85385 1.000 318.54000 ? 12  DG  C "O4'" 1 
ATOM   660 C  "C3'" . DG  C 3 5  ? -23.72293 -7.10505  -15.49011 1.000 346.75000 ? 12  DG  C "C3'" 1 
ATOM   661 O  "O3'" . DG  C 3 5  ? -23.53030 -8.36895  -16.11241 1.000 384.89000 ? 12  DG  C "O3'" 1 
ATOM   662 C  "C2'" . DG  C 3 5  ? -24.28704 -7.25134  -14.08016 1.000 319.74000 ? 12  DG  C "C2'" 1 
ATOM   663 C  "C1'" . DG  C 3 5  ? -23.02081 -7.47069  -13.27244 1.000 304.88000 ? 12  DG  C "C1'" 1 
ATOM   664 N  N9    . DG  C 3 5  ? -23.16617 -7.12064  -11.86337 1.000 287.49000 ? 12  DG  C N9    1 
ATOM   665 C  C8    . DG  C 3 5  ? -23.68936 -5.95989  -11.34616 1.000 275.00000 ? 12  DG  C C8    1 
ATOM   666 N  N7    . DG  C 3 5  ? -23.70135 -5.93211  -10.04219 1.000 265.57000 ? 12  DG  C N7    1 
ATOM   667 C  C5    . DG  C 3 5  ? -23.15645 -7.15594  -9.67130  1.000 275.93000 ? 12  DG  C C5    1 
ATOM   668 C  C6    . DG  C 3 5  ? -22.91732 -7.69647  -8.38491  1.000 252.59000 ? 12  DG  C C6    1 
ATOM   669 O  O6    . DG  C 3 5  ? -23.15019 -7.18652  -7.28011  1.000 240.79000 ? 12  DG  C O6    1 
ATOM   670 N  N1    . DG  C 3 5  ? -22.35268 -8.96814  -8.45848  1.000 241.09000 ? 12  DG  C N1    1 
ATOM   671 C  C2    . DG  C 3 5  ? -22.05534 -9.62974  -9.62652  1.000 284.83000 ? 12  DG  C C2    1 
ATOM   672 N  N2    . DG  C 3 5  ? -21.51436 -10.84985 -9.49636  1.000 305.73000 ? 12  DG  C N2    1 
ATOM   673 N  N3    . DG  C 3 5  ? -22.27560 -9.13432  -10.83696 1.000 290.87000 ? 12  DG  C N3    1 
ATOM   674 C  C4    . DG  C 3 5  ? -22.82591 -7.89749  -10.78322 1.000 288.20000 ? 12  DG  C C4    1 
ATOM   675 P  P     . DC  C 3 6  ? -24.77243 -9.36280  -16.34542 1.000 353.27000 ? 13  DC  C P     1 
ATOM   676 O  OP1   . DC  C 3 6  ? -24.45271 -10.19333 -17.52698 1.000 394.29000 ? 13  DC  C OP1   1 
ATOM   677 O  OP2   . DC  C 3 6  ? -26.01629 -8.56075  -16.33927 1.000 325.04000 ? 13  DC  C OP2   1 
ATOM   678 O  "O5'" . DC  C 3 6  ? -24.76040 -10.30040 -15.04679 1.000 314.22000 ? 13  DC  C "O5'" 1 
ATOM   679 C  "C5'" . DC  C 3 6  ? -23.58220 -11.03090 -14.71216 1.000 319.83000 ? 13  DC  C "C5'" 1 
ATOM   680 C  "C4'" . DC  C 3 6  ? -23.81809 -11.93770 -13.51430 1.000 321.25000 ? 13  DC  C "C4'" 1 
ATOM   681 O  "O4'" . DC  C 3 6  ? -23.82260 -11.15633 -12.30271 1.000 311.27000 ? 13  DC  C "O4'" 1 
ATOM   682 C  "C3'" . DC  C 3 6  ? -25.14662 -12.70103 -13.52504 1.000 303.67000 ? 13  DC  C "C3'" 1 
ATOM   683 O  "O3'" . DC  C 3 6  ? -24.91468 -14.08627 -13.77585 1.000 329.30000 ? 13  DC  C "O3'" 1 
ATOM   684 C  "C2'" . DC  C 3 6  ? -25.74122 -12.47051 -12.12174 1.000 284.42000 ? 13  DC  C "C2'" 1 
ATOM   685 C  "C1'" . DC  C 3 6  ? -24.58860 -11.83870 -11.34748 1.000 285.66000 ? 13  DC  C "C1'" 1 
ATOM   686 N  N1    . DC  C 3 6  ? -25.03078 -10.86146 -10.29789 1.000 289.06000 ? 13  DC  C N1    1 
ATOM   687 C  C2    . DC  C 3 6  ? -24.80039 -11.14206 -8.94199  1.000 271.27000 ? 13  DC  C C2    1 
ATOM   688 O  O2    . DC  C 3 6  ? -24.22918 -12.19388 -8.63172  1.000 241.52000 ? 13  DC  C O2    1 
ATOM   689 N  N3    . DC  C 3 6  ? -25.20650 -10.24393 -8.00604  1.000 255.76000 ? 13  DC  C N3    1 
ATOM   690 C  C4    . DC  C 3 6  ? -25.82046 -9.11791  -8.38306  1.000 257.32000 ? 13  DC  C C4    1 
ATOM   691 N  N4    . DC  C 3 6  ? -26.20486 -8.25993  -7.42890  1.000 246.89000 ? 13  DC  C N4    1 
ATOM   692 C  C5    . DC  C 3 6  ? -26.06427 -8.81880  -9.75672  1.000 257.83000 ? 13  DC  C C5    1 
ATOM   693 C  C6    . DC  C 3 6  ? -25.65796 -9.70848  -10.66924 1.000 273.77000 ? 13  DC  C C6    1 
ATOM   694 P  P     . DT  C 3 7  ? -26.13120 -15.05245 -14.19004 1.000 383.99000 ? 14  DT  C P     1 
ATOM   695 O  OP1   . DT  C 3 7  ? -25.56407 -16.17250 -14.97233 1.000 404.42000 ? 14  DT  C OP1   1 
ATOM   696 O  OP2   . DT  C 3 7  ? -27.19971 -14.21584 -14.78163 1.000 377.36000 ? 14  DT  C OP2   1 
ATOM   697 O  "O5'" . DT  C 3 7  ? -26.66112 -15.62671 -12.79285 1.000 336.60000 ? 14  DT  C "O5'" 1 
ATOM   698 C  "C5'" . DT  C 3 7  ? -25.87018 -16.56036 -12.05849 1.000 324.55000 ? 14  DT  C "C5'" 1 
ATOM   699 C  "C4'" . DT  C 3 7  ? -26.62883 -17.07771 -10.84803 1.000 315.91000 ? 14  DT  C "C4'" 1 
ATOM   700 O  "O4'" . DT  C 3 7  ? -26.32871 -16.25287 -9.70125  1.000 305.50000 ? 14  DT  C "O4'" 1 
ATOM   701 C  "C3'" . DT  C 3 7  ? -28.14007 -17.03303 -10.97532 1.000 329.91000 ? 14  DT  C "C3'" 1 
ATOM   702 O  "O3'" . DT  C 3 7  ? -28.60900 -18.21139 -11.61776 1.000 351.10000 ? 14  DT  C "O3'" 1 
ATOM   703 C  "C2'" . DT  C 3 7  ? -28.59462 -16.96792 -9.51546  1.000 300.44000 ? 14  DT  C "C2'" 1 
ATOM   704 C  "C1'" . DT  C 3 7  ? -27.44669 -16.21340 -8.83013  1.000 280.28000 ? 14  DT  C "C1'" 1 
ATOM   705 N  N1    . DT  C 3 7  ? -27.75867 -14.77947 -8.51729  1.000 279.08000 ? 14  DT  C N1    1 
ATOM   706 C  C2    . DT  C 3 7  ? -27.64565 -14.33152 -7.21971  1.000 263.91000 ? 14  DT  C C2    1 
ATOM   707 O  O2    . DT  C 3 7  ? -27.30383 -15.04814 -6.29328  1.000 250.72000 ? 14  DT  C O2    1 
ATOM   708 N  N3    . DT  C 3 7  ? -27.94971 -13.00153 -7.04417  1.000 264.53000 ? 14  DT  C N3    1 
ATOM   709 C  C4    . DT  C 3 7  ? -28.34759 -12.09810 -8.02033  1.000 275.14000 ? 14  DT  C C4    1 
ATOM   710 O  O4    . DT  C 3 7  ? -28.59943 -10.91625 -7.77818  1.000 267.38000 ? 14  DT  C O4    1 
ATOM   711 C  C5    . DT  C 3 7  ? -28.44374 -12.63669 -9.35484  1.000 282.37000 ? 14  DT  C C5    1 
ATOM   712 C  C7    . DT  C 3 7  ? -28.86536 -11.75379 -10.49347 1.000 285.29000 ? 14  DT  C C7    1 
ATOM   713 C  C6    . DT  C 3 7  ? -28.14788 -13.93252 -9.53648  1.000 285.76000 ? 14  DT  C C6    1 
ATOM   714 O  OP3   . DC  D 4 1  ? 33.39197  -5.34949  3.46382   1.000 319.94000 ? 1   DC  D OP3   1 
ATOM   715 P  P     . DC  D 4 1  ? 34.21017  -4.41392  2.65992   1.000 329.15000 ? 1   DC  D P     1 
ATOM   716 O  OP1   . DC  D 4 1  ? 34.87865  -5.21038  1.61026   1.000 359.51000 ? 1   DC  D OP1   1 
ATOM   717 O  OP2   . DC  D 4 1  ? 33.33346  -3.29425  2.25709   1.000 274.65000 ? 1   DC  D OP2   1 
ATOM   718 O  "O5'" . DC  D 4 1  ? 35.34565  -3.80212  3.60509   1.000 295.77000 ? 1   DC  D "O5'" 1 
ATOM   719 C  "C5'" . DC  D 4 1  ? 35.57717  -4.35703  4.89521   1.000 306.51000 ? 1   DC  D "C5'" 1 
ATOM   720 C  "C4'" . DC  D 4 1  ? 34.98591  -3.47202  5.97815   1.000 308.82000 ? 1   DC  D "C4'" 1 
ATOM   721 O  "O4'" . DC  D 4 1  ? 35.27648  -2.07597  5.67377   1.000 297.12000 ? 1   DC  D "O4'" 1 
ATOM   722 C  "C3'" . DC  D 4 1  ? 33.45557  -3.56126  6.13396   1.000 272.51000 ? 1   DC  D "C3'" 1 
ATOM   723 O  "O3'" . DC  D 4 1  ? 33.09034  -3.67560  7.53308   1.000 279.43000 ? 1   DC  D "O3'" 1 
ATOM   724 C  "C2'" . DC  D 4 1  ? 32.97911  -2.24694  5.52223   1.000 273.42000 ? 1   DC  D "C2'" 1 
ATOM   725 C  "C1'" . DC  D 4 1  ? 34.11605  -1.33304  5.92801   1.000 295.94000 ? 1   DC  D "C1'" 1 
ATOM   726 N  N1    . DC  D 4 1  ? 34.14323  -0.04986  5.19399   1.000 272.43000 ? 1   DC  D N1    1 
ATOM   727 C  C2    . DC  D 4 1  ? 34.01450  1.14188   5.91118   1.000 259.28000 ? 1   DC  D C2    1 
ATOM   728 O  O2    . DC  D 4 1  ? 33.91026  1.09365   7.14357   1.000 255.79000 ? 1   DC  D O2    1 
ATOM   729 N  N3    . DC  D 4 1  ? 34.01937  2.31577   5.23878   1.000 241.36000 ? 1   DC  D N3    1 
ATOM   730 C  C4    . DC  D 4 1  ? 34.13491  2.32259   3.91075   1.000 236.81000 ? 1   DC  D C4    1 
ATOM   731 N  N4    . DC  D 4 1  ? 34.13262  3.50811   3.28988   1.000 246.12000 ? 1   DC  D N4    1 
ATOM   732 C  C5    . DC  D 4 1  ? 34.25478  1.11436   3.15903   1.000 243.38000 ? 1   DC  D C5    1 
ATOM   733 C  C6    . DC  D 4 1  ? 34.24816  -0.03899  3.83573   1.000 254.28000 ? 1   DC  D C6    1 
ATOM   734 P  P     . DT  D 4 2  ? 31.91268  -2.77142  8.15951   1.000 273.65000 ? 2   DT  D P     1 
ATOM   735 O  OP1   . DT  D 4 2  ? 30.68429  -2.91847  7.34575   1.000 276.44000 ? 2   DT  D OP1   1 
ATOM   736 O  OP2   . DT  D 4 2  ? 32.49966  -1.44426  8.44286   1.000 267.39000 ? 2   DT  D OP2   1 
ATOM   737 O  "O5'" . DT  D 4 2  ? 31.61551  -3.41327  9.59327   1.000 316.56000 ? 2   DT  D "O5'" 1 
ATOM   738 C  "C5'" . DT  D 4 2  ? 30.28747  -3.35792  10.13826  1.000 300.15000 ? 2   DT  D "C5'" 1 
ATOM   739 C  "C4'" . DT  D 4 2  ? 30.02782  -2.05041  10.88323  1.000 286.13000 ? 2   DT  D "C4'" 1 
ATOM   740 O  "O4'" . DT  D 4 2  ? 30.72023  -0.97171  10.23149  1.000 256.62000 ? 2   DT  D "O4'" 1 
ATOM   741 C  "C3'" . DT  D 4 2  ? 28.56512  -1.62724  10.92426  1.000 293.59000 ? 2   DT  D "C3'" 1 
ATOM   742 O  "O3'" . DT  D 4 2  ? 27.94083  -2.09204  12.13668  1.000 311.80000 ? 2   DT  D "O3'" 1 
ATOM   743 C  "C2'" . DT  D 4 2  ? 28.59841  -0.09639  10.84451  1.000 280.38000 ? 2   DT  D "C2'" 1 
ATOM   744 C  "C1'" . DT  D 4 2  ? 30.02252  0.23946   10.40949  1.000 271.00000 ? 2   DT  D "C1'" 1 
ATOM   745 N  N1    . DT  D 4 2  ? 30.07707  1.00532   9.13482   1.000 270.22000 ? 2   DT  D N1    1 
ATOM   746 C  C2    . DT  D 4 2  ? 30.08345  2.38037   9.17394   1.000 271.75000 ? 2   DT  D C2    1 
ATOM   747 O  O2    . DT  D 4 2  ? 30.05540  3.02151   10.21062  1.000 264.23000 ? 2   DT  D O2    1 
ATOM   748 N  N3    . DT  D 4 2  ? 30.13286  2.98661   7.94686   1.000 259.16000 ? 2   DT  D N3    1 
ATOM   749 C  C4    . DT  D 4 2  ? 30.17028  2.36546   6.70918   1.000 237.27000 ? 2   DT  D C4    1 
ATOM   750 O  O4    . DT  D 4 2  ? 30.21215  2.99664   5.65841   1.000 214.59000 ? 2   DT  D O4    1 
ATOM   751 C  C5    . DT  D 4 2  ? 30.15605  0.92370   6.74156   1.000 233.48000 ? 2   DT  D C5    1 
ATOM   752 C  C7    . DT  D 4 2  ? 30.19255  0.14155   5.46262   1.000 222.79000 ? 2   DT  D C7    1 
ATOM   753 C  C6    . DT  D 4 2  ? 30.10715  0.32121   7.93766   1.000 246.66000 ? 2   DT  D C6    1 
ATOM   754 P  P     . DG  D 4 3  ? 28.08769  -1.28917  13.52759  1.000 287.78000 ? 3   DG  D P     1 
ATOM   755 O  OP1   . DG  D 4 3  ? 29.47526  -0.79982  13.68911  1.000 292.63000 ? 3   DG  D OP1   1 
ATOM   756 O  OP2   . DG  D 4 3  ? 27.50756  -2.15389  14.57606  1.000 316.47000 ? 3   DG  D OP2   1 
ATOM   757 O  "O5'" . DG  D 4 3  ? 27.10139  -0.04195  13.38119  1.000 240.35000 ? 3   DG  D "O5'" 1 
ATOM   758 C  "C5'" . DG  D 4 3  ? 27.42754  1.18321   14.00948  1.000 268.60000 ? 3   DG  D "C5'" 1 
ATOM   759 C  "C4'" . DG  D 4 3  ? 26.59375  2.31397   13.44648  1.000 250.88000 ? 3   DG  D "C4'" 1 
ATOM   760 O  "O4'" . DG  D 4 3  ? 27.03492  2.63909   12.09904  1.000 238.46000 ? 3   DG  D "O4'" 1 
ATOM   761 C  "C3'" . DG  D 4 3  ? 25.09141  2.01748   13.32536  1.000 256.82000 ? 3   DG  D "C3'" 1 
ATOM   762 O  "O3'" . DG  D 4 3  ? 24.36100  3.16770   13.69879  1.000 245.66000 ? 3   DG  D "O3'" 1 
ATOM   763 C  "C2'" . DG  D 4 3  ? 24.93410  1.75609   11.83269  1.000 270.17000 ? 3   DG  D "C2'" 1 
ATOM   764 C  "C1'" . DG  D 4 3  ? 25.88220  2.81325   11.32173  1.000 230.62000 ? 3   DG  D "C1'" 1 
ATOM   765 N  N9    . DG  D 4 3  ? 26.20578  2.72740   9.90648   1.000 215.49000 ? 3   DG  D N9    1 
ATOM   766 C  C8    . DG  D 4 3  ? 26.37764  1.59851   9.14277   1.000 214.68000 ? 3   DG  D C8    1 
ATOM   767 N  N7    . DG  D 4 3  ? 26.65111  1.85605   7.89201   1.000 205.38000 ? 3   DG  D N7    1 
ATOM   768 C  C5    . DG  D 4 3  ? 26.65118  3.24495   7.82716   1.000 210.11000 ? 3   DG  D C5    1 
ATOM   769 C  C6    . DG  D 4 3  ? 26.88239  4.11138   6.73304   1.000 210.80000 ? 3   DG  D C6    1 
ATOM   770 O  O6    . DG  D 4 3  ? 27.14330  3.81816   5.55655   1.000 204.09000 ? 3   DG  D O6    1 
ATOM   771 N  N1    . DG  D 4 3  ? 26.78524  5.45136   7.11169   1.000 219.87000 ? 3   DG  D N1    1 
ATOM   772 C  C2    . DG  D 4 3  ? 26.49580  5.89361   8.38347   1.000 223.57000 ? 3   DG  D C2    1 
ATOM   773 N  N2    . DG  D 4 3  ? 26.44937  7.22254   8.56341   1.000 244.77000 ? 3   DG  D N2    1 
ATOM   774 N  N3    . DG  D 4 3  ? 26.28425  5.09124   9.41136   1.000 210.15000 ? 3   DG  D N3    1 
ATOM   775 C  C4    . DG  D 4 3  ? 26.37464  3.78775   9.06000   1.000 207.67000 ? 3   DG  D C4    1 
ATOM   776 P  P     . DA  D 4 4  ? 23.83386  3.35387   15.20259  1.000 269.63000 ? 4   DA  D P     1 
ATOM   777 O  OP1   . DA  D 4 4  ? 25.00468  3.30403   16.10615  1.000 268.46000 ? 4   DA  D OP1   1 
ATOM   778 O  OP2   . DA  D 4 4  ? 22.71534  2.40712   15.39992  1.000 271.62000 ? 4   DA  D OP2   1 
ATOM   779 O  "O5'" . DA  D 4 4  ? 23.24428  4.84157   15.20885  1.000 272.32000 ? 4   DA  D "O5'" 1 
ATOM   780 C  "C5'" . DA  D 4 4  ? 24.13314  5.95163   15.17396  1.000 258.71000 ? 4   DA  D "C5'" 1 
ATOM   781 C  "C4'" . DA  D 4 4  ? 23.67959  6.98898   14.15985  1.000 267.51000 ? 4   DA  D "C4'" 1 
ATOM   782 O  "O4'" . DA  D 4 4  ? 24.05245  6.56538   12.82040  1.000 251.90000 ? 4   DA  D "O4'" 1 
ATOM   783 C  "C3'" . DA  D 4 4  ? 22.17108  7.25662   14.12293  1.000 246.67000 ? 4   DA  D "C3'" 1 
ATOM   784 O  "O3'" . DA  D 4 4  ? 21.93135  8.66249   14.11141  1.000 251.43000 ? 4   DA  D "O3'" 1 
ATOM   785 C  "C2'" . DA  D 4 4  ? 21.73487  6.60323   12.81362  1.000 233.11000 ? 4   DA  D "C2'" 1 
ATOM   786 C  "C1'" . DA  D 4 4  ? 22.97003  6.78980   11.95338  1.000 226.29000 ? 4   DA  D "C1'" 1 
ATOM   787 N  N9    . DA  D 4 4  ? 23.05225  5.83950   10.84913  1.000 223.55000 ? 4   DA  D N9    1 
ATOM   788 C  C8    . DA  D 4 4  ? 22.99054  4.47934   10.93544  1.000 225.58000 ? 4   DA  D C8    1 
ATOM   789 N  N7    . DA  D 4 4  ? 23.08651  3.86849   9.77929   1.000 210.34000 ? 4   DA  D N7    1 
ATOM   790 C  C5    . DA  D 4 4  ? 23.21483  4.90051   8.86590   1.000 204.62000 ? 4   DA  D C5    1 
ATOM   791 C  C6    . DA  D 4 4  ? 23.35698  4.91308   7.46306   1.000 195.88000 ? 4   DA  D C6    1 
ATOM   792 N  N6    . DA  D 4 4  ? 23.39049  3.80216   6.71766   1.000 191.06000 ? 4   DA  D N6    1 
ATOM   793 N  N1    . DA  D 4 4  ? 23.46178  6.11521   6.85427   1.000 211.85000 ? 4   DA  D N1    1 
ATOM   794 C  C2    . DA  D 4 4  ? 23.42551  7.22483   7.60798   1.000 222.45000 ? 4   DA  D C2    1 
ATOM   795 N  N3    . DA  D 4 4  ? 23.29742  7.33652   8.93367   1.000 215.57000 ? 4   DA  D N3    1 
ATOM   796 C  C4    . DA  D 4 4  ? 23.19590  6.12571   9.50825   1.000 214.77000 ? 4   DA  D C4    1 
ATOM   797 P  P     . DT  D 4 5  ? 20.44217  9.25434   14.25552  1.000 252.40000 ? 5   DT  D P     1 
ATOM   798 O  OP1   . DT  D 4 5  ? 20.41625  10.11134  15.46223  1.000 259.69000 ? 5   DT  D OP1   1 
ATOM   799 O  OP2   . DT  D 4 5  ? 19.45707  8.15746   14.12439  1.000 265.29000 ? 5   DT  D OP2   1 
ATOM   800 O  "O5'" . DT  D 4 5  ? 20.29894  10.20327  12.98154  1.000 234.12000 ? 5   DT  D "O5'" 1 
ATOM   801 C  "C5'" . DT  D 4 5  ? 21.15109  10.01498  11.86405  1.000 222.93000 ? 5   DT  D "C5'" 1 
ATOM   802 C  "C4'" . DT  D 4 5  ? 20.85101  11.04393  10.80219  1.000 217.34000 ? 5   DT  D "C4'" 1 
ATOM   803 O  "O4'" . DT  D 4 5  ? 21.09953  10.46591  9.50035   1.000 207.69000 ? 5   DT  D "O4'" 1 
ATOM   804 C  "C3'" . DT  D 4 5  ? 19.40436  11.49344  10.76596  1.000 218.41000 ? 5   DT  D "C3'" 1 
ATOM   805 O  "O3'" . DT  D 4 5  ? 19.31114  12.77883  10.18460  1.000 217.95000 ? 5   DT  D "O3'" 1 
ATOM   806 C  "C2'" . DT  D 4 5  ? 18.76170  10.43049  9.88742   1.000 211.25000 ? 5   DT  D "C2'" 1 
ATOM   807 C  "C1'" . DT  D 4 5  ? 19.87157  10.11643  8.88662   1.000 203.59000 ? 5   DT  D "C1'" 1 
ATOM   808 N  N1    . DT  D 4 5  ? 19.92079  8.67669   8.51867   1.000 199.41000 ? 5   DT  D N1    1 
ATOM   809 C  C2    . DT  D 4 5  ? 20.12062  8.31677   7.20373   1.000 190.66000 ? 5   DT  D C2    1 
ATOM   810 O  O2    . DT  D 4 5  ? 20.27575  9.12407   6.30423   1.000 186.18000 ? 5   DT  D O2    1 
ATOM   811 N  N3    . DT  D 4 5  ? 20.13904  6.96295   6.98126   1.000 187.98000 ? 5   DT  D N3    1 
ATOM   812 C  C4    . DT  D 4 5  ? 19.97709  5.95974   7.91852   1.000 193.24000 ? 5   DT  D C4    1 
ATOM   813 O  O4    . DT  D 4 5  ? 20.00976  4.76977   7.62345   1.000 190.77000 ? 5   DT  D O4    1 
ATOM   814 C  C5    . DT  D 4 5  ? 19.76601  6.40826   9.27268   1.000 202.55000 ? 5   DT  D C5    1 
ATOM   815 C  C7    . DT  D 4 5  ? 19.57387  5.40921   10.37218  1.000 209.83000 ? 5   DT  D C7    1 
ATOM   816 C  C6    . DT  D 4 5  ? 19.74555  7.72809   9.50402   1.000 205.08000 ? 5   DT  D C6    1 
ATOM   817 P  P     . DG  D 4 6  ? 17.87666  13.43563  9.88012   1.000 216.51000 ? 6   DG  D P     1 
ATOM   818 O  OP1   . DG  D 4 6  ? 18.00393  14.88212  10.15781  1.000 221.05000 ? 6   DG  D OP1   1 
ATOM   819 O  OP2   . DG  D 4 6  ? 16.82630  12.65916  10.57760  1.000 220.85000 ? 6   DG  D OP2   1 
ATOM   820 O  "O5'" . DG  D 4 6  ? 17.70880  13.25150  8.30069   1.000 205.86000 ? 6   DG  D "O5'" 1 
ATOM   821 C  "C5'" . DG  D 4 6  ? 18.66374  13.84107  7.42463   1.000 200.83000 ? 6   DG  D "C5'" 1 
ATOM   822 C  "C4'" . DG  D 4 6  ? 18.43028  13.41709  5.98700   1.000 191.57000 ? 6   DG  D "C4'" 1 
ATOM   823 O  "O4'" . DG  D 4 6  ? 18.57179  11.97784  5.86932   1.000 187.75000 ? 6   DG  D "O4'" 1 
ATOM   824 C  "C3'" . DG  D 4 6  ? 17.05280  13.75483  5.43034   1.000 190.10000 ? 6   DG  D "C3'" 1 
ATOM   825 O  "O3'" . DG  D 4 6  ? 17.17486  14.17773  4.08891   1.000 183.38000 ? 6   DG  D "O3'" 1 
ATOM   826 C  "C2'" . DG  D 4 6  ? 16.30653  12.42955  5.53190   1.000 188.87000 ? 6   DG  D "C2'" 1 
ATOM   827 C  "C1'" . DG  D 4 6  ? 17.42168  11.43511  5.26228   1.000 184.39000 ? 6   DG  D "C1'" 1 
ATOM   828 N  N9    . DG  D 4 6  ? 17.17716  10.12007  5.84483   1.000 186.05000 ? 6   DG  D N9    1 
ATOM   829 C  C8    . DG  D 4 6  ? 16.86955  9.84318   7.15457   1.000 194.07000 ? 6   DG  D C8    1 
ATOM   830 N  N7    . DG  D 4 6  ? 16.70563  8.57153   7.39487   1.000 199.65000 ? 6   DG  D N7    1 
ATOM   831 C  C5    . DG  D 4 6  ? 16.91851  7.96273   6.16552   1.000 185.78000 ? 6   DG  D C5    1 
ATOM   832 C  C6    . DG  D 4 6  ? 16.87540  6.59244   5.80431   1.000 182.50000 ? 6   DG  D C6    1 
ATOM   833 O  O6    . DG  D 4 6  ? 16.63196  5.61139   6.52561   1.000 186.79000 ? 6   DG  D O6    1 
ATOM   834 N  N1    . DG  D 4 6  ? 17.15164  6.40914   4.45271   1.000 173.95000 ? 6   DG  D N1    1 
ATOM   835 C  C2    . DG  D 4 6  ? 17.43439  7.41933   3.55873   1.000 169.48000 ? 6   DG  D C2    1 
ATOM   836 N  N2    . DG  D 4 6  ? 17.67438  7.04620   2.29327   1.000 178.08000 ? 6   DG  D N2    1 
ATOM   837 N  N3    . DG  D 4 6  ? 17.47808  8.70799   3.88306   1.000 172.66000 ? 6   DG  D N3    1 
ATOM   838 C  C4    . DG  D 4 6  ? 17.21115  8.90460   5.19766   1.000 180.64000 ? 6   DG  D C4    1 
ATOM   839 P  P     . DT  D 4 7  ? 16.18391  15.29785  3.50735   1.000 201.29000 ? 7   DT  D P     1 
ATOM   840 O  OP1   . DT  D 4 7  ? 17.00170  16.38896  2.93523   1.000 206.00000 ? 7   DT  D OP1   1 
ATOM   841 O  OP2   . DT  D 4 7  ? 15.19399  15.60521  4.56040   1.000 241.05000 ? 7   DT  D OP2   1 
ATOM   842 O  "O5'" . DT  D 4 7  ? 15.42191  14.54712  2.32289   1.000 183.34000 ? 7   DT  D "O5'" 1 
ATOM   843 C  "C5'" . DT  D 4 7  ? 14.65077  13.39067  2.60100   1.000 182.78000 ? 7   DT  D "C5'" 1 
ATOM   844 C  "C4'" . DT  D 4 7  ? 14.79690  12.37481  1.49108   1.000 174.91000 ? 7   DT  D "C4'" 1 
ATOM   845 O  "O4'" . DT  D 4 7  ? 15.59431  11.25557  1.95548   1.000 174.70000 ? 7   DT  D "O4'" 1 
ATOM   846 C  "C3'" . DT  D 4 7  ? 13.50343  11.73581  1.03598   1.000 172.38000 ? 7   DT  D "C3'" 1 
ATOM   847 O  "O3'" . DT  D 4 7  ? 12.82517  12.58040  0.12991   1.000 169.84000 ? 7   DT  D "O3'" 1 
ATOM   848 C  "C2'" . DT  D 4 7  ? 14.03803  10.48635  0.35904   1.000 166.65000 ? 7   DT  D "C2'" 1 
ATOM   849 C  "C1'" . DT  D 4 7  ? 15.10837  10.06069  1.35998   1.000 170.07000 ? 7   DT  D "C1'" 1 
ATOM   850 N  N1    . DT  D 4 7  ? 14.57139  9.16720   2.42772   1.000 174.89000 ? 7   DT  D N1    1 
ATOM   851 C  C2    . DT  D 4 7  ? 14.40223  7.82968   2.15250   1.000 174.49000 ? 7   DT  D C2    1 
ATOM   852 O  O2    . DT  D 4 7  ? 14.68590  7.32679   1.07955   1.000 237.78000 ? 7   DT  D O2    1 
ATOM   853 N  N3    . DT  D 4 7  ? 13.89346  7.09437   3.18770   1.000 177.69000 ? 7   DT  D N3    1 
ATOM   854 C  C4    . DT  D 4 7  ? 13.53299  7.55146   4.44078   1.000 186.03000 ? 7   DT  D C4    1 
ATOM   855 O  O4    . DT  D 4 7  ? 13.08681  6.80601   5.30266   1.000 227.63000 ? 7   DT  D O4    1 
ATOM   856 C  C5    . DT  D 4 7  ? 13.73099  8.96469   4.66597   1.000 188.51000 ? 7   DT  D C5    1 
ATOM   857 C  C7    . DT  D 4 7  ? 13.38066  9.57710   5.99139   1.000 197.93000 ? 7   DT  D C7    1 
ATOM   858 C  C6    . DT  D 4 7  ? 14.23206  9.69619   3.65855   1.000 182.84000 ? 7   DT  D C6    1 
HETATM 859 AG AG    . AG  E 5 .  ? 0.36783   3.54599   -0.97280  0.705 20.32000  ? 101 AG  B AG    1 
# 
